data_1ZZI
# 
_entry.id   1ZZI 
# 
_audit_conform.dict_name       mmcif_pdbx.dic 
_audit_conform.dict_version    5.388 
_audit_conform.dict_location   http://mmcif.pdb.org/dictionaries/ascii/mmcif_pdbx.dic 
# 
loop_
_database_2.database_id 
_database_2.database_code 
_database_2.pdbx_database_accession 
_database_2.pdbx_DOI 
PDB   1ZZI         pdb_00001zzi 10.2210/pdb1zzi/pdb 
NDB   PD0680       ?            ?                   
RCSB  RCSB033304   ?            ?                   
WWPDB D_1000033304 ?            ?                   
# 
loop_
_pdbx_audit_revision_history.ordinal 
_pdbx_audit_revision_history.data_content_type 
_pdbx_audit_revision_history.major_revision 
_pdbx_audit_revision_history.minor_revision 
_pdbx_audit_revision_history.revision_date 
1 'Structure model' 1 0 2005-08-09 
2 'Structure model' 1 1 2008-04-30 
3 'Structure model' 1 2 2011-07-13 
4 'Structure model' 1 3 2024-03-13 
# 
_pdbx_audit_revision_details.ordinal             1 
_pdbx_audit_revision_details.revision_ordinal    1 
_pdbx_audit_revision_details.data_content_type   'Structure model' 
_pdbx_audit_revision_details.provider            repository 
_pdbx_audit_revision_details.type                'Initial release' 
_pdbx_audit_revision_details.description         ? 
_pdbx_audit_revision_details.details             ? 
# 
loop_
_pdbx_audit_revision_group.ordinal 
_pdbx_audit_revision_group.revision_ordinal 
_pdbx_audit_revision_group.data_content_type 
_pdbx_audit_revision_group.group 
1 2 'Structure model' 'Version format compliance' 
2 3 'Structure model' Advisory                    
3 3 'Structure model' 'Version format compliance' 
4 4 'Structure model' 'Data collection'           
5 4 'Structure model' 'Database references'       
# 
loop_
_pdbx_audit_revision_category.ordinal 
_pdbx_audit_revision_category.revision_ordinal 
_pdbx_audit_revision_category.data_content_type 
_pdbx_audit_revision_category.category 
1 4 'Structure model' chem_comp_atom     
2 4 'Structure model' chem_comp_bond     
3 4 'Structure model' database_2         
4 4 'Structure model' struct_ref_seq_dif 
# 
loop_
_pdbx_audit_revision_item.ordinal 
_pdbx_audit_revision_item.revision_ordinal 
_pdbx_audit_revision_item.data_content_type 
_pdbx_audit_revision_item.item 
1 4 'Structure model' '_database_2.pdbx_DOI'                
2 4 'Structure model' '_database_2.pdbx_database_accession' 
3 4 'Structure model' '_struct_ref_seq_dif.details'         
# 
_pdbx_database_status.status_code                     REL 
_pdbx_database_status.entry_id                        1ZZI 
_pdbx_database_status.recvd_initial_deposition_date   2005-06-14 
_pdbx_database_status.deposit_site                    RCSB 
_pdbx_database_status.process_site                    PDBJ 
_pdbx_database_status.status_code_sf                  REL 
_pdbx_database_status.status_code_mr                  ? 
_pdbx_database_status.SG_entry                        ? 
_pdbx_database_status.pdb_format_compatible           Y 
_pdbx_database_status.status_code_cs                  ? 
_pdbx_database_status.status_code_nmr_data            ? 
_pdbx_database_status.methods_development_category    ? 
# 
loop_
_pdbx_database_related.db_name 
_pdbx_database_related.db_id 
_pdbx_database_related.details 
_pdbx_database_related.content_type 
PDB 1ZZJ . unspecified 
PDB 1ZZK . unspecified 
# 
loop_
_audit_author.name 
_audit_author.pdbx_ordinal 
'Backe, P.H.'   1 
'Messias, A.C.' 2 
'Ravelli, R.B.' 3 
'Sattler, M.'   4 
'Cusack, S.'    5 
# 
_citation.id                        primary 
_citation.title                     
'X-Ray Crystallographic and NMR Studies of the Third KH Domain of hnRNP K in Complex with Single-Stranded Nucleic Acids' 
_citation.journal_abbrev            STRUCTURE 
_citation.journal_volume            13 
_citation.page_first                1055 
_citation.page_last                 1067 
_citation.year                      2005 
_citation.journal_id_ASTM           STRUE6 
_citation.country                   UK 
_citation.journal_id_ISSN           0969-2126 
_citation.journal_id_CSD            2005 
_citation.book_publisher            ? 
_citation.pdbx_database_id_PubMed   16004877 
_citation.pdbx_database_id_DOI      10.1016/j.str.2005.04.008 
# 
loop_
_citation_author.citation_id 
_citation_author.name 
_citation_author.ordinal 
_citation_author.identifier_ORCID 
primary 'Backe, P.H.'   1 ? 
primary 'Messias, A.C.' 2 ? 
primary 'Ravelli, R.B.' 3 ? 
primary 'Sattler, M.'   4 ? 
primary 'Cusack, S.'    5 ? 
# 
loop_
_entity.id 
_entity.type 
_entity.src_method 
_entity.pdbx_description 
_entity.formula_weight 
_entity.pdbx_number_of_molecules 
_entity.pdbx_ec 
_entity.pdbx_mutation 
_entity.pdbx_fragment 
_entity.details 
1 polymer syn "5'-D(*CP*TP*CP*CP*CP*C)-3'"                1705.144 2   ? ? ?            ? 
2 polymer man 'Heterogeneous nuclear ribonucleoprotein K' 8910.091 2   ? ? 'KH3 domain' ? 
3 water   nat water                                       18.015   136 ? ? ?            ? 
# 
_entity_name_com.entity_id   2 
_entity_name_com.name        'hnRNP K, Transformation up-regulated nuclear protein, TUNP' 
# 
loop_
_entity_poly.entity_id 
_entity_poly.type 
_entity_poly.nstd_linkage 
_entity_poly.nstd_monomer 
_entity_poly.pdbx_seq_one_letter_code 
_entity_poly.pdbx_seq_one_letter_code_can 
_entity_poly.pdbx_strand_id 
_entity_poly.pdbx_target_identifier 
1 polydeoxyribonucleotide no no '(DC)(DT)(DC)(DC)(DC)(DC)'                                                            CTCCCC C,D ? 
2 'polypeptide(L)'        no no 
;GAMGPIITTQVTIPKDLAGSIIGKGGQRIKQIRHESGASIKIDEPLEGSEDRIITITGTQDQIQNAQYLLQNSVKQYSGK
FF
;
;GAMGPIITTQVTIPKDLAGSIIGKGGQRIKQIRHESGASIKIDEPLEGSEDRIITITGTQDQIQNAQYLLQNSVKQYSGK
FF
;
A,B ? 
# 
_pdbx_entity_nonpoly.entity_id   3 
_pdbx_entity_nonpoly.name        water 
_pdbx_entity_nonpoly.comp_id     HOH 
# 
loop_
_entity_poly_seq.entity_id 
_entity_poly_seq.num 
_entity_poly_seq.mon_id 
_entity_poly_seq.hetero 
1 1  DC  n 
1 2  DT  n 
1 3  DC  n 
1 4  DC  n 
1 5  DC  n 
1 6  DC  n 
2 1  GLY n 
2 2  ALA n 
2 3  MET n 
2 4  GLY n 
2 5  PRO n 
2 6  ILE n 
2 7  ILE n 
2 8  THR n 
2 9  THR n 
2 10 GLN n 
2 11 VAL n 
2 12 THR n 
2 13 ILE n 
2 14 PRO n 
2 15 LYS n 
2 16 ASP n 
2 17 LEU n 
2 18 ALA n 
2 19 GLY n 
2 20 SER n 
2 21 ILE n 
2 22 ILE n 
2 23 GLY n 
2 24 LYS n 
2 25 GLY n 
2 26 GLY n 
2 27 GLN n 
2 28 ARG n 
2 29 ILE n 
2 30 LYS n 
2 31 GLN n 
2 32 ILE n 
2 33 ARG n 
2 34 HIS n 
2 35 GLU n 
2 36 SER n 
2 37 GLY n 
2 38 ALA n 
2 39 SER n 
2 40 ILE n 
2 41 LYS n 
2 42 ILE n 
2 43 ASP n 
2 44 GLU n 
2 45 PRO n 
2 46 LEU n 
2 47 GLU n 
2 48 GLY n 
2 49 SER n 
2 50 GLU n 
2 51 ASP n 
2 52 ARG n 
2 53 ILE n 
2 54 ILE n 
2 55 THR n 
2 56 ILE n 
2 57 THR n 
2 58 GLY n 
2 59 THR n 
2 60 GLN n 
2 61 ASP n 
2 62 GLN n 
2 63 ILE n 
2 64 GLN n 
2 65 ASN n 
2 66 ALA n 
2 67 GLN n 
2 68 TYR n 
2 69 LEU n 
2 70 LEU n 
2 71 GLN n 
2 72 ASN n 
2 73 SER n 
2 74 VAL n 
2 75 LYS n 
2 76 GLN n 
2 77 TYR n 
2 78 SER n 
2 79 GLY n 
2 80 LYS n 
2 81 PHE n 
2 82 PHE n 
# 
_entity_src_gen.entity_id                          2 
_entity_src_gen.pdbx_src_id                        1 
_entity_src_gen.pdbx_alt_source_flag               sample 
_entity_src_gen.pdbx_seq_type                      ? 
_entity_src_gen.pdbx_beg_seq_num                   ? 
_entity_src_gen.pdbx_end_seq_num                   ? 
_entity_src_gen.gene_src_common_name               human 
_entity_src_gen.gene_src_genus                     Homo 
_entity_src_gen.pdbx_gene_src_gene                 ? 
_entity_src_gen.gene_src_species                   ? 
_entity_src_gen.gene_src_strain                    ? 
_entity_src_gen.gene_src_tissue                    ? 
_entity_src_gen.gene_src_tissue_fraction           ? 
_entity_src_gen.gene_src_details                   ? 
_entity_src_gen.pdbx_gene_src_fragment             ? 
_entity_src_gen.pdbx_gene_src_scientific_name      'Homo sapiens' 
_entity_src_gen.pdbx_gene_src_ncbi_taxonomy_id     9606 
_entity_src_gen.pdbx_gene_src_variant              ? 
_entity_src_gen.pdbx_gene_src_cell_line            ? 
_entity_src_gen.pdbx_gene_src_atcc                 ? 
_entity_src_gen.pdbx_gene_src_organ                ? 
_entity_src_gen.pdbx_gene_src_organelle            ? 
_entity_src_gen.pdbx_gene_src_cell                 ? 
_entity_src_gen.pdbx_gene_src_cellular_location    ? 
_entity_src_gen.host_org_common_name               ? 
_entity_src_gen.pdbx_host_org_scientific_name      'Escherichia coli' 
_entity_src_gen.pdbx_host_org_ncbi_taxonomy_id     562 
_entity_src_gen.host_org_genus                     Escherichia 
_entity_src_gen.pdbx_host_org_gene                 ? 
_entity_src_gen.pdbx_host_org_organ                ? 
_entity_src_gen.host_org_species                   ? 
_entity_src_gen.pdbx_host_org_tissue               ? 
_entity_src_gen.pdbx_host_org_tissue_fraction      ? 
_entity_src_gen.pdbx_host_org_strain               'BL21(DE3)pLysS' 
_entity_src_gen.pdbx_host_org_variant              ? 
_entity_src_gen.pdbx_host_org_cell_line            ? 
_entity_src_gen.pdbx_host_org_atcc                 ? 
_entity_src_gen.pdbx_host_org_culture_collection   ? 
_entity_src_gen.pdbx_host_org_cell                 ? 
_entity_src_gen.pdbx_host_org_organelle            ? 
_entity_src_gen.pdbx_host_org_cellular_location    ? 
_entity_src_gen.pdbx_host_org_vector_type          Plasmid 
_entity_src_gen.pdbx_host_org_vector               ? 
_entity_src_gen.host_org_details                   ? 
_entity_src_gen.expression_system_id               ? 
_entity_src_gen.plasmid_name                       pETM11 
_entity_src_gen.plasmid_details                    ? 
_entity_src_gen.pdbx_description                   ? 
# 
loop_
_chem_comp.id 
_chem_comp.type 
_chem_comp.mon_nstd_flag 
_chem_comp.name 
_chem_comp.pdbx_synonyms 
_chem_comp.formula 
_chem_comp.formula_weight 
ALA 'L-peptide linking' y ALANINE                             ? 'C3 H7 N O2'      89.093  
ARG 'L-peptide linking' y ARGININE                            ? 'C6 H15 N4 O2 1'  175.209 
ASN 'L-peptide linking' y ASPARAGINE                          ? 'C4 H8 N2 O3'     132.118 
ASP 'L-peptide linking' y 'ASPARTIC ACID'                     ? 'C4 H7 N O4'      133.103 
DC  'DNA linking'       y "2'-DEOXYCYTIDINE-5'-MONOPHOSPHATE" ? 'C9 H14 N3 O7 P'  307.197 
DT  'DNA linking'       y "THYMIDINE-5'-MONOPHOSPHATE"        ? 'C10 H15 N2 O8 P' 322.208 
GLN 'L-peptide linking' y GLUTAMINE                           ? 'C5 H10 N2 O3'    146.144 
GLU 'L-peptide linking' y 'GLUTAMIC ACID'                     ? 'C5 H9 N O4'      147.129 
GLY 'peptide linking'   y GLYCINE                             ? 'C2 H5 N O2'      75.067  
HIS 'L-peptide linking' y HISTIDINE                           ? 'C6 H10 N3 O2 1'  156.162 
HOH non-polymer         . WATER                               ? 'H2 O'            18.015  
ILE 'L-peptide linking' y ISOLEUCINE                          ? 'C6 H13 N O2'     131.173 
LEU 'L-peptide linking' y LEUCINE                             ? 'C6 H13 N O2'     131.173 
LYS 'L-peptide linking' y LYSINE                              ? 'C6 H15 N2 O2 1'  147.195 
MET 'L-peptide linking' y METHIONINE                          ? 'C5 H11 N O2 S'   149.211 
PHE 'L-peptide linking' y PHENYLALANINE                       ? 'C9 H11 N O2'     165.189 
PRO 'L-peptide linking' y PROLINE                             ? 'C5 H9 N O2'      115.130 
SER 'L-peptide linking' y SERINE                              ? 'C3 H7 N O3'      105.093 
THR 'L-peptide linking' y THREONINE                           ? 'C4 H9 N O3'      119.119 
TYR 'L-peptide linking' y TYROSINE                            ? 'C9 H11 N O3'     181.189 
VAL 'L-peptide linking' y VALINE                              ? 'C5 H11 N O2'     117.146 
# 
loop_
_pdbx_poly_seq_scheme.asym_id 
_pdbx_poly_seq_scheme.entity_id 
_pdbx_poly_seq_scheme.seq_id 
_pdbx_poly_seq_scheme.mon_id 
_pdbx_poly_seq_scheme.ndb_seq_num 
_pdbx_poly_seq_scheme.pdb_seq_num 
_pdbx_poly_seq_scheme.auth_seq_num 
_pdbx_poly_seq_scheme.pdb_mon_id 
_pdbx_poly_seq_scheme.auth_mon_id 
_pdbx_poly_seq_scheme.pdb_strand_id 
_pdbx_poly_seq_scheme.pdb_ins_code 
_pdbx_poly_seq_scheme.hetero 
A 1 1  DC  1  1  1  DC  C   C . n 
A 1 2  DT  2  2  2  DT  T   C . n 
A 1 3  DC  3  3  3  DC  C   C . n 
A 1 4  DC  4  4  4  DC  C   C . n 
A 1 5  DC  5  5  5  DC  C   C . n 
A 1 6  DC  6  6  6  DC  C   C . n 
B 1 1  DC  1  1  1  DC  C   D . n 
B 1 2  DT  2  2  2  DT  T   D . n 
B 1 3  DC  3  3  3  DC  C   D . n 
B 1 4  DC  4  4  4  DC  C   D . n 
B 1 5  DC  5  5  5  DC  C   D . n 
B 1 6  DC  6  6  6  DC  C   D . n 
C 2 1  GLY 1  8  8  GLY GLY A . n 
C 2 2  ALA 2  9  9  ALA ALA A . n 
C 2 3  MET 3  10 10 MET MET A . n 
C 2 4  GLY 4  11 11 GLY GLY A . n 
C 2 5  PRO 5  12 12 PRO PRO A . n 
C 2 6  ILE 6  13 13 ILE ILE A . n 
C 2 7  ILE 7  14 14 ILE ILE A . n 
C 2 8  THR 8  15 15 THR THR A . n 
C 2 9  THR 9  16 16 THR THR A . n 
C 2 10 GLN 10 17 17 GLN GLN A . n 
C 2 11 VAL 11 18 18 VAL VAL A . n 
C 2 12 THR 12 19 19 THR THR A . n 
C 2 13 ILE 13 20 20 ILE ILE A . n 
C 2 14 PRO 14 21 21 PRO PRO A . n 
C 2 15 LYS 15 22 22 LYS LYS A . n 
C 2 16 ASP 16 23 23 ASP ASP A . n 
C 2 17 LEU 17 24 24 LEU LEU A . n 
C 2 18 ALA 18 25 25 ALA ALA A . n 
C 2 19 GLY 19 26 26 GLY GLY A . n 
C 2 20 SER 20 27 27 SER SER A . n 
C 2 21 ILE 21 28 28 ILE ILE A . n 
C 2 22 ILE 22 29 29 ILE ILE A . n 
C 2 23 GLY 23 30 30 GLY GLY A . n 
C 2 24 LYS 24 31 31 LYS LYS A . n 
C 2 25 GLY 25 32 32 GLY GLY A . n 
C 2 26 GLY 26 33 33 GLY GLY A . n 
C 2 27 GLN 27 34 34 GLN GLN A . n 
C 2 28 ARG 28 35 35 ARG ARG A . n 
C 2 29 ILE 29 36 36 ILE ILE A . n 
C 2 30 LYS 30 37 37 LYS LYS A . n 
C 2 31 GLN 31 38 38 GLN GLN A . n 
C 2 32 ILE 32 39 39 ILE ILE A . n 
C 2 33 ARG 33 40 40 ARG ARG A . n 
C 2 34 HIS 34 41 41 HIS HIS A . n 
C 2 35 GLU 35 42 42 GLU GLU A . n 
C 2 36 SER 36 43 43 SER SER A . n 
C 2 37 GLY 37 44 44 GLY GLY A . n 
C 2 38 ALA 38 45 45 ALA ALA A . n 
C 2 39 SER 39 46 46 SER SER A . n 
C 2 40 ILE 40 47 47 ILE ILE A . n 
C 2 41 LYS 41 48 48 LYS LYS A . n 
C 2 42 ILE 42 49 49 ILE ILE A . n 
C 2 43 ASP 43 50 50 ASP ASP A . n 
C 2 44 GLU 44 51 51 GLU GLU A . n 
C 2 45 PRO 45 52 52 PRO PRO A . n 
C 2 46 LEU 46 53 53 LEU LEU A . n 
C 2 47 GLU 47 54 54 GLU GLU A . n 
C 2 48 GLY 48 55 55 GLY GLY A . n 
C 2 49 SER 49 56 56 SER SER A . n 
C 2 50 GLU 50 57 57 GLU GLU A . n 
C 2 51 ASP 51 58 58 ASP ASP A . n 
C 2 52 ARG 52 59 59 ARG ARG A . n 
C 2 53 ILE 53 60 60 ILE ILE A . n 
C 2 54 ILE 54 61 61 ILE ILE A . n 
C 2 55 THR 55 62 62 THR THR A . n 
C 2 56 ILE 56 63 63 ILE ILE A . n 
C 2 57 THR 57 64 64 THR THR A . n 
C 2 58 GLY 58 65 65 GLY GLY A . n 
C 2 59 THR 59 66 66 THR THR A . n 
C 2 60 GLN 60 67 67 GLN GLN A . n 
C 2 61 ASP 61 68 68 ASP ASP A . n 
C 2 62 GLN 62 69 69 GLN GLN A . n 
C 2 63 ILE 63 70 70 ILE ILE A . n 
C 2 64 GLN 64 71 71 GLN GLN A . n 
C 2 65 ASN 65 72 72 ASN ASN A . n 
C 2 66 ALA 66 73 73 ALA ALA A . n 
C 2 67 GLN 67 74 74 GLN GLN A . n 
C 2 68 TYR 68 75 75 TYR TYR A . n 
C 2 69 LEU 69 76 76 LEU LEU A . n 
C 2 70 LEU 70 77 77 LEU LEU A . n 
C 2 71 GLN 71 78 78 GLN GLN A . n 
C 2 72 ASN 72 79 79 ASN ASN A . n 
C 2 73 SER 73 80 80 SER SER A . n 
C 2 74 VAL 74 81 81 VAL VAL A . n 
C 2 75 LYS 75 82 82 LYS LYS A . n 
C 2 76 GLN 76 83 83 GLN GLN A . n 
C 2 77 TYR 77 84 84 TYR TYR A . n 
C 2 78 SER 78 85 85 SER SER A . n 
C 2 79 GLY 79 86 86 GLY GLY A . n 
C 2 80 LYS 80 87 87 LYS LYS A . n 
C 2 81 PHE 81 88 88 PHE PHE A . n 
C 2 82 PHE 82 89 89 PHE PHE A . n 
D 2 1  GLY 1  8  ?  ?   ?   B . n 
D 2 2  ALA 2  9  ?  ?   ?   B . n 
D 2 3  MET 3  10 ?  ?   ?   B . n 
D 2 4  GLY 4  11 11 GLY GLY B . n 
D 2 5  PRO 5  12 12 PRO PRO B . n 
D 2 6  ILE 6  13 13 ILE ILE B . n 
D 2 7  ILE 7  14 14 ILE ILE B . n 
D 2 8  THR 8  15 15 THR THR B . n 
D 2 9  THR 9  16 16 THR THR B . n 
D 2 10 GLN 10 17 17 GLN GLN B . n 
D 2 11 VAL 11 18 18 VAL VAL B . n 
D 2 12 THR 12 19 19 THR THR B . n 
D 2 13 ILE 13 20 20 ILE ILE B . n 
D 2 14 PRO 14 21 21 PRO PRO B . n 
D 2 15 LYS 15 22 22 LYS LYS B . n 
D 2 16 ASP 16 23 23 ASP ASP B . n 
D 2 17 LEU 17 24 24 LEU LEU B . n 
D 2 18 ALA 18 25 25 ALA ALA B . n 
D 2 19 GLY 19 26 26 GLY GLY B . n 
D 2 20 SER 20 27 27 SER SER B . n 
D 2 21 ILE 21 28 28 ILE ILE B . n 
D 2 22 ILE 22 29 29 ILE ILE B . n 
D 2 23 GLY 23 30 30 GLY GLY B . n 
D 2 24 LYS 24 31 31 LYS LYS B . n 
D 2 25 GLY 25 32 32 GLY GLY B . n 
D 2 26 GLY 26 33 33 GLY GLY B . n 
D 2 27 GLN 27 34 34 GLN GLN B . n 
D 2 28 ARG 28 35 35 ARG ARG B . n 
D 2 29 ILE 29 36 36 ILE ILE B . n 
D 2 30 LYS 30 37 37 LYS LYS B . n 
D 2 31 GLN 31 38 38 GLN GLN B . n 
D 2 32 ILE 32 39 39 ILE ILE B . n 
D 2 33 ARG 33 40 40 ARG ARG B . n 
D 2 34 HIS 34 41 41 HIS HIS B . n 
D 2 35 GLU 35 42 42 GLU GLU B . n 
D 2 36 SER 36 43 43 SER SER B . n 
D 2 37 GLY 37 44 44 GLY GLY B . n 
D 2 38 ALA 38 45 45 ALA ALA B . n 
D 2 39 SER 39 46 46 SER SER B . n 
D 2 40 ILE 40 47 47 ILE ILE B . n 
D 2 41 LYS 41 48 48 LYS LYS B . n 
D 2 42 ILE 42 49 49 ILE ILE B . n 
D 2 43 ASP 43 50 50 ASP ASP B . n 
D 2 44 GLU 44 51 51 GLU GLU B . n 
D 2 45 PRO 45 52 52 PRO PRO B . n 
D 2 46 LEU 46 53 53 LEU LEU B . n 
D 2 47 GLU 47 54 54 GLU GLU B . n 
D 2 48 GLY 48 55 55 GLY GLY B . n 
D 2 49 SER 49 56 56 SER SER B . n 
D 2 50 GLU 50 57 57 GLU GLU B . n 
D 2 51 ASP 51 58 58 ASP ASP B . n 
D 2 52 ARG 52 59 59 ARG ARG B . n 
D 2 53 ILE 53 60 60 ILE ILE B . n 
D 2 54 ILE 54 61 61 ILE ILE B . n 
D 2 55 THR 55 62 62 THR THR B . n 
D 2 56 ILE 56 63 63 ILE ILE B . n 
D 2 57 THR 57 64 64 THR THR B . n 
D 2 58 GLY 58 65 65 GLY GLY B . n 
D 2 59 THR 59 66 66 THR THR B . n 
D 2 60 GLN 60 67 67 GLN GLN B . n 
D 2 61 ASP 61 68 68 ASP ASP B . n 
D 2 62 GLN 62 69 69 GLN GLN B . n 
D 2 63 ILE 63 70 70 ILE ILE B . n 
D 2 64 GLN 64 71 71 GLN GLN B . n 
D 2 65 ASN 65 72 72 ASN ASN B . n 
D 2 66 ALA 66 73 73 ALA ALA B . n 
D 2 67 GLN 67 74 74 GLN GLN B . n 
D 2 68 TYR 68 75 75 TYR TYR B . n 
D 2 69 LEU 69 76 76 LEU LEU B . n 
D 2 70 LEU 70 77 77 LEU LEU B . n 
D 2 71 GLN 71 78 78 GLN GLN B . n 
D 2 72 ASN 72 79 79 ASN ASN B . n 
D 2 73 SER 73 80 80 SER SER B . n 
D 2 74 VAL 74 81 81 VAL VAL B . n 
D 2 75 LYS 75 82 82 LYS LYS B . n 
D 2 76 GLN 76 83 83 GLN GLN B . n 
D 2 77 TYR 77 84 84 TYR TYR B . n 
D 2 78 SER 78 85 85 SER SER B . n 
D 2 79 GLY 79 86 86 GLY GLY B . n 
D 2 80 LYS 80 87 87 LYS LYS B . n 
D 2 81 PHE 81 88 88 PHE PHE B . n 
D 2 82 PHE 82 89 89 PHE PHE B . n 
# 
loop_
_pdbx_nonpoly_scheme.asym_id 
_pdbx_nonpoly_scheme.entity_id 
_pdbx_nonpoly_scheme.mon_id 
_pdbx_nonpoly_scheme.ndb_seq_num 
_pdbx_nonpoly_scheme.pdb_seq_num 
_pdbx_nonpoly_scheme.auth_seq_num 
_pdbx_nonpoly_scheme.pdb_mon_id 
_pdbx_nonpoly_scheme.auth_mon_id 
_pdbx_nonpoly_scheme.pdb_strand_id 
_pdbx_nonpoly_scheme.pdb_ins_code 
E 3 HOH 1  7   2   HOH HOH C . 
E 3 HOH 2  8   10  HOH HOH C . 
E 3 HOH 3  9   12  HOH HOH C . 
E 3 HOH 4  10  14  HOH HOH C . 
E 3 HOH 5  11  19  HOH HOH C . 
E 3 HOH 6  12  27  HOH HOH C . 
E 3 HOH 7  13  43  HOH HOH C . 
E 3 HOH 8  14  45  HOH HOH C . 
E 3 HOH 9  15  49  HOH HOH C . 
E 3 HOH 10 16  54  HOH HOH C . 
E 3 HOH 11 17  57  HOH HOH C . 
E 3 HOH 12 18  61  HOH HOH C . 
E 3 HOH 13 19  68  HOH HOH C . 
E 3 HOH 14 20  71  HOH HOH C . 
E 3 HOH 15 21  99  HOH HOH C . 
E 3 HOH 16 22  123 HOH HOH C . 
E 3 HOH 17 23  128 HOH HOH C . 
E 3 HOH 18 24  129 HOH HOH C . 
E 3 HOH 19 25  132 HOH HOH C . 
E 3 HOH 20 26  151 HOH HOH C . 
E 3 HOH 21 27  153 HOH HOH C . 
F 3 HOH 1  7   7   HOH HOH D . 
F 3 HOH 2  28  28  HOH HOH D . 
F 3 HOH 3  55  55  HOH HOH D . 
F 3 HOH 4  69  69  HOH HOH D . 
F 3 HOH 5  83  83  HOH HOH D . 
F 3 HOH 6  85  85  HOH HOH D . 
F 3 HOH 7  87  87  HOH HOH D . 
F 3 HOH 8  90  90  HOH HOH D . 
F 3 HOH 9  103 103 HOH HOH D . 
F 3 HOH 10 125 125 HOH HOH D . 
G 3 HOH 1  90  3   HOH HOH A . 
G 3 HOH 2  91  4   HOH HOH A . 
G 3 HOH 3  92  6   HOH HOH A . 
G 3 HOH 4  93  8   HOH HOH A . 
G 3 HOH 5  94  15  HOH HOH A . 
G 3 HOH 6  95  17  HOH HOH A . 
G 3 HOH 7  96  20  HOH HOH A . 
G 3 HOH 8  97  21  HOH HOH A . 
G 3 HOH 9  98  22  HOH HOH A . 
G 3 HOH 10 99  23  HOH HOH A . 
G 3 HOH 11 100 26  HOH HOH A . 
G 3 HOH 12 101 29  HOH HOH A . 
G 3 HOH 13 102 30  HOH HOH A . 
G 3 HOH 14 103 31  HOH HOH A . 
G 3 HOH 15 104 32  HOH HOH A . 
G 3 HOH 16 105 34  HOH HOH A . 
G 3 HOH 17 106 35  HOH HOH A . 
G 3 HOH 18 107 37  HOH HOH A . 
G 3 HOH 19 108 38  HOH HOH A . 
G 3 HOH 20 109 46  HOH HOH A . 
G 3 HOH 21 110 47  HOH HOH A . 
G 3 HOH 22 111 52  HOH HOH A . 
G 3 HOH 23 112 56  HOH HOH A . 
G 3 HOH 24 113 58  HOH HOH A . 
G 3 HOH 25 114 60  HOH HOH A . 
G 3 HOH 26 115 66  HOH HOH A . 
G 3 HOH 27 116 70  HOH HOH A . 
G 3 HOH 28 117 72  HOH HOH A . 
G 3 HOH 29 118 82  HOH HOH A . 
G 3 HOH 30 119 91  HOH HOH A . 
G 3 HOH 31 120 94  HOH HOH A . 
G 3 HOH 32 121 98  HOH HOH A . 
G 3 HOH 33 122 101 HOH HOH A . 
G 3 HOH 34 123 106 HOH HOH A . 
G 3 HOH 35 124 110 HOH HOH A . 
G 3 HOH 36 125 114 HOH HOH A . 
G 3 HOH 37 126 120 HOH HOH A . 
G 3 HOH 38 127 122 HOH HOH A . 
G 3 HOH 39 128 124 HOH HOH A . 
G 3 HOH 40 129 137 HOH HOH A . 
G 3 HOH 41 130 146 HOH HOH A . 
G 3 HOH 42 131 148 HOH HOH A . 
G 3 HOH 43 132 154 HOH HOH A . 
H 3 HOH 1  90  1   HOH HOH B . 
H 3 HOH 2  91  5   HOH HOH B . 
H 3 HOH 3  92  9   HOH HOH B . 
H 3 HOH 4  93  11  HOH HOH B . 
H 3 HOH 5  94  13  HOH HOH B . 
H 3 HOH 6  95  16  HOH HOH B . 
H 3 HOH 7  96  18  HOH HOH B . 
H 3 HOH 8  97  24  HOH HOH B . 
H 3 HOH 9  98  25  HOH HOH B . 
H 3 HOH 10 99  33  HOH HOH B . 
H 3 HOH 11 100 36  HOH HOH B . 
H 3 HOH 12 101 40  HOH HOH B . 
H 3 HOH 13 102 41  HOH HOH B . 
H 3 HOH 14 103 42  HOH HOH B . 
H 3 HOH 15 104 44  HOH HOH B . 
H 3 HOH 16 105 48  HOH HOH B . 
H 3 HOH 17 106 50  HOH HOH B . 
H 3 HOH 18 107 51  HOH HOH B . 
H 3 HOH 19 108 53  HOH HOH B . 
H 3 HOH 20 109 62  HOH HOH B . 
H 3 HOH 21 110 63  HOH HOH B . 
H 3 HOH 22 111 64  HOH HOH B . 
H 3 HOH 23 112 65  HOH HOH B . 
H 3 HOH 24 113 67  HOH HOH B . 
H 3 HOH 25 114 73  HOH HOH B . 
H 3 HOH 26 115 74  HOH HOH B . 
H 3 HOH 27 116 75  HOH HOH B . 
H 3 HOH 28 117 78  HOH HOH B . 
H 3 HOH 29 118 79  HOH HOH B . 
H 3 HOH 30 119 80  HOH HOH B . 
H 3 HOH 31 120 81  HOH HOH B . 
H 3 HOH 32 121 84  HOH HOH B . 
H 3 HOH 33 122 86  HOH HOH B . 
H 3 HOH 34 123 88  HOH HOH B . 
H 3 HOH 35 124 89  HOH HOH B . 
H 3 HOH 36 125 92  HOH HOH B . 
H 3 HOH 37 126 93  HOH HOH B . 
H 3 HOH 38 127 97  HOH HOH B . 
H 3 HOH 39 128 102 HOH HOH B . 
H 3 HOH 40 129 105 HOH HOH B . 
H 3 HOH 41 130 107 HOH HOH B . 
H 3 HOH 42 131 109 HOH HOH B . 
H 3 HOH 43 132 111 HOH HOH B . 
H 3 HOH 44 133 112 HOH HOH B . 
H 3 HOH 45 134 113 HOH HOH B . 
H 3 HOH 46 135 117 HOH HOH B . 
H 3 HOH 47 136 118 HOH HOH B . 
H 3 HOH 48 137 119 HOH HOH B . 
H 3 HOH 49 138 126 HOH HOH B . 
H 3 HOH 50 139 127 HOH HOH B . 
H 3 HOH 51 140 130 HOH HOH B . 
H 3 HOH 52 141 131 HOH HOH B . 
H 3 HOH 53 142 134 HOH HOH B . 
H 3 HOH 54 143 139 HOH HOH B . 
H 3 HOH 55 144 140 HOH HOH B . 
H 3 HOH 56 145 141 HOH HOH B . 
H 3 HOH 57 146 142 HOH HOH B . 
H 3 HOH 58 147 143 HOH HOH B . 
H 3 HOH 59 148 144 HOH HOH B . 
H 3 HOH 60 149 147 HOH HOH B . 
H 3 HOH 61 150 150 HOH HOH B . 
H 3 HOH 62 151 152 HOH HOH B . 
# 
loop_
_pdbx_unobs_or_zero_occ_atoms.id 
_pdbx_unobs_or_zero_occ_atoms.PDB_model_num 
_pdbx_unobs_or_zero_occ_atoms.polymer_flag 
_pdbx_unobs_or_zero_occ_atoms.occupancy_flag 
_pdbx_unobs_or_zero_occ_atoms.auth_asym_id 
_pdbx_unobs_or_zero_occ_atoms.auth_comp_id 
_pdbx_unobs_or_zero_occ_atoms.auth_seq_id 
_pdbx_unobs_or_zero_occ_atoms.PDB_ins_code 
_pdbx_unobs_or_zero_occ_atoms.auth_atom_id 
_pdbx_unobs_or_zero_occ_atoms.label_alt_id 
_pdbx_unobs_or_zero_occ_atoms.label_asym_id 
_pdbx_unobs_or_zero_occ_atoms.label_comp_id 
_pdbx_unobs_or_zero_occ_atoms.label_seq_id 
_pdbx_unobs_or_zero_occ_atoms.label_atom_id 
1  1 Y 1 D DC 1 ? "O5'" ? B DC 1 "O5'" 
2  1 Y 1 D DC 1 ? "C5'" ? B DC 1 "C5'" 
3  1 Y 1 D DC 1 ? "C4'" ? B DC 1 "C4'" 
4  1 Y 1 D DC 1 ? "O4'" ? B DC 1 "O4'" 
5  1 Y 1 D DC 1 ? "C3'" ? B DC 1 "C3'" 
6  1 Y 1 D DC 1 ? "C2'" ? B DC 1 "C2'" 
7  1 Y 1 D DC 1 ? "C1'" ? B DC 1 "C1'" 
8  1 Y 1 D DC 1 ? N1    ? B DC 1 N1    
9  1 Y 1 D DC 1 ? C2    ? B DC 1 C2    
10 1 Y 1 D DC 1 ? O2    ? B DC 1 O2    
11 1 Y 1 D DC 1 ? N3    ? B DC 1 N3    
12 1 Y 1 D DC 1 ? C4    ? B DC 1 C4    
13 1 Y 1 D DC 1 ? N4    ? B DC 1 N4    
14 1 Y 1 D DC 1 ? C5    ? B DC 1 C5    
15 1 Y 1 D DC 1 ? C6    ? B DC 1 C6    
# 
loop_
_software.name 
_software.classification 
_software.version 
_software.citation_id 
_software.pdbx_ordinal 
REFMAC refinement       5.1.24    ? 1 
MOSFLM 'data reduction' .         ? 2 
CCP4   'data scaling'   '(SCALA)' ? 3 
MOLREP phasing          .         ? 4 
# 
_cell.entry_id           1ZZI 
_cell.length_a           52.590 
_cell.length_b           52.590 
_cell.length_c           104.891 
_cell.angle_alpha        90.00 
_cell.angle_beta         90.00 
_cell.angle_gamma        120.00 
_cell.Z_PDB              12 
_cell.pdbx_unique_axis   ? 
# 
_symmetry.entry_id                         1ZZI 
_symmetry.space_group_name_H-M             'P 31 2 1' 
_symmetry.pdbx_full_space_group_name_H-M   ? 
_symmetry.cell_setting                     ? 
_symmetry.Int_Tables_number                152 
_symmetry.space_group_name_Hall            ? 
# 
_exptl.entry_id          1ZZI 
_exptl.method            'X-RAY DIFFRACTION' 
_exptl.crystals_number   1 
# 
_exptl_crystal.id                    1 
_exptl_crystal.density_meas          ? 
_exptl_crystal.density_Matthews      2.0 
_exptl_crystal.density_percent_sol   37.3 
_exptl_crystal.description           ? 
_exptl_crystal.F_000                 ? 
_exptl_crystal.preparation           ? 
# 
_exptl_crystal_grow.crystal_id      1 
_exptl_crystal_grow.method          'VAPOR DIFFUSION, HANGING DROP' 
_exptl_crystal_grow.temp            294 
_exptl_crystal_grow.temp_details    ? 
_exptl_crystal_grow.pH              8.5 
_exptl_crystal_grow.pdbx_details    
'PEG 4000, TRIS HCl, MAGNESIUM CHLORIDE, pH 8.5, VAPOR DIFFUSION, HANGING DROP, temperature 294K' 
_exptl_crystal_grow.pdbx_pH_range   . 
# 
loop_
_exptl_crystal_grow_comp.crystal_id 
_exptl_crystal_grow_comp.id 
_exptl_crystal_grow_comp.sol_id 
_exptl_crystal_grow_comp.name 
_exptl_crystal_grow_comp.volume 
_exptl_crystal_grow_comp.conc 
_exptl_crystal_grow_comp.details 
1 1 1 MgCl2      ? ? ? 
1 2 1 'PEG 4000' ? ? ? 
1 3 1 'TRIS HCl' ? ? ? 
1 4 1 H2O        ? ? ? 
1 5 2 MgCl2      ? ? ? 
1 6 2 'PEG 4000' ? ? ? 
1 7 3 H2O        ? ? ? 
# 
_diffrn.id                     1 
_diffrn.ambient_temp           100 
_diffrn.ambient_temp_details   ? 
_diffrn.crystal_id             1 
# 
_diffrn_detector.diffrn_id              1 
_diffrn_detector.detector               CCD 
_diffrn_detector.type                   'ADSC QUANTUM 4' 
_diffrn_detector.pdbx_collection_date   2002-09-02 
_diffrn_detector.details                ? 
# 
_diffrn_radiation.diffrn_id                        1 
_diffrn_radiation.wavelength_id                    1 
_diffrn_radiation.pdbx_monochromatic_or_laue_m_l   M 
_diffrn_radiation.monochromator                    'Khozu dual crystal Si(111)' 
_diffrn_radiation.pdbx_diffrn_protocol             'SINGLE WAVELENGTH' 
_diffrn_radiation.pdbx_scattering_type             x-ray 
# 
_diffrn_radiation_wavelength.id           1 
_diffrn_radiation_wavelength.wavelength   0.94 
_diffrn_radiation_wavelength.wt           1.0 
# 
_diffrn_source.diffrn_id                   1 
_diffrn_source.source                      SYNCHROTRON 
_diffrn_source.type                        'ESRF BEAMLINE ID14-4' 
_diffrn_source.pdbx_synchrotron_site       ESRF 
_diffrn_source.pdbx_synchrotron_beamline   ID14-4 
_diffrn_source.pdbx_wavelength             ? 
_diffrn_source.pdbx_wavelength_list        0.94 
# 
_reflns.entry_id                     1ZZI 
_reflns.observed_criterion_sigma_F   0. 
_reflns.observed_criterion_sigma_I   0. 
_reflns.d_resolution_high            1.8 
_reflns.d_resolution_low             34.3 
_reflns.number_all                   15859 
_reflns.number_obs                   15859 
_reflns.percent_possible_obs         98.0 
_reflns.pdbx_Rmerge_I_obs            0.062 
_reflns.pdbx_Rsym_value              ? 
_reflns.pdbx_netI_over_sigmaI        23.1 
_reflns.B_iso_Wilson_estimate        ? 
_reflns.pdbx_redundancy              6.9 
_reflns.R_free_details               ? 
_reflns.pdbx_chi_squared             ? 
_reflns.pdbx_scaling_rejects         ? 
_reflns.pdbx_ordinal                 1 
_reflns.pdbx_diffrn_id               1 
# 
_reflns_shell.d_res_high             1.8 
_reflns_shell.d_res_low              1.9 
_reflns_shell.percent_possible_all   87.6 
_reflns_shell.Rmerge_I_obs           0.41 
_reflns_shell.pdbx_Rsym_value        ? 
_reflns_shell.meanI_over_sigI_obs    3.9 
_reflns_shell.pdbx_redundancy        6.1 
_reflns_shell.percent_possible_obs   ? 
_reflns_shell.number_unique_all      ? 
_reflns_shell.number_measured_all    ? 
_reflns_shell.number_measured_obs    ? 
_reflns_shell.number_unique_obs      ? 
_reflns_shell.pdbx_chi_squared       ? 
_reflns_shell.pdbx_ordinal           1 
_reflns_shell.pdbx_diffrn_id         1 
# 
_refine.entry_id                                 1ZZI 
_refine.ls_number_reflns_obs                     15030 
_refine.ls_number_reflns_all                     15825 
_refine.pdbx_ls_sigma_I                          ? 
_refine.pdbx_ls_sigma_F                          0.0 
_refine.pdbx_data_cutoff_high_absF               ? 
_refine.pdbx_data_cutoff_low_absF                ? 
_refine.pdbx_data_cutoff_high_rms_absF           ? 
_refine.ls_d_res_low                             20.00 
_refine.ls_d_res_high                            1.80 
_refine.ls_percent_reflns_obs                    97.91 
_refine.ls_R_factor_obs                          0.19685 
_refine.ls_R_factor_all                          0.19685 
_refine.ls_R_factor_R_work                       0.19458 
_refine.ls_R_factor_R_free                       0.24041 
_refine.ls_R_factor_R_free_error                 ? 
_refine.ls_R_factor_R_free_error_details         ? 
_refine.ls_percent_reflns_R_free                 5.0 
_refine.ls_number_reflns_R_free                  795 
_refine.ls_number_parameters                     ? 
_refine.ls_number_restraints                     ? 
_refine.occupancy_min                            ? 
_refine.occupancy_max                            ? 
_refine.correlation_coeff_Fo_to_Fc               0.956 
_refine.correlation_coeff_Fo_to_Fc_free          0.933 
_refine.B_iso_mean                               36.821 
_refine.aniso_B[1][1]                            0.88 
_refine.aniso_B[2][2]                            0.88 
_refine.aniso_B[3][3]                            -1.32 
_refine.aniso_B[1][2]                            0.44 
_refine.aniso_B[1][3]                            0.00 
_refine.aniso_B[2][3]                            0.00 
_refine.solvent_model_details                    'BABINET MODEL WITH MASK' 
_refine.solvent_model_param_ksol                 ? 
_refine.solvent_model_param_bsol                 ? 
_refine.pdbx_solvent_vdw_probe_radii             1.40 
_refine.pdbx_solvent_ion_probe_radii             0.80 
_refine.pdbx_solvent_shrinkage_radii             0.80 
_refine.pdbx_ls_cross_valid_method               THROUGHOUT 
_refine.details                                  ? 
_refine.pdbx_starting_model                      ? 
_refine.pdbx_method_to_determine_struct          'MOLECULAR REPLACEMENT' 
_refine.pdbx_isotropic_thermal_model             ? 
_refine.pdbx_stereochemistry_target_values       'MAXIMUM LIKELIHOOD' 
_refine.pdbx_stereochem_target_val_spec_case     ? 
_refine.pdbx_R_Free_selection_details            RANDOM 
_refine.pdbx_overall_ESU_R                       0.154 
_refine.pdbx_overall_ESU_R_Free                  0.144 
_refine.overall_SU_ML                            0.103 
_refine.overall_SU_B                             6.410 
_refine.ls_redundancy_reflns_obs                 ? 
_refine.overall_SU_R_Cruickshank_DPI             ? 
_refine.overall_SU_R_free                        ? 
_refine.ls_wR_factor_R_free                      ? 
_refine.ls_wR_factor_R_work                      ? 
_refine.overall_FOM_free_R_set                   ? 
_refine.overall_FOM_work_R_set                   ? 
_refine.pdbx_refine_id                           'X-RAY DIFFRACTION' 
_refine.pdbx_TLS_residual_ADP_flag               'LIKELY RESIDUAL' 
_refine.pdbx_diffrn_id                           1 
_refine.pdbx_overall_phase_error                 ? 
_refine.pdbx_overall_SU_R_free_Cruickshank_DPI   ? 
_refine.pdbx_overall_SU_R_Blow_DPI               ? 
_refine.pdbx_overall_SU_R_free_Blow_DPI          ? 
# 
_refine_analyze.entry_id                        1ZZI 
_refine_analyze.Luzzati_coordinate_error_obs    0.152 
_refine_analyze.Luzzati_sigma_a_obs             ? 
_refine_analyze.Luzzati_d_res_low_obs           ? 
_refine_analyze.Luzzati_coordinate_error_free   0.147 
_refine_analyze.Luzzati_sigma_a_free            ? 
_refine_analyze.Luzzati_d_res_low_free          ? 
_refine_analyze.number_disordered_residues      ? 
_refine_analyze.occupancy_sum_non_hydrogen      ? 
_refine_analyze.occupancy_sum_hydrogen          ? 
_refine_analyze.pdbx_refine_id                  'X-RAY DIFFRACTION' 
# 
_refine_hist.pdbx_refine_id                   'X-RAY DIFFRACTION' 
_refine_hist.cycle_id                         LAST 
_refine_hist.pdbx_number_atoms_protein        1235 
_refine_hist.pdbx_number_atoms_nucleic_acid   209 
_refine_hist.pdbx_number_atoms_ligand         0 
_refine_hist.number_atoms_solvent             136 
_refine_hist.number_atoms_total               1580 
_refine_hist.d_res_high                       1.80 
_refine_hist.d_res_low                        20.00 
# 
loop_
_refine_ls_restr.type 
_refine_ls_restr.dev_ideal 
_refine_ls_restr.dev_ideal_target 
_refine_ls_restr.weight 
_refine_ls_restr.number 
_refine_ls_restr.pdbx_refine_id 
_refine_ls_restr.pdbx_restraint_function 
r_bond_refined_d             0.018  0.022  ? 1488 'X-RAY DIFFRACTION' ? 
r_bond_other_d               ?      ?      ? ?    'X-RAY DIFFRACTION' ? 
r_angle_refined_deg          1.894  2.147  ? 2041 'X-RAY DIFFRACTION' ? 
r_angle_other_deg            ?      ?      ? ?    'X-RAY DIFFRACTION' ? 
r_dihedral_angle_1_deg       5.866  5.000  ? 161  'X-RAY DIFFRACTION' ? 
r_dihedral_angle_2_deg       38.096 25.926 ? 54   'X-RAY DIFFRACTION' ? 
r_dihedral_angle_3_deg       16.098 15.000 ? 243  'X-RAY DIFFRACTION' ? 
r_dihedral_angle_4_deg       24.933 15.000 ? 6    'X-RAY DIFFRACTION' ? 
r_chiral_restr               0.111  0.200  ? 236  'X-RAY DIFFRACTION' ? 
r_gen_planes_refined         0.008  0.020  ? 1029 'X-RAY DIFFRACTION' ? 
r_gen_planes_other           ?      ?      ? ?    'X-RAY DIFFRACTION' ? 
r_nbd_refined                0.229  0.200  ? 785  'X-RAY DIFFRACTION' ? 
r_nbd_other                  ?      ?      ? ?    'X-RAY DIFFRACTION' ? 
r_nbtor_refined              0.321  0.200  ? 1065 'X-RAY DIFFRACTION' ? 
r_nbtor_other                ?      ?      ? ?    'X-RAY DIFFRACTION' ? 
r_xyhbond_nbd_refined        0.162  0.200  ? 157  'X-RAY DIFFRACTION' ? 
r_xyhbond_nbd_other          ?      ?      ? ?    'X-RAY DIFFRACTION' ? 
r_metal_ion_refined          ?      ?      ? ?    'X-RAY DIFFRACTION' ? 
r_metal_ion_other            ?      ?      ? ?    'X-RAY DIFFRACTION' ? 
r_symmetry_vdw_refined       0.220  0.200  ? 75   'X-RAY DIFFRACTION' ? 
r_symmetry_vdw_other         ?      ?      ? ?    'X-RAY DIFFRACTION' ? 
r_symmetry_hbond_refined     0.203  0.200  ? 24   'X-RAY DIFFRACTION' ? 
r_symmetry_hbond_other       ?      ?      ? ?    'X-RAY DIFFRACTION' ? 
r_symmetry_metal_ion_refined ?      ?      ? ?    'X-RAY DIFFRACTION' ? 
r_symmetry_metal_ion_other   ?      ?      ? ?    'X-RAY DIFFRACTION' ? 
r_mcbond_it                  1.071  1.500  ? 815  'X-RAY DIFFRACTION' ? 
r_mcbond_other               ?      ?      ? ?    'X-RAY DIFFRACTION' ? 
r_mcangle_it                 1.742  2.000  ? 1293 'X-RAY DIFFRACTION' ? 
r_scbond_it                  2.768  3.000  ? 764  'X-RAY DIFFRACTION' ? 
r_scangle_it                 3.793  4.500  ? 748  'X-RAY DIFFRACTION' ? 
r_rigid_bond_restr           ?      ?      ? ?    'X-RAY DIFFRACTION' ? 
r_sphericity_free            ?      ?      ? ?    'X-RAY DIFFRACTION' ? 
r_sphericity_bonded          ?      ?      ? ?    'X-RAY DIFFRACTION' ? 
# 
_refine_ls_shell.pdbx_total_number_of_bins_used   20 
_refine_ls_shell.d_res_high                       1.800 
_refine_ls_shell.d_res_low                        1.846 
_refine_ls_shell.number_reflns_R_work             866 
_refine_ls_shell.R_factor_R_work                  0.243 
_refine_ls_shell.percent_reflns_obs               80.96 
_refine_ls_shell.R_factor_R_free                  0.325 
_refine_ls_shell.R_factor_R_free_error            ? 
_refine_ls_shell.percent_reflns_R_free            ? 
_refine_ls_shell.number_reflns_R_free             57 
_refine_ls_shell.redundancy_reflns_obs            ? 
_refine_ls_shell.pdbx_refine_id                   'X-RAY DIFFRACTION' 
_refine_ls_shell.number_reflns_all                ? 
_refine_ls_shell.R_factor_all                     ? 
# 
_struct.entry_id                  1ZZI 
_struct.title                     'Crystal Structure Analysis of the third KH domain of hnRNP K in complex with ssDNA' 
_struct.pdbx_model_details        ? 
_struct.pdbx_CASP_flag            ? 
_struct.pdbx_model_type_details   ? 
# 
_struct_keywords.entry_id        1ZZI 
_struct_keywords.pdbx_keywords   'STRUCTURAL PROTEIN/DNA' 
_struct_keywords.text            'PROTEIN-ssDNA COMPLEX, STRUCTURAL PROTEIN-DNA COMPLEX' 
# 
loop_
_struct_asym.id 
_struct_asym.pdbx_blank_PDB_chainid_flag 
_struct_asym.pdbx_modified 
_struct_asym.entity_id 
_struct_asym.details 
A N N 1 ? 
B N N 1 ? 
C N N 2 ? 
D N N 2 ? 
E N N 3 ? 
F N N 3 ? 
G N N 3 ? 
H N N 3 ? 
# 
loop_
_struct_ref.id 
_struct_ref.db_name 
_struct_ref.db_code 
_struct_ref.pdbx_db_accession 
_struct_ref.entity_id 
_struct_ref.pdbx_seq_one_letter_code 
_struct_ref.pdbx_align_begin 
_struct_ref.pdbx_db_isoform 
1 UNP HNRPK_HUMAN P61978 2 GPIITTQVTIPKDLAGSIIGKGGQRIKQIRHESGASIKIDEPLEGSEDRIITITGTQDQIQNAQYLLQNSVKQYSGKFF 385 ? 
2 PDB 1ZZI        1ZZI   1 ?                                                                               ?   ? 
# 
loop_
_struct_ref_seq.align_id 
_struct_ref_seq.ref_id 
_struct_ref_seq.pdbx_PDB_id_code 
_struct_ref_seq.pdbx_strand_id 
_struct_ref_seq.seq_align_beg 
_struct_ref_seq.pdbx_seq_align_beg_ins_code 
_struct_ref_seq.seq_align_end 
_struct_ref_seq.pdbx_seq_align_end_ins_code 
_struct_ref_seq.pdbx_db_accession 
_struct_ref_seq.db_align_beg 
_struct_ref_seq.pdbx_db_align_beg_ins_code 
_struct_ref_seq.db_align_end 
_struct_ref_seq.pdbx_db_align_end_ins_code 
_struct_ref_seq.pdbx_auth_seq_align_beg 
_struct_ref_seq.pdbx_auth_seq_align_end 
1 1 1ZZI A 4 ? 82 ? P61978 385 ? 463 ? 11 89 
2 1 1ZZI B 4 ? 82 ? P61978 385 ? 463 ? 11 89 
3 2 1ZZI C 1 ? 6  ? 1ZZI   1   ? 6   ? 1  6  
4 2 1ZZI D 1 ? 6  ? 1ZZI   1   ? 6   ? 1  6  
# 
loop_
_struct_ref_seq_dif.align_id 
_struct_ref_seq_dif.pdbx_pdb_id_code 
_struct_ref_seq_dif.mon_id 
_struct_ref_seq_dif.pdbx_pdb_strand_id 
_struct_ref_seq_dif.seq_num 
_struct_ref_seq_dif.pdbx_pdb_ins_code 
_struct_ref_seq_dif.pdbx_seq_db_name 
_struct_ref_seq_dif.pdbx_seq_db_accession_code 
_struct_ref_seq_dif.db_mon_id 
_struct_ref_seq_dif.pdbx_seq_db_seq_num 
_struct_ref_seq_dif.details 
_struct_ref_seq_dif.pdbx_auth_seq_num 
_struct_ref_seq_dif.pdbx_ordinal 
1 1ZZI GLY A 1 ? UNP P61978 ? ? 'cloning artifact' 8  1 
1 1ZZI ALA A 2 ? UNP P61978 ? ? 'cloning artifact' 9  2 
1 1ZZI MET A 3 ? UNP P61978 ? ? 'cloning artifact' 10 3 
2 1ZZI GLY B 1 ? UNP P61978 ? ? 'cloning artifact' 8  4 
2 1ZZI ALA B 2 ? UNP P61978 ? ? 'cloning artifact' 9  5 
2 1ZZI MET B 3 ? UNP P61978 ? ? 'cloning artifact' 10 6 
# 
loop_
_pdbx_struct_assembly.id 
_pdbx_struct_assembly.details 
_pdbx_struct_assembly.method_details 
_pdbx_struct_assembly.oligomeric_details 
_pdbx_struct_assembly.oligomeric_count 
1 author_defined_assembly ? dimeric 2 
2 author_defined_assembly ? dimeric 2 
# 
loop_
_pdbx_struct_assembly_gen.assembly_id 
_pdbx_struct_assembly_gen.oper_expression 
_pdbx_struct_assembly_gen.asym_id_list 
1 1 A,C,E,G 
2 1 B,D,F,H 
# 
_pdbx_struct_oper_list.id                   1 
_pdbx_struct_oper_list.type                 'identity operation' 
_pdbx_struct_oper_list.name                 1_555 
_pdbx_struct_oper_list.symmetry_operation   x,y,z 
_pdbx_struct_oper_list.matrix[1][1]         1.0000000000 
_pdbx_struct_oper_list.matrix[1][2]         0.0000000000 
_pdbx_struct_oper_list.matrix[1][3]         0.0000000000 
_pdbx_struct_oper_list.vector[1]            0.0000000000 
_pdbx_struct_oper_list.matrix[2][1]         0.0000000000 
_pdbx_struct_oper_list.matrix[2][2]         1.0000000000 
_pdbx_struct_oper_list.matrix[2][3]         0.0000000000 
_pdbx_struct_oper_list.vector[2]            0.0000000000 
_pdbx_struct_oper_list.matrix[3][1]         0.0000000000 
_pdbx_struct_oper_list.matrix[3][2]         0.0000000000 
_pdbx_struct_oper_list.matrix[3][3]         1.0000000000 
_pdbx_struct_oper_list.vector[3]            0.0000000000 
# 
loop_
_struct_biol.id 
_struct_biol.details 
_struct_biol.pdbx_parent_biol_id 
1 'Asymmetric unit contains two KH3-ssDNA complexes (chains A+C and B+D) with approximately 2-fold NCS' ? 
2 ?                                                                                                     ? 
# 
loop_
_struct_conf.conf_type_id 
_struct_conf.id 
_struct_conf.pdbx_PDB_helix_id 
_struct_conf.beg_label_comp_id 
_struct_conf.beg_label_asym_id 
_struct_conf.beg_label_seq_id 
_struct_conf.pdbx_beg_PDB_ins_code 
_struct_conf.end_label_comp_id 
_struct_conf.end_label_asym_id 
_struct_conf.end_label_seq_id 
_struct_conf.pdbx_end_PDB_ins_code 
_struct_conf.beg_auth_comp_id 
_struct_conf.beg_auth_asym_id 
_struct_conf.beg_auth_seq_id 
_struct_conf.end_auth_comp_id 
_struct_conf.end_auth_asym_id 
_struct_conf.end_auth_seq_id 
_struct_conf.pdbx_PDB_helix_class 
_struct_conf.details 
_struct_conf.pdbx_PDB_helix_length 
HELX_P HELX_P1 1 LEU C 17 ? GLY C 23 ? LEU A 24 GLY A 30 1 ? 7  
HELX_P HELX_P2 2 GLY C 26 ? GLY C 37 ? GLY A 33 GLY A 44 1 ? 12 
HELX_P HELX_P3 3 THR C 59 ? GLN C 76 ? THR A 66 GLN A 83 1 ? 18 
HELX_P HELX_P4 4 LEU D 17 ? GLY D 23 ? LEU B 24 GLY B 30 1 ? 7  
HELX_P HELX_P5 5 GLY D 26 ? GLY D 37 ? GLY B 33 GLY B 44 1 ? 12 
HELX_P HELX_P6 6 THR D 59 ? VAL D 74 ? THR B 66 VAL B 81 1 ? 16 
HELX_P HELX_P7 7 LYS D 75 ? TYR D 77 ? LYS B 82 TYR B 84 5 ? 3  
# 
_struct_conf_type.id          HELX_P 
_struct_conf_type.criteria    ? 
_struct_conf_type.reference   ? 
# 
loop_
_struct_sheet.id 
_struct_sheet.type 
_struct_sheet.number_strands 
_struct_sheet.details 
A ? 3 ? 
B ? 3 ? 
# 
loop_
_struct_sheet_order.sheet_id 
_struct_sheet_order.range_id_1 
_struct_sheet_order.range_id_2 
_struct_sheet_order.offset 
_struct_sheet_order.sense 
A 1 2 ? anti-parallel 
A 2 3 ? anti-parallel 
B 1 2 ? anti-parallel 
B 2 3 ? anti-parallel 
# 
loop_
_struct_sheet_range.sheet_id 
_struct_sheet_range.id 
_struct_sheet_range.beg_label_comp_id 
_struct_sheet_range.beg_label_asym_id 
_struct_sheet_range.beg_label_seq_id 
_struct_sheet_range.pdbx_beg_PDB_ins_code 
_struct_sheet_range.end_label_comp_id 
_struct_sheet_range.end_label_asym_id 
_struct_sheet_range.end_label_seq_id 
_struct_sheet_range.pdbx_end_PDB_ins_code 
_struct_sheet_range.beg_auth_comp_id 
_struct_sheet_range.beg_auth_asym_id 
_struct_sheet_range.beg_auth_seq_id 
_struct_sheet_range.end_auth_comp_id 
_struct_sheet_range.end_auth_asym_id 
_struct_sheet_range.end_auth_seq_id 
A 1 ILE C 7  ? PRO C 14 ? ILE A 14 PRO A 21 
A 2 ASP C 51 ? GLY C 58 ? ASP A 58 GLY A 65 
A 3 SER C 39 ? ILE C 42 ? SER A 46 ILE A 49 
B 1 ILE D 7  ? PRO D 14 ? ILE B 14 PRO B 21 
B 2 ASP D 51 ? GLY D 58 ? ASP B 58 GLY B 65 
B 3 SER D 39 ? ILE D 42 ? SER B 46 ILE B 49 
# 
loop_
_pdbx_struct_sheet_hbond.sheet_id 
_pdbx_struct_sheet_hbond.range_id_1 
_pdbx_struct_sheet_hbond.range_id_2 
_pdbx_struct_sheet_hbond.range_1_label_atom_id 
_pdbx_struct_sheet_hbond.range_1_label_comp_id 
_pdbx_struct_sheet_hbond.range_1_label_asym_id 
_pdbx_struct_sheet_hbond.range_1_label_seq_id 
_pdbx_struct_sheet_hbond.range_1_PDB_ins_code 
_pdbx_struct_sheet_hbond.range_1_auth_atom_id 
_pdbx_struct_sheet_hbond.range_1_auth_comp_id 
_pdbx_struct_sheet_hbond.range_1_auth_asym_id 
_pdbx_struct_sheet_hbond.range_1_auth_seq_id 
_pdbx_struct_sheet_hbond.range_2_label_atom_id 
_pdbx_struct_sheet_hbond.range_2_label_comp_id 
_pdbx_struct_sheet_hbond.range_2_label_asym_id 
_pdbx_struct_sheet_hbond.range_2_label_seq_id 
_pdbx_struct_sheet_hbond.range_2_PDB_ins_code 
_pdbx_struct_sheet_hbond.range_2_auth_atom_id 
_pdbx_struct_sheet_hbond.range_2_auth_comp_id 
_pdbx_struct_sheet_hbond.range_2_auth_asym_id 
_pdbx_struct_sheet_hbond.range_2_auth_seq_id 
A 1 2 N THR C 9  ? N THR A 16 O ILE C 56 ? O ILE A 63 
A 2 3 O THR C 57 ? O THR A 64 N SER C 39 ? N SER A 46 
B 1 2 N ILE D 7  ? N ILE B 14 O GLY D 58 ? O GLY B 65 
B 2 3 O THR D 57 ? O THR B 64 N SER D 39 ? N SER B 46 
# 
_pdbx_validate_rmsd_bond.id                        1 
_pdbx_validate_rmsd_bond.PDB_model_num             1 
_pdbx_validate_rmsd_bond.auth_atom_id_1            "O3'" 
_pdbx_validate_rmsd_bond.auth_asym_id_1            D 
_pdbx_validate_rmsd_bond.auth_comp_id_1            DC 
_pdbx_validate_rmsd_bond.auth_seq_id_1             6 
_pdbx_validate_rmsd_bond.PDB_ins_code_1            ? 
_pdbx_validate_rmsd_bond.label_alt_id_1            ? 
_pdbx_validate_rmsd_bond.auth_atom_id_2            "C3'" 
_pdbx_validate_rmsd_bond.auth_asym_id_2            D 
_pdbx_validate_rmsd_bond.auth_comp_id_2            DC 
_pdbx_validate_rmsd_bond.auth_seq_id_2             6 
_pdbx_validate_rmsd_bond.PDB_ins_code_2            ? 
_pdbx_validate_rmsd_bond.label_alt_id_2            ? 
_pdbx_validate_rmsd_bond.bond_value                1.366 
_pdbx_validate_rmsd_bond.bond_target_value         1.419 
_pdbx_validate_rmsd_bond.bond_deviation            -0.053 
_pdbx_validate_rmsd_bond.bond_standard_deviation   0.006 
_pdbx_validate_rmsd_bond.linker_flag               N 
# 
loop_
_pdbx_validate_rmsd_angle.id 
_pdbx_validate_rmsd_angle.PDB_model_num 
_pdbx_validate_rmsd_angle.auth_atom_id_1 
_pdbx_validate_rmsd_angle.auth_asym_id_1 
_pdbx_validate_rmsd_angle.auth_comp_id_1 
_pdbx_validate_rmsd_angle.auth_seq_id_1 
_pdbx_validate_rmsd_angle.PDB_ins_code_1 
_pdbx_validate_rmsd_angle.label_alt_id_1 
_pdbx_validate_rmsd_angle.auth_atom_id_2 
_pdbx_validate_rmsd_angle.auth_asym_id_2 
_pdbx_validate_rmsd_angle.auth_comp_id_2 
_pdbx_validate_rmsd_angle.auth_seq_id_2 
_pdbx_validate_rmsd_angle.PDB_ins_code_2 
_pdbx_validate_rmsd_angle.label_alt_id_2 
_pdbx_validate_rmsd_angle.auth_atom_id_3 
_pdbx_validate_rmsd_angle.auth_asym_id_3 
_pdbx_validate_rmsd_angle.auth_comp_id_3 
_pdbx_validate_rmsd_angle.auth_seq_id_3 
_pdbx_validate_rmsd_angle.PDB_ins_code_3 
_pdbx_validate_rmsd_angle.label_alt_id_3 
_pdbx_validate_rmsd_angle.angle_value 
_pdbx_validate_rmsd_angle.angle_target_value 
_pdbx_validate_rmsd_angle.angle_deviation 
_pdbx_validate_rmsd_angle.angle_standard_deviation 
_pdbx_validate_rmsd_angle.linker_flag 
1 1 "O4'" C DC 4 ? ? "C1'" C DC 4 ? ? N1 C DC 4 ? ? 110.35 108.30 2.05   0.30 N 
2 1 "O4'" D DT 2 ? ? "C1'" D DT 2 ? ? N1 D DT 2 ? ? 103.15 108.00 -4.85  0.70 N 
3 1 "O4'" D DC 3 ? ? "C1'" D DC 3 ? ? N1 D DC 3 ? ? 99.33  108.00 -8.67  0.70 N 
4 1 N3    D DC 4 ? ? C2    D DC 4 ? ? O2 D DC 4 ? ? 126.76 121.90 4.86   0.70 N 
5 1 "O4'" D DC 6 ? ? "C1'" D DC 6 ? ? N1 D DC 6 ? ? 96.04  108.00 -11.96 0.70 N 
# 
loop_
_pdbx_refine_tls.id 
_pdbx_refine_tls.details 
_pdbx_refine_tls.method 
_pdbx_refine_tls.origin_x 
_pdbx_refine_tls.origin_y 
_pdbx_refine_tls.origin_z 
_pdbx_refine_tls.T[1][1] 
_pdbx_refine_tls.T[2][2] 
_pdbx_refine_tls.T[3][3] 
_pdbx_refine_tls.T[1][2] 
_pdbx_refine_tls.T[1][3] 
_pdbx_refine_tls.T[2][3] 
_pdbx_refine_tls.L[1][1] 
_pdbx_refine_tls.L[2][2] 
_pdbx_refine_tls.L[3][3] 
_pdbx_refine_tls.L[1][2] 
_pdbx_refine_tls.L[1][3] 
_pdbx_refine_tls.L[2][3] 
_pdbx_refine_tls.S[1][1] 
_pdbx_refine_tls.S[1][2] 
_pdbx_refine_tls.S[1][3] 
_pdbx_refine_tls.S[2][1] 
_pdbx_refine_tls.S[2][2] 
_pdbx_refine_tls.S[2][3] 
_pdbx_refine_tls.S[3][1] 
_pdbx_refine_tls.S[3][2] 
_pdbx_refine_tls.S[3][3] 
_pdbx_refine_tls.pdbx_refine_id 
1 ? refined 3.4008  0.8443  12.9922  -0.1270 -0.1771 -0.1586 0.0057 0.0279 -0.0112 4.9599 2.4577 9.3706 1.2811  5.6346 2.1444  -0.1734 0.1605 0.2585  -0.1242 -0.0034 0.0198 -0.5320 0.1729 0.1767 'X-RAY DIFFRACTION' 
2 ? refined -2.3461 -1.9385 -13.4881 -0.1540 -0.1623 -0.1463 0.0418 0.0003 -0.0256 4.3267 1.8976 4.6086 -1.4257 1.8362 -0.9150 0.1203  0.2678 -0.1144 -0.0888 -0.1874 0.0380 0.1161  0.2794 0.0671 'X-RAY DIFFRACTION' 
# 
loop_
_pdbx_refine_tls_group.id 
_pdbx_refine_tls_group.refine_tls_id 
_pdbx_refine_tls_group.beg_auth_asym_id 
_pdbx_refine_tls_group.beg_auth_seq_id 
_pdbx_refine_tls_group.beg_label_asym_id 
_pdbx_refine_tls_group.beg_label_seq_id 
_pdbx_refine_tls_group.end_auth_asym_id 
_pdbx_refine_tls_group.end_auth_seq_id 
_pdbx_refine_tls_group.end_label_asym_id 
_pdbx_refine_tls_group.end_label_seq_id 
_pdbx_refine_tls_group.selection 
_pdbx_refine_tls_group.pdbx_refine_id 
_pdbx_refine_tls_group.selection_details 
1 1 A 8  C 1 A 89 C 82 ? 'X-RAY DIFFRACTION' ? 
2 1 C 1  A 1 C 6  A 6  ? 'X-RAY DIFFRACTION' ? 
3 2 B 11 D 4 B 89 D 82 ? 'X-RAY DIFFRACTION' ? 
4 2 D 2  B 2 D 6  B 6  ? 'X-RAY DIFFRACTION' ? 
# 
loop_
_pdbx_unobs_or_zero_occ_residues.id 
_pdbx_unobs_or_zero_occ_residues.PDB_model_num 
_pdbx_unobs_or_zero_occ_residues.polymer_flag 
_pdbx_unobs_or_zero_occ_residues.occupancy_flag 
_pdbx_unobs_or_zero_occ_residues.auth_asym_id 
_pdbx_unobs_or_zero_occ_residues.auth_comp_id 
_pdbx_unobs_or_zero_occ_residues.auth_seq_id 
_pdbx_unobs_or_zero_occ_residues.PDB_ins_code 
_pdbx_unobs_or_zero_occ_residues.label_asym_id 
_pdbx_unobs_or_zero_occ_residues.label_comp_id 
_pdbx_unobs_or_zero_occ_residues.label_seq_id 
1 1 Y 1 B GLY 8  ? D GLY 1 
2 1 Y 1 B ALA 9  ? D ALA 2 
3 1 Y 1 B MET 10 ? D MET 3 
# 
loop_
_chem_comp_atom.comp_id 
_chem_comp_atom.atom_id 
_chem_comp_atom.type_symbol 
_chem_comp_atom.pdbx_aromatic_flag 
_chem_comp_atom.pdbx_stereo_config 
_chem_comp_atom.pdbx_ordinal 
ALA N      N N N 1   
ALA CA     C N S 2   
ALA C      C N N 3   
ALA O      O N N 4   
ALA CB     C N N 5   
ALA OXT    O N N 6   
ALA H      H N N 7   
ALA H2     H N N 8   
ALA HA     H N N 9   
ALA HB1    H N N 10  
ALA HB2    H N N 11  
ALA HB3    H N N 12  
ALA HXT    H N N 13  
ARG N      N N N 14  
ARG CA     C N S 15  
ARG C      C N N 16  
ARG O      O N N 17  
ARG CB     C N N 18  
ARG CG     C N N 19  
ARG CD     C N N 20  
ARG NE     N N N 21  
ARG CZ     C N N 22  
ARG NH1    N N N 23  
ARG NH2    N N N 24  
ARG OXT    O N N 25  
ARG H      H N N 26  
ARG H2     H N N 27  
ARG HA     H N N 28  
ARG HB2    H N N 29  
ARG HB3    H N N 30  
ARG HG2    H N N 31  
ARG HG3    H N N 32  
ARG HD2    H N N 33  
ARG HD3    H N N 34  
ARG HE     H N N 35  
ARG HH11   H N N 36  
ARG HH12   H N N 37  
ARG HH21   H N N 38  
ARG HH22   H N N 39  
ARG HXT    H N N 40  
ASN N      N N N 41  
ASN CA     C N S 42  
ASN C      C N N 43  
ASN O      O N N 44  
ASN CB     C N N 45  
ASN CG     C N N 46  
ASN OD1    O N N 47  
ASN ND2    N N N 48  
ASN OXT    O N N 49  
ASN H      H N N 50  
ASN H2     H N N 51  
ASN HA     H N N 52  
ASN HB2    H N N 53  
ASN HB3    H N N 54  
ASN HD21   H N N 55  
ASN HD22   H N N 56  
ASN HXT    H N N 57  
ASP N      N N N 58  
ASP CA     C N S 59  
ASP C      C N N 60  
ASP O      O N N 61  
ASP CB     C N N 62  
ASP CG     C N N 63  
ASP OD1    O N N 64  
ASP OD2    O N N 65  
ASP OXT    O N N 66  
ASP H      H N N 67  
ASP H2     H N N 68  
ASP HA     H N N 69  
ASP HB2    H N N 70  
ASP HB3    H N N 71  
ASP HD2    H N N 72  
ASP HXT    H N N 73  
DC  OP3    O N N 74  
DC  P      P N N 75  
DC  OP1    O N N 76  
DC  OP2    O N N 77  
DC  "O5'"  O N N 78  
DC  "C5'"  C N N 79  
DC  "C4'"  C N R 80  
DC  "O4'"  O N N 81  
DC  "C3'"  C N S 82  
DC  "O3'"  O N N 83  
DC  "C2'"  C N N 84  
DC  "C1'"  C N R 85  
DC  N1     N N N 86  
DC  C2     C N N 87  
DC  O2     O N N 88  
DC  N3     N N N 89  
DC  C4     C N N 90  
DC  N4     N N N 91  
DC  C5     C N N 92  
DC  C6     C N N 93  
DC  HOP3   H N N 94  
DC  HOP2   H N N 95  
DC  "H5'"  H N N 96  
DC  "H5''" H N N 97  
DC  "H4'"  H N N 98  
DC  "H3'"  H N N 99  
DC  "HO3'" H N N 100 
DC  "H2'"  H N N 101 
DC  "H2''" H N N 102 
DC  "H1'"  H N N 103 
DC  H41    H N N 104 
DC  H42    H N N 105 
DC  H5     H N N 106 
DC  H6     H N N 107 
DT  OP3    O N N 108 
DT  P      P N N 109 
DT  OP1    O N N 110 
DT  OP2    O N N 111 
DT  "O5'"  O N N 112 
DT  "C5'"  C N N 113 
DT  "C4'"  C N R 114 
DT  "O4'"  O N N 115 
DT  "C3'"  C N S 116 
DT  "O3'"  O N N 117 
DT  "C2'"  C N N 118 
DT  "C1'"  C N R 119 
DT  N1     N N N 120 
DT  C2     C N N 121 
DT  O2     O N N 122 
DT  N3     N N N 123 
DT  C4     C N N 124 
DT  O4     O N N 125 
DT  C5     C N N 126 
DT  C7     C N N 127 
DT  C6     C N N 128 
DT  HOP3   H N N 129 
DT  HOP2   H N N 130 
DT  "H5'"  H N N 131 
DT  "H5''" H N N 132 
DT  "H4'"  H N N 133 
DT  "H3'"  H N N 134 
DT  "HO3'" H N N 135 
DT  "H2'"  H N N 136 
DT  "H2''" H N N 137 
DT  "H1'"  H N N 138 
DT  H3     H N N 139 
DT  H71    H N N 140 
DT  H72    H N N 141 
DT  H73    H N N 142 
DT  H6     H N N 143 
GLN N      N N N 144 
GLN CA     C N S 145 
GLN C      C N N 146 
GLN O      O N N 147 
GLN CB     C N N 148 
GLN CG     C N N 149 
GLN CD     C N N 150 
GLN OE1    O N N 151 
GLN NE2    N N N 152 
GLN OXT    O N N 153 
GLN H      H N N 154 
GLN H2     H N N 155 
GLN HA     H N N 156 
GLN HB2    H N N 157 
GLN HB3    H N N 158 
GLN HG2    H N N 159 
GLN HG3    H N N 160 
GLN HE21   H N N 161 
GLN HE22   H N N 162 
GLN HXT    H N N 163 
GLU N      N N N 164 
GLU CA     C N S 165 
GLU C      C N N 166 
GLU O      O N N 167 
GLU CB     C N N 168 
GLU CG     C N N 169 
GLU CD     C N N 170 
GLU OE1    O N N 171 
GLU OE2    O N N 172 
GLU OXT    O N N 173 
GLU H      H N N 174 
GLU H2     H N N 175 
GLU HA     H N N 176 
GLU HB2    H N N 177 
GLU HB3    H N N 178 
GLU HG2    H N N 179 
GLU HG3    H N N 180 
GLU HE2    H N N 181 
GLU HXT    H N N 182 
GLY N      N N N 183 
GLY CA     C N N 184 
GLY C      C N N 185 
GLY O      O N N 186 
GLY OXT    O N N 187 
GLY H      H N N 188 
GLY H2     H N N 189 
GLY HA2    H N N 190 
GLY HA3    H N N 191 
GLY HXT    H N N 192 
HIS N      N N N 193 
HIS CA     C N S 194 
HIS C      C N N 195 
HIS O      O N N 196 
HIS CB     C N N 197 
HIS CG     C Y N 198 
HIS ND1    N Y N 199 
HIS CD2    C Y N 200 
HIS CE1    C Y N 201 
HIS NE2    N Y N 202 
HIS OXT    O N N 203 
HIS H      H N N 204 
HIS H2     H N N 205 
HIS HA     H N N 206 
HIS HB2    H N N 207 
HIS HB3    H N N 208 
HIS HD1    H N N 209 
HIS HD2    H N N 210 
HIS HE1    H N N 211 
HIS HE2    H N N 212 
HIS HXT    H N N 213 
HOH O      O N N 214 
HOH H1     H N N 215 
HOH H2     H N N 216 
ILE N      N N N 217 
ILE CA     C N S 218 
ILE C      C N N 219 
ILE O      O N N 220 
ILE CB     C N S 221 
ILE CG1    C N N 222 
ILE CG2    C N N 223 
ILE CD1    C N N 224 
ILE OXT    O N N 225 
ILE H      H N N 226 
ILE H2     H N N 227 
ILE HA     H N N 228 
ILE HB     H N N 229 
ILE HG12   H N N 230 
ILE HG13   H N N 231 
ILE HG21   H N N 232 
ILE HG22   H N N 233 
ILE HG23   H N N 234 
ILE HD11   H N N 235 
ILE HD12   H N N 236 
ILE HD13   H N N 237 
ILE HXT    H N N 238 
LEU N      N N N 239 
LEU CA     C N S 240 
LEU C      C N N 241 
LEU O      O N N 242 
LEU CB     C N N 243 
LEU CG     C N N 244 
LEU CD1    C N N 245 
LEU CD2    C N N 246 
LEU OXT    O N N 247 
LEU H      H N N 248 
LEU H2     H N N 249 
LEU HA     H N N 250 
LEU HB2    H N N 251 
LEU HB3    H N N 252 
LEU HG     H N N 253 
LEU HD11   H N N 254 
LEU HD12   H N N 255 
LEU HD13   H N N 256 
LEU HD21   H N N 257 
LEU HD22   H N N 258 
LEU HD23   H N N 259 
LEU HXT    H N N 260 
LYS N      N N N 261 
LYS CA     C N S 262 
LYS C      C N N 263 
LYS O      O N N 264 
LYS CB     C N N 265 
LYS CG     C N N 266 
LYS CD     C N N 267 
LYS CE     C N N 268 
LYS NZ     N N N 269 
LYS OXT    O N N 270 
LYS H      H N N 271 
LYS H2     H N N 272 
LYS HA     H N N 273 
LYS HB2    H N N 274 
LYS HB3    H N N 275 
LYS HG2    H N N 276 
LYS HG3    H N N 277 
LYS HD2    H N N 278 
LYS HD3    H N N 279 
LYS HE2    H N N 280 
LYS HE3    H N N 281 
LYS HZ1    H N N 282 
LYS HZ2    H N N 283 
LYS HZ3    H N N 284 
LYS HXT    H N N 285 
MET N      N N N 286 
MET CA     C N S 287 
MET C      C N N 288 
MET O      O N N 289 
MET CB     C N N 290 
MET CG     C N N 291 
MET SD     S N N 292 
MET CE     C N N 293 
MET OXT    O N N 294 
MET H      H N N 295 
MET H2     H N N 296 
MET HA     H N N 297 
MET HB2    H N N 298 
MET HB3    H N N 299 
MET HG2    H N N 300 
MET HG3    H N N 301 
MET HE1    H N N 302 
MET HE2    H N N 303 
MET HE3    H N N 304 
MET HXT    H N N 305 
PHE N      N N N 306 
PHE CA     C N S 307 
PHE C      C N N 308 
PHE O      O N N 309 
PHE CB     C N N 310 
PHE CG     C Y N 311 
PHE CD1    C Y N 312 
PHE CD2    C Y N 313 
PHE CE1    C Y N 314 
PHE CE2    C Y N 315 
PHE CZ     C Y N 316 
PHE OXT    O N N 317 
PHE H      H N N 318 
PHE H2     H N N 319 
PHE HA     H N N 320 
PHE HB2    H N N 321 
PHE HB3    H N N 322 
PHE HD1    H N N 323 
PHE HD2    H N N 324 
PHE HE1    H N N 325 
PHE HE2    H N N 326 
PHE HZ     H N N 327 
PHE HXT    H N N 328 
PRO N      N N N 329 
PRO CA     C N S 330 
PRO C      C N N 331 
PRO O      O N N 332 
PRO CB     C N N 333 
PRO CG     C N N 334 
PRO CD     C N N 335 
PRO OXT    O N N 336 
PRO H      H N N 337 
PRO HA     H N N 338 
PRO HB2    H N N 339 
PRO HB3    H N N 340 
PRO HG2    H N N 341 
PRO HG3    H N N 342 
PRO HD2    H N N 343 
PRO HD3    H N N 344 
PRO HXT    H N N 345 
SER N      N N N 346 
SER CA     C N S 347 
SER C      C N N 348 
SER O      O N N 349 
SER CB     C N N 350 
SER OG     O N N 351 
SER OXT    O N N 352 
SER H      H N N 353 
SER H2     H N N 354 
SER HA     H N N 355 
SER HB2    H N N 356 
SER HB3    H N N 357 
SER HG     H N N 358 
SER HXT    H N N 359 
THR N      N N N 360 
THR CA     C N S 361 
THR C      C N N 362 
THR O      O N N 363 
THR CB     C N R 364 
THR OG1    O N N 365 
THR CG2    C N N 366 
THR OXT    O N N 367 
THR H      H N N 368 
THR H2     H N N 369 
THR HA     H N N 370 
THR HB     H N N 371 
THR HG1    H N N 372 
THR HG21   H N N 373 
THR HG22   H N N 374 
THR HG23   H N N 375 
THR HXT    H N N 376 
TYR N      N N N 377 
TYR CA     C N S 378 
TYR C      C N N 379 
TYR O      O N N 380 
TYR CB     C N N 381 
TYR CG     C Y N 382 
TYR CD1    C Y N 383 
TYR CD2    C Y N 384 
TYR CE1    C Y N 385 
TYR CE2    C Y N 386 
TYR CZ     C Y N 387 
TYR OH     O N N 388 
TYR OXT    O N N 389 
TYR H      H N N 390 
TYR H2     H N N 391 
TYR HA     H N N 392 
TYR HB2    H N N 393 
TYR HB3    H N N 394 
TYR HD1    H N N 395 
TYR HD2    H N N 396 
TYR HE1    H N N 397 
TYR HE2    H N N 398 
TYR HH     H N N 399 
TYR HXT    H N N 400 
VAL N      N N N 401 
VAL CA     C N S 402 
VAL C      C N N 403 
VAL O      O N N 404 
VAL CB     C N N 405 
VAL CG1    C N N 406 
VAL CG2    C N N 407 
VAL OXT    O N N 408 
VAL H      H N N 409 
VAL H2     H N N 410 
VAL HA     H N N 411 
VAL HB     H N N 412 
VAL HG11   H N N 413 
VAL HG12   H N N 414 
VAL HG13   H N N 415 
VAL HG21   H N N 416 
VAL HG22   H N N 417 
VAL HG23   H N N 418 
VAL HXT    H N N 419 
# 
loop_
_chem_comp_bond.comp_id 
_chem_comp_bond.atom_id_1 
_chem_comp_bond.atom_id_2 
_chem_comp_bond.value_order 
_chem_comp_bond.pdbx_aromatic_flag 
_chem_comp_bond.pdbx_stereo_config 
_chem_comp_bond.pdbx_ordinal 
ALA N     CA     sing N N 1   
ALA N     H      sing N N 2   
ALA N     H2     sing N N 3   
ALA CA    C      sing N N 4   
ALA CA    CB     sing N N 5   
ALA CA    HA     sing N N 6   
ALA C     O      doub N N 7   
ALA C     OXT    sing N N 8   
ALA CB    HB1    sing N N 9   
ALA CB    HB2    sing N N 10  
ALA CB    HB3    sing N N 11  
ALA OXT   HXT    sing N N 12  
ARG N     CA     sing N N 13  
ARG N     H      sing N N 14  
ARG N     H2     sing N N 15  
ARG CA    C      sing N N 16  
ARG CA    CB     sing N N 17  
ARG CA    HA     sing N N 18  
ARG C     O      doub N N 19  
ARG C     OXT    sing N N 20  
ARG CB    CG     sing N N 21  
ARG CB    HB2    sing N N 22  
ARG CB    HB3    sing N N 23  
ARG CG    CD     sing N N 24  
ARG CG    HG2    sing N N 25  
ARG CG    HG3    sing N N 26  
ARG CD    NE     sing N N 27  
ARG CD    HD2    sing N N 28  
ARG CD    HD3    sing N N 29  
ARG NE    CZ     sing N N 30  
ARG NE    HE     sing N N 31  
ARG CZ    NH1    sing N N 32  
ARG CZ    NH2    doub N N 33  
ARG NH1   HH11   sing N N 34  
ARG NH1   HH12   sing N N 35  
ARG NH2   HH21   sing N N 36  
ARG NH2   HH22   sing N N 37  
ARG OXT   HXT    sing N N 38  
ASN N     CA     sing N N 39  
ASN N     H      sing N N 40  
ASN N     H2     sing N N 41  
ASN CA    C      sing N N 42  
ASN CA    CB     sing N N 43  
ASN CA    HA     sing N N 44  
ASN C     O      doub N N 45  
ASN C     OXT    sing N N 46  
ASN CB    CG     sing N N 47  
ASN CB    HB2    sing N N 48  
ASN CB    HB3    sing N N 49  
ASN CG    OD1    doub N N 50  
ASN CG    ND2    sing N N 51  
ASN ND2   HD21   sing N N 52  
ASN ND2   HD22   sing N N 53  
ASN OXT   HXT    sing N N 54  
ASP N     CA     sing N N 55  
ASP N     H      sing N N 56  
ASP N     H2     sing N N 57  
ASP CA    C      sing N N 58  
ASP CA    CB     sing N N 59  
ASP CA    HA     sing N N 60  
ASP C     O      doub N N 61  
ASP C     OXT    sing N N 62  
ASP CB    CG     sing N N 63  
ASP CB    HB2    sing N N 64  
ASP CB    HB3    sing N N 65  
ASP CG    OD1    doub N N 66  
ASP CG    OD2    sing N N 67  
ASP OD2   HD2    sing N N 68  
ASP OXT   HXT    sing N N 69  
DC  OP3   P      sing N N 70  
DC  OP3   HOP3   sing N N 71  
DC  P     OP1    doub N N 72  
DC  P     OP2    sing N N 73  
DC  P     "O5'"  sing N N 74  
DC  OP2   HOP2   sing N N 75  
DC  "O5'" "C5'"  sing N N 76  
DC  "C5'" "C4'"  sing N N 77  
DC  "C5'" "H5'"  sing N N 78  
DC  "C5'" "H5''" sing N N 79  
DC  "C4'" "O4'"  sing N N 80  
DC  "C4'" "C3'"  sing N N 81  
DC  "C4'" "H4'"  sing N N 82  
DC  "O4'" "C1'"  sing N N 83  
DC  "C3'" "O3'"  sing N N 84  
DC  "C3'" "C2'"  sing N N 85  
DC  "C3'" "H3'"  sing N N 86  
DC  "O3'" "HO3'" sing N N 87  
DC  "C2'" "C1'"  sing N N 88  
DC  "C2'" "H2'"  sing N N 89  
DC  "C2'" "H2''" sing N N 90  
DC  "C1'" N1     sing N N 91  
DC  "C1'" "H1'"  sing N N 92  
DC  N1    C2     sing N N 93  
DC  N1    C6     sing N N 94  
DC  C2    O2     doub N N 95  
DC  C2    N3     sing N N 96  
DC  N3    C4     doub N N 97  
DC  C4    N4     sing N N 98  
DC  C4    C5     sing N N 99  
DC  N4    H41    sing N N 100 
DC  N4    H42    sing N N 101 
DC  C5    C6     doub N N 102 
DC  C5    H5     sing N N 103 
DC  C6    H6     sing N N 104 
DT  OP3   P      sing N N 105 
DT  OP3   HOP3   sing N N 106 
DT  P     OP1    doub N N 107 
DT  P     OP2    sing N N 108 
DT  P     "O5'"  sing N N 109 
DT  OP2   HOP2   sing N N 110 
DT  "O5'" "C5'"  sing N N 111 
DT  "C5'" "C4'"  sing N N 112 
DT  "C5'" "H5'"  sing N N 113 
DT  "C5'" "H5''" sing N N 114 
DT  "C4'" "O4'"  sing N N 115 
DT  "C4'" "C3'"  sing N N 116 
DT  "C4'" "H4'"  sing N N 117 
DT  "O4'" "C1'"  sing N N 118 
DT  "C3'" "O3'"  sing N N 119 
DT  "C3'" "C2'"  sing N N 120 
DT  "C3'" "H3'"  sing N N 121 
DT  "O3'" "HO3'" sing N N 122 
DT  "C2'" "C1'"  sing N N 123 
DT  "C2'" "H2'"  sing N N 124 
DT  "C2'" "H2''" sing N N 125 
DT  "C1'" N1     sing N N 126 
DT  "C1'" "H1'"  sing N N 127 
DT  N1    C2     sing N N 128 
DT  N1    C6     sing N N 129 
DT  C2    O2     doub N N 130 
DT  C2    N3     sing N N 131 
DT  N3    C4     sing N N 132 
DT  N3    H3     sing N N 133 
DT  C4    O4     doub N N 134 
DT  C4    C5     sing N N 135 
DT  C5    C7     sing N N 136 
DT  C5    C6     doub N N 137 
DT  C7    H71    sing N N 138 
DT  C7    H72    sing N N 139 
DT  C7    H73    sing N N 140 
DT  C6    H6     sing N N 141 
GLN N     CA     sing N N 142 
GLN N     H      sing N N 143 
GLN N     H2     sing N N 144 
GLN CA    C      sing N N 145 
GLN CA    CB     sing N N 146 
GLN CA    HA     sing N N 147 
GLN C     O      doub N N 148 
GLN C     OXT    sing N N 149 
GLN CB    CG     sing N N 150 
GLN CB    HB2    sing N N 151 
GLN CB    HB3    sing N N 152 
GLN CG    CD     sing N N 153 
GLN CG    HG2    sing N N 154 
GLN CG    HG3    sing N N 155 
GLN CD    OE1    doub N N 156 
GLN CD    NE2    sing N N 157 
GLN NE2   HE21   sing N N 158 
GLN NE2   HE22   sing N N 159 
GLN OXT   HXT    sing N N 160 
GLU N     CA     sing N N 161 
GLU N     H      sing N N 162 
GLU N     H2     sing N N 163 
GLU CA    C      sing N N 164 
GLU CA    CB     sing N N 165 
GLU CA    HA     sing N N 166 
GLU C     O      doub N N 167 
GLU C     OXT    sing N N 168 
GLU CB    CG     sing N N 169 
GLU CB    HB2    sing N N 170 
GLU CB    HB3    sing N N 171 
GLU CG    CD     sing N N 172 
GLU CG    HG2    sing N N 173 
GLU CG    HG3    sing N N 174 
GLU CD    OE1    doub N N 175 
GLU CD    OE2    sing N N 176 
GLU OE2   HE2    sing N N 177 
GLU OXT   HXT    sing N N 178 
GLY N     CA     sing N N 179 
GLY N     H      sing N N 180 
GLY N     H2     sing N N 181 
GLY CA    C      sing N N 182 
GLY CA    HA2    sing N N 183 
GLY CA    HA3    sing N N 184 
GLY C     O      doub N N 185 
GLY C     OXT    sing N N 186 
GLY OXT   HXT    sing N N 187 
HIS N     CA     sing N N 188 
HIS N     H      sing N N 189 
HIS N     H2     sing N N 190 
HIS CA    C      sing N N 191 
HIS CA    CB     sing N N 192 
HIS CA    HA     sing N N 193 
HIS C     O      doub N N 194 
HIS C     OXT    sing N N 195 
HIS CB    CG     sing N N 196 
HIS CB    HB2    sing N N 197 
HIS CB    HB3    sing N N 198 
HIS CG    ND1    sing Y N 199 
HIS CG    CD2    doub Y N 200 
HIS ND1   CE1    doub Y N 201 
HIS ND1   HD1    sing N N 202 
HIS CD2   NE2    sing Y N 203 
HIS CD2   HD2    sing N N 204 
HIS CE1   NE2    sing Y N 205 
HIS CE1   HE1    sing N N 206 
HIS NE2   HE2    sing N N 207 
HIS OXT   HXT    sing N N 208 
HOH O     H1     sing N N 209 
HOH O     H2     sing N N 210 
ILE N     CA     sing N N 211 
ILE N     H      sing N N 212 
ILE N     H2     sing N N 213 
ILE CA    C      sing N N 214 
ILE CA    CB     sing N N 215 
ILE CA    HA     sing N N 216 
ILE C     O      doub N N 217 
ILE C     OXT    sing N N 218 
ILE CB    CG1    sing N N 219 
ILE CB    CG2    sing N N 220 
ILE CB    HB     sing N N 221 
ILE CG1   CD1    sing N N 222 
ILE CG1   HG12   sing N N 223 
ILE CG1   HG13   sing N N 224 
ILE CG2   HG21   sing N N 225 
ILE CG2   HG22   sing N N 226 
ILE CG2   HG23   sing N N 227 
ILE CD1   HD11   sing N N 228 
ILE CD1   HD12   sing N N 229 
ILE CD1   HD13   sing N N 230 
ILE OXT   HXT    sing N N 231 
LEU N     CA     sing N N 232 
LEU N     H      sing N N 233 
LEU N     H2     sing N N 234 
LEU CA    C      sing N N 235 
LEU CA    CB     sing N N 236 
LEU CA    HA     sing N N 237 
LEU C     O      doub N N 238 
LEU C     OXT    sing N N 239 
LEU CB    CG     sing N N 240 
LEU CB    HB2    sing N N 241 
LEU CB    HB3    sing N N 242 
LEU CG    CD1    sing N N 243 
LEU CG    CD2    sing N N 244 
LEU CG    HG     sing N N 245 
LEU CD1   HD11   sing N N 246 
LEU CD1   HD12   sing N N 247 
LEU CD1   HD13   sing N N 248 
LEU CD2   HD21   sing N N 249 
LEU CD2   HD22   sing N N 250 
LEU CD2   HD23   sing N N 251 
LEU OXT   HXT    sing N N 252 
LYS N     CA     sing N N 253 
LYS N     H      sing N N 254 
LYS N     H2     sing N N 255 
LYS CA    C      sing N N 256 
LYS CA    CB     sing N N 257 
LYS CA    HA     sing N N 258 
LYS C     O      doub N N 259 
LYS C     OXT    sing N N 260 
LYS CB    CG     sing N N 261 
LYS CB    HB2    sing N N 262 
LYS CB    HB3    sing N N 263 
LYS CG    CD     sing N N 264 
LYS CG    HG2    sing N N 265 
LYS CG    HG3    sing N N 266 
LYS CD    CE     sing N N 267 
LYS CD    HD2    sing N N 268 
LYS CD    HD3    sing N N 269 
LYS CE    NZ     sing N N 270 
LYS CE    HE2    sing N N 271 
LYS CE    HE3    sing N N 272 
LYS NZ    HZ1    sing N N 273 
LYS NZ    HZ2    sing N N 274 
LYS NZ    HZ3    sing N N 275 
LYS OXT   HXT    sing N N 276 
MET N     CA     sing N N 277 
MET N     H      sing N N 278 
MET N     H2     sing N N 279 
MET CA    C      sing N N 280 
MET CA    CB     sing N N 281 
MET CA    HA     sing N N 282 
MET C     O      doub N N 283 
MET C     OXT    sing N N 284 
MET CB    CG     sing N N 285 
MET CB    HB2    sing N N 286 
MET CB    HB3    sing N N 287 
MET CG    SD     sing N N 288 
MET CG    HG2    sing N N 289 
MET CG    HG3    sing N N 290 
MET SD    CE     sing N N 291 
MET CE    HE1    sing N N 292 
MET CE    HE2    sing N N 293 
MET CE    HE3    sing N N 294 
MET OXT   HXT    sing N N 295 
PHE N     CA     sing N N 296 
PHE N     H      sing N N 297 
PHE N     H2     sing N N 298 
PHE CA    C      sing N N 299 
PHE CA    CB     sing N N 300 
PHE CA    HA     sing N N 301 
PHE C     O      doub N N 302 
PHE C     OXT    sing N N 303 
PHE CB    CG     sing N N 304 
PHE CB    HB2    sing N N 305 
PHE CB    HB3    sing N N 306 
PHE CG    CD1    doub Y N 307 
PHE CG    CD2    sing Y N 308 
PHE CD1   CE1    sing Y N 309 
PHE CD1   HD1    sing N N 310 
PHE CD2   CE2    doub Y N 311 
PHE CD2   HD2    sing N N 312 
PHE CE1   CZ     doub Y N 313 
PHE CE1   HE1    sing N N 314 
PHE CE2   CZ     sing Y N 315 
PHE CE2   HE2    sing N N 316 
PHE CZ    HZ     sing N N 317 
PHE OXT   HXT    sing N N 318 
PRO N     CA     sing N N 319 
PRO N     CD     sing N N 320 
PRO N     H      sing N N 321 
PRO CA    C      sing N N 322 
PRO CA    CB     sing N N 323 
PRO CA    HA     sing N N 324 
PRO C     O      doub N N 325 
PRO C     OXT    sing N N 326 
PRO CB    CG     sing N N 327 
PRO CB    HB2    sing N N 328 
PRO CB    HB3    sing N N 329 
PRO CG    CD     sing N N 330 
PRO CG    HG2    sing N N 331 
PRO CG    HG3    sing N N 332 
PRO CD    HD2    sing N N 333 
PRO CD    HD3    sing N N 334 
PRO OXT   HXT    sing N N 335 
SER N     CA     sing N N 336 
SER N     H      sing N N 337 
SER N     H2     sing N N 338 
SER CA    C      sing N N 339 
SER CA    CB     sing N N 340 
SER CA    HA     sing N N 341 
SER C     O      doub N N 342 
SER C     OXT    sing N N 343 
SER CB    OG     sing N N 344 
SER CB    HB2    sing N N 345 
SER CB    HB3    sing N N 346 
SER OG    HG     sing N N 347 
SER OXT   HXT    sing N N 348 
THR N     CA     sing N N 349 
THR N     H      sing N N 350 
THR N     H2     sing N N 351 
THR CA    C      sing N N 352 
THR CA    CB     sing N N 353 
THR CA    HA     sing N N 354 
THR C     O      doub N N 355 
THR C     OXT    sing N N 356 
THR CB    OG1    sing N N 357 
THR CB    CG2    sing N N 358 
THR CB    HB     sing N N 359 
THR OG1   HG1    sing N N 360 
THR CG2   HG21   sing N N 361 
THR CG2   HG22   sing N N 362 
THR CG2   HG23   sing N N 363 
THR OXT   HXT    sing N N 364 
TYR N     CA     sing N N 365 
TYR N     H      sing N N 366 
TYR N     H2     sing N N 367 
TYR CA    C      sing N N 368 
TYR CA    CB     sing N N 369 
TYR CA    HA     sing N N 370 
TYR C     O      doub N N 371 
TYR C     OXT    sing N N 372 
TYR CB    CG     sing N N 373 
TYR CB    HB2    sing N N 374 
TYR CB    HB3    sing N N 375 
TYR CG    CD1    doub Y N 376 
TYR CG    CD2    sing Y N 377 
TYR CD1   CE1    sing Y N 378 
TYR CD1   HD1    sing N N 379 
TYR CD2   CE2    doub Y N 380 
TYR CD2   HD2    sing N N 381 
TYR CE1   CZ     doub Y N 382 
TYR CE1   HE1    sing N N 383 
TYR CE2   CZ     sing Y N 384 
TYR CE2   HE2    sing N N 385 
TYR CZ    OH     sing N N 386 
TYR OH    HH     sing N N 387 
TYR OXT   HXT    sing N N 388 
VAL N     CA     sing N N 389 
VAL N     H      sing N N 390 
VAL N     H2     sing N N 391 
VAL CA    C      sing N N 392 
VAL CA    CB     sing N N 393 
VAL CA    HA     sing N N 394 
VAL C     O      doub N N 395 
VAL C     OXT    sing N N 396 
VAL CB    CG1    sing N N 397 
VAL CB    CG2    sing N N 398 
VAL CB    HB     sing N N 399 
VAL CG1   HG11   sing N N 400 
VAL CG1   HG12   sing N N 401 
VAL CG1   HG13   sing N N 402 
VAL CG2   HG21   sing N N 403 
VAL CG2   HG22   sing N N 404 
VAL CG2   HG23   sing N N 405 
VAL OXT   HXT    sing N N 406 
# 
_atom_sites.entry_id                    1ZZI 
_atom_sites.fract_transf_matrix[1][1]   -0.00926377 
_atom_sites.fract_transf_matrix[1][2]   -0.01332332 
_atom_sites.fract_transf_matrix[1][3]   0.01479049 
_atom_sites.fract_transf_matrix[2][1]   0.00570475 
_atom_sites.fract_transf_matrix[2][2]   -0.02118848 
_atom_sites.fract_transf_matrix[2][3]   0.00078366 
_atom_sites.fract_transf_matrix[3][1]   0.00691787 
_atom_sites.fract_transf_matrix[3][2]   0.00209253 
_atom_sites.fract_transf_matrix[3][3]   0.00621784 
_atom_sites.fract_transf_vector[1]      1.387170 
_atom_sites.fract_transf_vector[2]      0.856807 
_atom_sites.fract_transf_vector[3]      0.094950 
# 
loop_
_atom_type.symbol 
C 
N 
O 
P 
S 
# 
loop_
_atom_site.group_PDB 
_atom_site.id 
_atom_site.type_symbol 
_atom_site.label_atom_id 
_atom_site.label_alt_id 
_atom_site.label_comp_id 
_atom_site.label_asym_id 
_atom_site.label_entity_id 
_atom_site.label_seq_id 
_atom_site.pdbx_PDB_ins_code 
_atom_site.Cartn_x 
_atom_site.Cartn_y 
_atom_site.Cartn_z 
_atom_site.occupancy 
_atom_site.B_iso_or_equiv 
_atom_site.pdbx_formal_charge 
_atom_site.auth_seq_id 
_atom_site.auth_comp_id 
_atom_site.auth_asym_id 
_atom_site.auth_atom_id 
_atom_site.pdbx_PDB_model_num 
ATOM   1    O "O5'" . DC  A 1 1  ? 12.906  0.209   24.063  1.00 35.36 ? 1   DC  C "O5'" 1 
ATOM   2    C "C5'" . DC  A 1 1  ? 13.738  1.197   24.705  1.00 35.95 ? 1   DC  C "C5'" 1 
ATOM   3    C "C4'" . DC  A 1 1  ? 14.707  1.922   23.771  1.00 35.33 ? 1   DC  C "C4'" 1 
ATOM   4    O "O4'" . DC  A 1 1  ? 15.510  0.976   23.025  1.00 37.12 ? 1   DC  C "O4'" 1 
ATOM   5    C "C3'" . DC  A 1 1  ? 13.948  2.668   22.688  1.00 34.52 ? 1   DC  C "C3'" 1 
ATOM   6    O "O3'" . DC  A 1 1  ? 13.651  3.956   23.225  1.00 34.67 ? 1   DC  C "O3'" 1 
ATOM   7    C "C2'" . DC  A 1 1  ? 14.915  2.726   21.519  1.00 35.86 ? 1   DC  C "C2'" 1 
ATOM   8    C "C1'" . DC  A 1 1  ? 15.730  1.453   21.714  1.00 36.83 ? 1   DC  C "C1'" 1 
ATOM   9    N N1    . DC  A 1 1  ? 15.382  0.387   20.760  1.00 35.13 ? 1   DC  C N1    1 
ATOM   10   C C2    . DC  A 1 1  ? 15.986  0.433   19.512  1.00 39.91 ? 1   DC  C C2    1 
ATOM   11   O O2    . DC  A 1 1  ? 16.798  1.350   19.274  1.00 40.91 ? 1   DC  C O2    1 
ATOM   12   N N3    . DC  A 1 1  ? 15.717  -0.552  18.620  1.00 38.76 ? 1   DC  C N3    1 
ATOM   13   C C4    . DC  A 1 1  ? 14.847  -1.527  18.926  1.00 40.06 ? 1   DC  C C4    1 
ATOM   14   N N4    . DC  A 1 1  ? 14.608  -2.455  17.994  1.00 39.19 ? 1   DC  C N4    1 
ATOM   15   C C5    . DC  A 1 1  ? 14.203  -1.583  20.181  1.00 35.33 ? 1   DC  C C5    1 
ATOM   16   C C6    . DC  A 1 1  ? 14.500  -0.618  21.045  1.00 36.41 ? 1   DC  C C6    1 
ATOM   17   P P     . DT  A 1 2  ? 12.350  4.688   22.600  1.00 33.89 ? 2   DT  C P     1 
ATOM   18   O OP1   . DT  A 1 2  ? 12.229  4.485   21.163  1.00 29.84 ? 2   DT  C OP1   1 
ATOM   19   O OP2   . DT  A 1 2  ? 12.385  6.009   23.341  1.00 29.81 ? 2   DT  C OP2   1 
ATOM   20   O "O5'" . DT  A 1 2  ? 11.203  3.785   23.212  1.00 31.49 ? 2   DT  C "O5'" 1 
ATOM   21   C "C5'" . DT  A 1 2  ? 11.075  3.627   24.616  1.00 31.82 ? 2   DT  C "C5'" 1 
ATOM   22   C "C4'" . DT  A 1 2  ? 9.724   3.028   24.977  1.00 32.04 ? 2   DT  C "C4'" 1 
ATOM   23   O "O4'" . DT  A 1 2  ? 8.705   4.069   25.008  1.00 32.67 ? 2   DT  C "O4'" 1 
ATOM   24   C "C3'" . DT  A 1 2  ? 9.257   1.969   23.981  1.00 30.40 ? 2   DT  C "C3'" 1 
ATOM   25   O "O3'" . DT  A 1 2  ? 8.517   0.922   24.716  1.00 33.57 ? 2   DT  C "O3'" 1 
ATOM   26   C "C2'" . DT  A 1 2  ? 8.366   2.754   23.065  1.00 31.51 ? 2   DT  C "C2'" 1 
ATOM   27   C "C1'" . DT  A 1 2  ? 7.740   3.738   24.044  1.00 33.48 ? 2   DT  C "C1'" 1 
ATOM   28   N N1    . DT  A 1 2  ? 7.414   4.960   23.326  1.00 35.23 ? 2   DT  C N1    1 
ATOM   29   C C2    . DT  A 1 2  ? 6.124   5.428   23.385  1.00 36.09 ? 2   DT  C C2    1 
ATOM   30   O O2    . DT  A 1 2  ? 5.230   4.865   23.996  1.00 35.83 ? 2   DT  C O2    1 
ATOM   31   N N3    . DT  A 1 2  ? 5.913   6.534   22.620  1.00 33.64 ? 2   DT  C N3    1 
ATOM   32   C C4    . DT  A 1 2  ? 6.869   7.270   21.921  1.00 37.28 ? 2   DT  C C4    1 
ATOM   33   O O4    . DT  A 1 2  ? 6.596   8.299   21.269  1.00 36.34 ? 2   DT  C O4    1 
ATOM   34   C C5    . DT  A 1 2  ? 8.206   6.731   21.928  1.00 36.57 ? 2   DT  C C5    1 
ATOM   35   C C7    . DT  A 1 2  ? 9.345   7.548   21.374  1.00 36.00 ? 2   DT  C C7    1 
ATOM   36   C C6    . DT  A 1 2  ? 8.422   5.625   22.623  1.00 35.62 ? 2   DT  C C6    1 
ATOM   37   P P     . DC  A 1 3  ? 9.320   -0.403  25.140  1.00 31.14 ? 3   DC  C P     1 
ATOM   38   O OP1   . DC  A 1 3  ? 8.439   -1.143  26.089  1.00 33.36 ? 3   DC  C OP1   1 
ATOM   39   O OP2   . DC  A 1 3  ? 10.647  0.087   25.503  1.00 32.63 ? 3   DC  C OP2   1 
ATOM   40   O "O5'" . DC  A 1 3  ? 9.377   -1.073  23.734  1.00 30.07 ? 3   DC  C "O5'" 1 
ATOM   41   C "C5'" . DC  A 1 3  ? 8.251   -1.875  23.225  1.00 32.19 ? 3   DC  C "C5'" 1 
ATOM   42   C "C4'" . DC  A 1 3  ? 8.793   -2.798  22.143  1.00 32.02 ? 3   DC  C "C4'" 1 
ATOM   43   O "O4'" . DC  A 1 3  ? 9.056   -2.011  20.947  1.00 33.37 ? 3   DC  C "O4'" 1 
ATOM   44   C "C3'" . DC  A 1 3  ? 10.098  -3.567  22.434  1.00 31.02 ? 3   DC  C "C3'" 1 
ATOM   45   O "O3'" . DC  A 1 3  ? 10.015  -4.810  21.778  1.00 32.43 ? 3   DC  C "O3'" 1 
ATOM   46   C "C2'" . DC  A 1 3  ? 11.176  -2.749  21.742  1.00 29.87 ? 3   DC  C "C2'" 1 
ATOM   47   C "C1'" . DC  A 1 3  ? 10.389  -2.234  20.533  1.00 31.86 ? 3   DC  C "C1'" 1 
ATOM   48   N N1    . DC  A 1 3  ? 10.858  -0.914  20.128  1.00 31.55 ? 3   DC  C N1    1 
ATOM   49   C C2    . DC  A 1 3  ? 11.283  -0.712  18.826  1.00 34.05 ? 3   DC  C C2    1 
ATOM   50   O O2    . DC  A 1 3  ? 11.309  -1.615  18.004  1.00 31.67 ? 3   DC  C O2    1 
ATOM   51   N N3    . DC  A 1 3  ? 11.687  0.534   18.459  1.00 33.01 ? 3   DC  C N3    1 
ATOM   52   C C4    . DC  A 1 3  ? 11.606  1.525   19.302  1.00 30.39 ? 3   DC  C C4    1 
ATOM   53   N N4    . DC  A 1 3  ? 12.047  2.684   18.837  1.00 32.79 ? 3   DC  C N4    1 
ATOM   54   C C5    . DC  A 1 3  ? 11.201  1.363   20.659  1.00 33.29 ? 3   DC  C C5    1 
ATOM   55   C C6    . DC  A 1 3  ? 10.801  0.131   21.033  1.00 30.96 ? 3   DC  C C6    1 
ATOM   56   P P     . DC  A 1 4  ? 9.609   -6.134  22.608  1.00 32.81 ? 4   DC  C P     1 
ATOM   57   O OP1   . DC  A 1 4  ? 9.638   -5.838  24.054  1.00 30.72 ? 4   DC  C OP1   1 
ATOM   58   O OP2   . DC  A 1 4  ? 10.290  -7.264  22.031  1.00 29.87 ? 4   DC  C OP2   1 
ATOM   59   O "O5'" . DC  A 1 4  ? 8.120   -6.309  22.113  1.00 33.04 ? 4   DC  C "O5'" 1 
ATOM   60   C "C5'" . DC  A 1 4  ? 7.003   -5.996  22.930  1.00 32.72 ? 4   DC  C "C5'" 1 
ATOM   61   C "C4'" . DC  A 1 4  ? 5.799   -5.851  22.016  1.00 31.22 ? 4   DC  C "C4'" 1 
ATOM   62   O "O4'" . DC  A 1 4  ? 6.052   -4.712  21.129  1.00 33.95 ? 4   DC  C "O4'" 1 
ATOM   63   C "C3'" . DC  A 1 4  ? 5.620   -6.982  21.079  1.00 30.67 ? 4   DC  C "C3'" 1 
ATOM   64   O "O3'" . DC  A 1 4  ? 4.745   -7.866  21.731  1.00 32.83 ? 4   DC  C "O3'" 1 
ATOM   65   C "C2'" . DC  A 1 4  ? 4.886   -6.396  19.910  1.00 34.17 ? 4   DC  C "C2'" 1 
ATOM   66   C "C1'" . DC  A 1 4  ? 5.531   -5.011  19.844  1.00 33.74 ? 4   DC  C "C1'" 1 
ATOM   67   N N1    . DC  A 1 4  ? 6.572   -4.848  18.819  1.00 34.54 ? 4   DC  C N1    1 
ATOM   68   C C2    . DC  A 1 4  ? 6.139   -4.817  17.471  1.00 34.10 ? 4   DC  C C2    1 
ATOM   69   O O2    . DC  A 1 4  ? 4.937   -4.994  17.238  1.00 35.63 ? 4   DC  C O2    1 
ATOM   70   N N3    . DC  A 1 4  ? 7.044   -4.652  16.494  1.00 34.20 ? 4   DC  C N3    1 
ATOM   71   C C4    . DC  A 1 4  ? 8.335   -4.471  16.795  1.00 34.16 ? 4   DC  C C4    1 
ATOM   72   N N4    . DC  A 1 4  ? 9.220   -4.311  15.796  1.00 33.49 ? 4   DC  C N4    1 
ATOM   73   C C5    . DC  A 1 4  ? 8.809   -4.536  18.131  1.00 33.84 ? 4   DC  C C5    1 
ATOM   74   C C6    . DC  A 1 4  ? 7.894   -4.669  19.119  1.00 33.60 ? 4   DC  C C6    1 
ATOM   75   P P     . DC  A 1 5  ? 5.008   -9.408  21.516  1.00 36.92 ? 5   DC  C P     1 
ATOM   76   O OP1   . DC  A 1 5  ? 3.948   -10.144 22.299  1.00 35.72 ? 5   DC  C OP1   1 
ATOM   77   O OP2   . DC  A 1 5  ? 6.460   -9.742  21.641  1.00 37.97 ? 5   DC  C OP2   1 
ATOM   78   O "O5'" . DC  A 1 5  ? 4.685   -9.527  19.979  1.00 39.07 ? 5   DC  C "O5'" 1 
ATOM   79   C "C5'" . DC  A 1 5  ? 3.387   -9.482  19.394  1.00 40.83 ? 5   DC  C "C5'" 1 
ATOM   80   C "C4'" . DC  A 1 5  ? 3.532   -9.553  17.891  1.00 40.61 ? 5   DC  C "C4'" 1 
ATOM   81   O "O4'" . DC  A 1 5  ? 4.261   -8.402  17.442  1.00 40.73 ? 5   DC  C "O4'" 1 
ATOM   82   C "C3'" . DC  A 1 5  ? 4.369   -10.713 17.386  1.00 41.07 ? 5   DC  C "C3'" 1 
ATOM   83   O "O3'" . DC  A 1 5  ? 3.446   -11.750 17.197  1.00 46.57 ? 5   DC  C "O3'" 1 
ATOM   84   C "C2'" . DC  A 1 5  ? 4.775   -10.199 16.020  1.00 41.41 ? 5   DC  C "C2'" 1 
ATOM   85   C "C1'" . DC  A 1 5  ? 5.033   -8.734  16.334  1.00 39.63 ? 5   DC  C "C1'" 1 
ATOM   86   N N1    . DC  A 1 5  ? 6.433   -8.406  16.602  1.00 37.83 ? 5   DC  C N1    1 
ATOM   87   C C2    . DC  A 1 5  ? 7.208   -8.106  15.484  1.00 38.49 ? 5   DC  C C2    1 
ATOM   88   O O2    . DC  A 1 5  ? 6.666   -8.135  14.377  1.00 38.08 ? 5   DC  C O2    1 
ATOM   89   N N3    . DC  A 1 5  ? 8.504   -7.800  15.662  1.00 35.21 ? 5   DC  C N3    1 
ATOM   90   C C4    . DC  A 1 5  ? 9.050   -7.763  16.908  1.00 36.51 ? 5   DC  C C4    1 
ATOM   91   N N4    . DC  A 1 5  ? 10.358  -7.476  17.028  1.00 34.84 ? 5   DC  C N4    1 
ATOM   92   C C5    . DC  A 1 5  ? 8.281   -8.108  18.055  1.00 34.05 ? 5   DC  C C5    1 
ATOM   93   C C6    . DC  A 1 5  ? 6.977   -8.423  17.866  1.00 35.15 ? 5   DC  C C6    1 
ATOM   94   P P     . DC  A 1 6  ? 3.834   -13.218 17.663  1.00 50.14 ? 6   DC  C P     1 
ATOM   95   O OP1   . DC  A 1 6  ? 2.581   -14.040 17.498  1.00 51.32 ? 6   DC  C OP1   1 
ATOM   96   O OP2   . DC  A 1 6  ? 4.581   -13.237 18.955  1.00 46.93 ? 6   DC  C OP2   1 
ATOM   97   O "O5'" . DC  A 1 6  ? 4.888   -13.603 16.503  1.00 50.42 ? 6   DC  C "O5'" 1 
ATOM   98   C "C5'" . DC  A 1 6  ? 4.456   -13.737 15.130  1.00 52.00 ? 6   DC  C "C5'" 1 
ATOM   99   C "C4'" . DC  A 1 6  ? 5.660   -13.723 14.194  1.00 52.30 ? 6   DC  C "C4'" 1 
ATOM   100  O "O4'" . DC  A 1 6  ? 6.494   -12.566 14.497  1.00 50.72 ? 6   DC  C "O4'" 1 
ATOM   101  C "C3'" . DC  A 1 6  ? 6.537   -14.978 14.259  1.00 51.49 ? 6   DC  C "C3'" 1 
ATOM   102  O "O3'" . DC  A 1 6  ? 6.478   -15.673 13.032  1.00 50.61 ? 6   DC  C "O3'" 1 
ATOM   103  C "C2'" . DC  A 1 6  ? 7.948   -14.443 14.522  1.00 52.69 ? 6   DC  C "C2'" 1 
ATOM   104  C "C1'" . DC  A 1 6  ? 7.863   -12.911 14.469  1.00 53.27 ? 6   DC  C "C1'" 1 
ATOM   105  N N1    . DC  A 1 6  ? 8.574   -12.273 15.620  1.00 54.76 ? 6   DC  C N1    1 
ATOM   106  C C2    . DC  A 1 6  ? 9.826   -11.626 15.441  1.00 57.71 ? 6   DC  C C2    1 
ATOM   107  O O2    . DC  A 1 6  ? 10.341  -11.581 14.309  1.00 58.42 ? 6   DC  C O2    1 
ATOM   108  N N3    . DC  A 1 6  ? 10.449  -11.056 16.525  1.00 56.67 ? 6   DC  C N3    1 
ATOM   109  C C4    . DC  A 1 6  ? 9.872   -11.118 17.748  1.00 55.19 ? 6   DC  C C4    1 
ATOM   110  N N4    . DC  A 1 6  ? 10.503  -10.570 18.799  1.00 53.50 ? 6   DC  C N4    1 
ATOM   111  C C5    . DC  A 1 6  ? 8.601   -11.769 17.941  1.00 56.68 ? 6   DC  C C5    1 
ATOM   112  C C6    . DC  A 1 6  ? 7.995   -12.324 16.866  1.00 56.56 ? 6   DC  C C6    1 
ATOM   113  O "O3'" . DC  B 1 1  ? -12.472 -7.570  -22.361 1.00 39.66 ? 1   DC  D "O3'" 1 
ATOM   114  P P     . DT  B 1 2  ? -11.002 -7.894  -21.761 1.00 42.37 ? 2   DT  D P     1 
ATOM   115  O OP1   . DT  B 1 2  ? -10.879 -9.404  -21.884 1.00 38.48 ? 2   DT  D OP1   1 
ATOM   116  O OP2   . DT  B 1 2  ? -10.853 -7.224  -20.451 1.00 41.21 ? 2   DT  D OP2   1 
ATOM   117  O "O5'" . DT  B 1 2  ? -9.983  -7.148  -22.745 1.00 38.42 ? 2   DT  D "O5'" 1 
ATOM   118  C "C5'" . DT  B 1 2  ? -9.754  -7.533  -24.107 1.00 37.64 ? 2   DT  D "C5'" 1 
ATOM   119  C "C4'" . DT  B 1 2  ? -8.662  -6.595  -24.626 1.00 36.43 ? 2   DT  D "C4'" 1 
ATOM   120  O "O4'" . DT  B 1 2  ? -9.072  -5.214  -24.535 1.00 35.13 ? 2   DT  D "O4'" 1 
ATOM   121  C "C3'" . DT  B 1 2  ? -7.344  -6.620  -23.822 1.00 33.99 ? 2   DT  D "C3'" 1 
ATOM   122  O "O3'" . DT  B 1 2  ? -6.257  -6.525  -24.744 1.00 35.60 ? 2   DT  D "O3'" 1 
ATOM   123  C "C2'" . DT  B 1 2  ? -7.395  -5.421  -22.911 1.00 34.91 ? 2   DT  D "C2'" 1 
ATOM   124  C "C1'" . DT  B 1 2  ? -8.129  -4.454  -23.826 1.00 35.05 ? 2   DT  D "C1'" 1 
ATOM   125  N N1    . DT  B 1 2  ? -8.955  -3.497  -23.096 1.00 34.78 ? 2   DT  D N1    1 
ATOM   126  C C2    . DT  B 1 2  ? -8.640  -2.155  -23.233 1.00 35.80 ? 2   DT  D C2    1 
ATOM   127  O O2    . DT  B 1 2  ? -7.692  -1.744  -23.878 1.00 37.55 ? 2   DT  D O2    1 
ATOM   128  N N3    . DT  B 1 2  ? -9.457  -1.312  -22.537 1.00 36.40 ? 2   DT  D N3    1 
ATOM   129  C C4    . DT  B 1 2  ? -10.542 -1.668  -21.748 1.00 35.13 ? 2   DT  D C4    1 
ATOM   130  O O4    . DT  B 1 2  ? -11.203 -0.785  -21.180 1.00 35.83 ? 2   DT  D O4    1 
ATOM   131  C C5    . DT  B 1 2  ? -10.842 -3.095  -21.676 1.00 35.75 ? 2   DT  D C5    1 
ATOM   132  C C7    . DT  B 1 2  ? -11.850 -3.636  -20.707 1.00 35.17 ? 2   DT  D C7    1 
ATOM   133  C C6    . DT  B 1 2  ? -10.041 -3.931  -22.346 1.00 34.48 ? 2   DT  D C6    1 
ATOM   134  P P     . DC  B 1 3  ? -5.460  -7.839  -25.232 1.00 35.18 ? 3   DC  D P     1 
ATOM   135  O OP1   . DC  B 1 3  ? -4.575  -7.315  -26.290 1.00 34.48 ? 3   DC  D OP1   1 
ATOM   136  O OP2   . DC  B 1 3  ? -6.429  -8.905  -25.612 1.00 34.59 ? 3   DC  D OP2   1 
ATOM   137  O "O5'" . DC  B 1 3  ? -4.707  -8.427  -24.007 1.00 34.13 ? 3   DC  D "O5'" 1 
ATOM   138  C "C5'" . DC  B 1 3  ? -3.467  -7.876  -23.492 1.00 34.58 ? 3   DC  D "C5'" 1 
ATOM   139  C "C4'" . DC  B 1 3  ? -2.937  -8.740  -22.351 1.00 34.08 ? 3   DC  D "C4'" 1 
ATOM   140  O "O4'" . DC  B 1 3  ? -3.734  -8.537  -21.158 1.00 32.58 ? 3   DC  D "O4'" 1 
ATOM   141  C "C3'" . DC  B 1 3  ? -2.937  -10.245 -22.578 1.00 34.95 ? 3   DC  D "C3'" 1 
ATOM   142  O "O3'" . DC  B 1 3  ? -1.766  -10.823 -21.964 1.00 34.43 ? 3   DC  D "O3'" 1 
ATOM   143  C "C2'" . DC  B 1 3  ? -4.191  -10.721 -21.853 1.00 34.33 ? 3   DC  D "C2'" 1 
ATOM   144  C "C1'" . DC  B 1 3  ? -4.171  -9.760  -20.656 1.00 35.97 ? 3   DC  D "C1'" 1 
ATOM   145  N N1    . DC  B 1 3  ? -5.455  -9.360  -20.151 1.00 36.88 ? 3   DC  D N1    1 
ATOM   146  C C2    . DC  B 1 3  ? -5.704  -9.532  -18.794 1.00 35.87 ? 3   DC  D C2    1 
ATOM   147  O O2    . DC  B 1 3  ? -4.828  -10.018 -18.102 1.00 36.81 ? 3   DC  D O2    1 
ATOM   148  N N3    . DC  B 1 3  ? -6.890  -9.098  -18.279 1.00 36.51 ? 3   DC  D N3    1 
ATOM   149  C C4    . DC  B 1 3  ? -7.785  -8.556  -19.094 1.00 34.21 ? 3   DC  D C4    1 
ATOM   150  N N4    . DC  B 1 3  ? -8.930  -8.192  -18.521 1.00 37.37 ? 3   DC  D N4    1 
ATOM   151  C C5    . DC  B 1 3  ? -7.552  -8.356  -20.507 1.00 36.15 ? 3   DC  D C5    1 
ATOM   152  C C6    . DC  B 1 3  ? -6.380  -8.783  -20.997 1.00 36.61 ? 3   DC  D C6    1 
ATOM   153  P P     . DC  B 1 4  ? -0.517  -11.328 -22.798 1.00 33.84 ? 4   DC  D P     1 
ATOM   154  O OP1   . DC  B 1 4  ? -0.891  -11.330 -24.220 1.00 32.59 ? 4   DC  D OP1   1 
ATOM   155  O OP2   . DC  B 1 4  ? -0.026  -12.559 -22.120 1.00 33.11 ? 4   DC  D OP2   1 
ATOM   156  O "O5'" . DC  B 1 4  ? 0.639   -10.271 -22.516 1.00 33.83 ? 4   DC  D "O5'" 1 
ATOM   157  C "C5'" . DC  B 1 4  ? 0.708   -9.060  -23.203 1.00 32.75 ? 4   DC  D "C5'" 1 
ATOM   158  C "C4'" . DC  B 1 4  ? 1.262   -7.980  -22.317 1.00 30.96 ? 4   DC  D "C4'" 1 
ATOM   159  O "O4'" . DC  B 1 4  ? 0.249   -7.566  -21.355 1.00 30.81 ? 4   DC  D "O4'" 1 
ATOM   160  C "C3'" . DC  B 1 4  ? 2.397   -8.404  -21.431 1.00 29.33 ? 4   DC  D "C3'" 1 
ATOM   161  O "O3'" . DC  B 1 4  ? 3.571   -8.226  -22.182 1.00 33.41 ? 4   DC  D "O3'" 1 
ATOM   162  C "C2'" . DC  B 1 4  ? 2.371   -7.394  -20.298 1.00 32.59 ? 4   DC  D "C2'" 1 
ATOM   163  C "C1'" . DC  B 1 4  ? 0.865   -7.123  -20.173 1.00 32.20 ? 4   DC  D "C1'" 1 
ATOM   164  N N1    . DC  B 1 4  ? 0.286   -7.942  -19.128 1.00 31.81 ? 4   DC  D N1    1 
ATOM   165  C C2    . DC  B 1 4  ? 0.536   -7.504  -17.840 1.00 32.92 ? 4   DC  D C2    1 
ATOM   166  O O2    . DC  B 1 4  ? 1.271   -6.514  -17.723 1.00 31.83 ? 4   DC  D O2    1 
ATOM   167  N N3    . DC  B 1 4  ? 0.032   -8.254  -16.846 1.00 32.96 ? 4   DC  D N3    1 
ATOM   168  C C4    . DC  B 1 4  ? -0.774  -9.291  -17.086 1.00 33.65 ? 4   DC  D C4    1 
ATOM   169  N N4    . DC  B 1 4  ? -1.266  -9.976  -16.047 1.00 34.15 ? 4   DC  D N4    1 
ATOM   170  C C5    . DC  B 1 4  ? -1.042  -9.764  -18.417 1.00 32.32 ? 4   DC  D C5    1 
ATOM   171  C C6    . DC  B 1 4  ? -0.481  -9.052  -19.388 1.00 32.38 ? 4   DC  D C6    1 
ATOM   172  P P     . DC  B 1 5  ? 4.780   -9.201  -21.968 1.00 34.58 ? 5   DC  D P     1 
ATOM   173  O OP1   . DC  B 1 5  ? 5.812   -8.696  -22.876 1.00 32.91 ? 5   DC  D OP1   1 
ATOM   174  O OP2   . DC  B 1 5  ? 4.397   -10.643 -21.976 1.00 30.32 ? 5   DC  D OP2   1 
ATOM   175  O "O5'" . DC  B 1 5  ? 5.312   -8.766  -20.525 1.00 31.78 ? 5   DC  D "O5'" 1 
ATOM   176  C "C5'" . DC  B 1 5  ? 5.794   -7.456  -20.228 1.00 32.76 ? 5   DC  D "C5'" 1 
ATOM   177  C "C4'" . DC  B 1 5  ? 5.882   -7.384  -18.693 1.00 32.18 ? 5   DC  D "C4'" 1 
ATOM   178  O "O4'" . DC  B 1 5  ? 4.644   -7.851  -18.082 1.00 31.33 ? 5   DC  D "O4'" 1 
ATOM   179  C "C3'" . DC  B 1 5  ? 6.985   -8.267  -18.133 1.00 33.02 ? 5   DC  D "C3'" 1 
ATOM   180  O "O3'" . DC  B 1 5  ? 7.606   -7.644  -17.002 1.00 31.77 ? 5   DC  D "O3'" 1 
ATOM   181  C "C2'" . DC  B 1 5  ? 6.288   -9.534  -17.659 1.00 33.62 ? 5   DC  D "C2'" 1 
ATOM   182  C "C1'" . DC  B 1 5  ? 4.956   -8.950  -17.217 1.00 31.00 ? 5   DC  D "C1'" 1 
ATOM   183  N N1    . DC  B 1 5  ? 3.810   -9.899  -17.282 1.00 34.74 ? 5   DC  D N1    1 
ATOM   184  C C2    . DC  B 1 5  ? 3.199   -10.248 -16.062 1.00 35.51 ? 5   DC  D C2    1 
ATOM   185  O O2    . DC  B 1 5  ? 3.657   -9.738  -15.034 1.00 34.91 ? 5   DC  D O2    1 
ATOM   186  N N3    . DC  B 1 5  ? 2.173   -11.146 -16.068 1.00 36.71 ? 5   DC  D N3    1 
ATOM   187  C C4    . DC  B 1 5  ? 1.739   -11.650 -17.230 1.00 34.81 ? 5   DC  D C4    1 
ATOM   188  N N4    . DC  B 1 5  ? 0.723   -12.541 -17.196 1.00 35.17 ? 5   DC  D N4    1 
ATOM   189  C C5    . DC  B 1 5  ? 2.372   -11.323 -18.485 1.00 35.10 ? 5   DC  D C5    1 
ATOM   190  C C6    . DC  B 1 5  ? 3.392   -10.457 -18.472 1.00 33.03 ? 5   DC  D C6    1 
ATOM   191  P P     . DC  B 1 6  ? 9.085   -7.071  -17.232 1.00 39.46 ? 6   DC  D P     1 
ATOM   192  O OP1   . DC  B 1 6  ? 9.105   -6.262  -15.994 1.00 41.82 ? 6   DC  D OP1   1 
ATOM   193  O OP2   . DC  B 1 6  ? 9.312   -6.538  -18.585 1.00 44.10 ? 6   DC  D OP2   1 
ATOM   194  O "O5'" . DC  B 1 6  ? 10.035  -8.338  -17.140 1.00 36.04 ? 6   DC  D "O5'" 1 
ATOM   195  C "C5'" . DC  B 1 6  ? 10.141  -9.119  -15.951 1.00 34.48 ? 6   DC  D "C5'" 1 
ATOM   196  C "C4'" . DC  B 1 6  ? 10.822  -10.414 -16.295 1.00 31.40 ? 6   DC  D "C4'" 1 
ATOM   197  O "O4'" . DC  B 1 6  ? 9.911   -11.206 -17.073 1.00 29.08 ? 6   DC  D "O4'" 1 
ATOM   198  C "C3'" . DC  B 1 6  ? 12.052  -10.274 -17.200 1.00 31.94 ? 6   DC  D "C3'" 1 
ATOM   199  O "O3'" . DC  B 1 6  ? 12.967  -11.214 -16.819 1.00 33.15 ? 6   DC  D "O3'" 1 
ATOM   200  C "C2'" . DC  B 1 6  ? 11.508  -10.603 -18.597 1.00 32.31 ? 6   DC  D "C2'" 1 
ATOM   201  C "C1'" . DC  B 1 6  ? 10.549  -11.719 -18.205 1.00 31.26 ? 6   DC  D "C1'" 1 
ATOM   202  N N1    . DC  B 1 6  ? 9.345   -11.936 -18.974 1.00 29.02 ? 6   DC  D N1    1 
ATOM   203  C C2    . DC  B 1 6  ? 8.714   -13.182 -18.895 1.00 29.81 ? 6   DC  D C2    1 
ATOM   204  O O2    . DC  B 1 6  ? 9.198   -14.075 -18.230 1.00 30.71 ? 6   DC  D O2    1 
ATOM   205  N N3    . DC  B 1 6  ? 7.566   -13.355 -19.597 1.00 34.49 ? 6   DC  D N3    1 
ATOM   206  C C4    . DC  B 1 6  ? 7.084   -12.332 -20.312 1.00 29.62 ? 6   DC  D C4    1 
ATOM   207  N N4    . DC  B 1 6  ? 5.951   -12.498 -20.991 1.00 34.70 ? 6   DC  D N4    1 
ATOM   208  C C5    . DC  B 1 6  ? 7.730   -11.076 -20.410 1.00 29.51 ? 6   DC  D C5    1 
ATOM   209  C C6    . DC  B 1 6  ? 8.846   -10.925 -19.718 1.00 28.24 ? 6   DC  D C6    1 
ATOM   210  N N     . GLY C 2 1  ? -20.582 -4.974  4.104   1.00 43.11 ? 8   GLY A N     1 
ATOM   211  C CA    . GLY C 2 1  ? -20.373 -5.176  2.636   1.00 42.28 ? 8   GLY A CA    1 
ATOM   212  C C     . GLY C 2 1  ? -19.055 -5.878  2.310   1.00 41.18 ? 8   GLY A C     1 
ATOM   213  O O     . GLY C 2 1  ? -18.346 -6.323  3.207   1.00 41.81 ? 8   GLY A O     1 
ATOM   214  N N     . ALA C 2 2  ? -18.749 -5.964  1.014   1.00 40.38 ? 9   ALA A N     1 
ATOM   215  C CA    . ALA C 2 2  ? -17.572 -6.667  0.481   1.00 39.24 ? 9   ALA A CA    1 
ATOM   216  C C     . ALA C 2 2  ? -16.240 -5.930  0.702   1.00 39.04 ? 9   ALA A C     1 
ATOM   217  O O     . ALA C 2 2  ? -16.054 -4.814  0.220   1.00 39.79 ? 9   ALA A O     1 
ATOM   218  C CB    . ALA C 2 2  ? -17.768 -6.936  -1.008  1.00 39.52 ? 9   ALA A CB    1 
ATOM   219  N N     . MET C 2 3  ? -15.304 -6.564  1.394   1.00 36.16 ? 10  MET A N     1 
ATOM   220  C CA    . MET C 2 3  ? -14.071 -5.904  1.740   1.00 36.26 ? 10  MET A CA    1 
ATOM   221  C C     . MET C 2 3  ? -12.967 -6.190  0.748   1.00 34.99 ? 10  MET A C     1 
ATOM   222  O O     . MET C 2 3  ? -11.949 -5.515  0.770   1.00 35.19 ? 10  MET A O     1 
ATOM   223  C CB    . MET C 2 3  ? -13.614 -6.290  3.147   1.00 36.66 ? 10  MET A CB    1 
ATOM   224  C CG    . MET C 2 3  ? -14.443 -5.714  4.259   1.00 41.09 ? 10  MET A CG    1 
ATOM   225  S SD    . MET C 2 3  ? -14.602 -3.922  4.147   1.00 45.62 ? 10  MET A SD    1 
ATOM   226  C CE    . MET C 2 3  ? -16.278 -3.779  3.520   1.00 46.19 ? 10  MET A CE    1 
ATOM   227  N N     . GLY C 2 4  ? -13.170 -7.178  -0.133  1.00 33.89 ? 11  GLY A N     1 
ATOM   228  C CA    . GLY C 2 4  ? -12.201 -7.439  -1.179  1.00 34.06 ? 11  GLY A CA    1 
ATOM   229  C C     . GLY C 2 4  ? -10.996 -8.197  -0.646  1.00 33.04 ? 11  GLY A C     1 
ATOM   230  O O     . GLY C 2 4  ? -11.008 -8.672  0.507   1.00 32.66 ? 11  GLY A O     1 
ATOM   231  N N     . PRO C 2 5  ? -9.964  -8.372  -1.503  1.00 33.12 ? 12  PRO A N     1 
ATOM   232  C CA    . PRO C 2 5  ? -8.778  -9.150  -1.190  1.00 32.54 ? 12  PRO A CA    1 
ATOM   233  C C     . PRO C 2 5  ? -7.983  -8.557  -0.045  1.00 31.88 ? 12  PRO A C     1 
ATOM   234  O O     . PRO C 2 5  ? -8.042  -7.354  0.199   1.00 32.98 ? 12  PRO A O     1 
ATOM   235  C CB    . PRO C 2 5  ? -7.953  -9.028  -2.479  1.00 32.57 ? 12  PRO A CB    1 
ATOM   236  C CG    . PRO C 2 5  ? -8.911  -8.803  -3.519  1.00 34.31 ? 12  PRO A CG    1 
ATOM   237  C CD    . PRO C 2 5  ? -9.931  -7.917  -2.899  1.00 33.65 ? 12  PRO A CD    1 
ATOM   238  N N     . ILE C 2 6  ? -7.289  -9.432  0.664   1.00 31.81 ? 13  ILE A N     1 
ATOM   239  C CA    . ILE C 2 6  ? -6.254  -9.038  1.582   1.00 31.37 ? 13  ILE A CA    1 
ATOM   240  C C     . ILE C 2 6  ? -5.043  -8.676  0.729   1.00 31.15 ? 13  ILE A C     1 
ATOM   241  O O     . ILE C 2 6  ? -4.667  -9.389  -0.187  1.00 29.22 ? 13  ILE A O     1 
ATOM   242  C CB    . ILE C 2 6  ? -5.957  -10.148 2.489   1.00 30.71 ? 13  ILE A CB    1 
ATOM   243  C CG1   . ILE C 2 6  ? -7.144  -10.370 3.422   1.00 33.36 ? 13  ILE A CG1   1 
ATOM   244  C CG2   . ILE C 2 6  ? -4.786  -9.832  3.404   1.00 29.93 ? 13  ILE A CG2   1 
ATOM   245  C CD1   . ILE C 2 6  ? -6.832  -11.465 4.352   1.00 38.25 ? 13  ILE A CD1   1 
ATOM   246  N N     . ILE C 2 7  ? -4.474  -7.525  1.011   1.00 32.66 ? 14  ILE A N     1 
ATOM   247  C CA    . ILE C 2 7  ? -3.387  -6.998  0.228   1.00 32.33 ? 14  ILE A CA    1 
ATOM   248  C C     . ILE C 2 7  ? -2.350  -6.518  1.221   1.00 33.07 ? 14  ILE A C     1 
ATOM   249  O O     . ILE C 2 7  ? -2.624  -6.397  2.422   1.00 32.50 ? 14  ILE A O     1 
ATOM   250  C CB    . ILE C 2 7  ? -3.827  -5.899  -0.778  1.00 32.00 ? 14  ILE A CB    1 
ATOM   251  C CG1   . ILE C 2 7  ? -4.780  -4.881  -0.115  1.00 32.25 ? 14  ILE A CG1   1 
ATOM   252  C CG2   . ILE C 2 7  ? -4.481  -6.523  -2.001  1.00 33.48 ? 14  ILE A CG2   1 
ATOM   253  C CD1   . ILE C 2 7  ? -4.969  -3.507  -0.876  1.00 33.58 ? 14  ILE A CD1   1 
ATOM   254  N N     . THR C 2 8  ? -1.137  -6.300  0.727   1.00 31.95 ? 15  THR A N     1 
ATOM   255  C CA    . THR C 2 8  ? -0.048  -5.850  1.570   1.00 32.62 ? 15  THR A CA    1 
ATOM   256  C C     . THR C 2 8  ? 0.518   -4.523  1.074   1.00 32.99 ? 15  THR A C     1 
ATOM   257  O O     . THR C 2 8  ? 0.781   -4.385  -0.096  1.00 32.31 ? 15  THR A O     1 
ATOM   258  C CB    . THR C 2 8  ? 1.017   -6.922  1.656   1.00 32.59 ? 15  THR A CB    1 
ATOM   259  O OG1   . THR C 2 8  ? 0.417   -8.051  2.299   1.00 36.22 ? 15  THR A OG1   1 
ATOM   260  C CG2   . THR C 2 8  ? 2.213   -6.450  2.540   1.00 33.23 ? 15  THR A CG2   1 
ATOM   261  N N     . THR C 2 9  ? 0.607   -3.536  1.968   1.00 33.21 ? 16  THR A N     1 
ATOM   262  C CA    . THR C 2 9  ? 1.214   -2.275  1.622   1.00 34.71 ? 16  THR A CA    1 
ATOM   263  C C     . THR C 2 9  ? 2.316   -2.033  2.618   1.00 33.84 ? 16  THR A C     1 
ATOM   264  O O     . THR C 2 9  ? 2.241   -2.454  3.782   1.00 34.01 ? 16  THR A O     1 
ATOM   265  C CB    . THR C 2 9  ? 0.239   -1.060  1.713   1.00 36.04 ? 16  THR A CB    1 
ATOM   266  O OG1   . THR C 2 9  ? -0.935  -1.325  0.929   1.00 42.39 ? 16  THR A OG1   1 
ATOM   267  C CG2   . THR C 2 9  ? 0.913   0.227   1.111   1.00 36.46 ? 16  THR A CG2   1 
ATOM   268  N N     . GLN C 2 10 ? 3.311   -1.303  2.167   1.00 31.80 ? 17  GLN A N     1 
ATOM   269  C CA    . GLN C 2 10 ? 4.372   -0.869  3.059   1.00 31.63 ? 17  GLN A CA    1 
ATOM   270  C C     . GLN C 2 10 ? 4.434   0.639   3.103   1.00 32.97 ? 17  GLN A C     1 
ATOM   271  O O     . GLN C 2 10 ? 4.161   1.327   2.074   1.00 32.59 ? 17  GLN A O     1 
ATOM   272  C CB    . GLN C 2 10 ? 5.669   -1.419  2.518   1.00 32.82 ? 17  GLN A CB    1 
ATOM   273  C CG    . GLN C 2 10 ? 5.718   -2.913  2.571   1.00 29.92 ? 17  GLN A CG    1 
ATOM   274  C CD    . GLN C 2 10 ? 7.080   -3.433  2.239   1.00 28.96 ? 17  GLN A CD    1 
ATOM   275  O OE1   . GLN C 2 10 ? 7.719   -3.020  1.280   1.00 27.88 ? 17  GLN A OE1   1 
ATOM   276  N NE2   . GLN C 2 10 ? 7.540   -4.376  3.033   1.00 32.86 ? 17  GLN A NE2   1 
ATOM   277  N N     . VAL C 2 11 ? 4.849   1.168   4.243   1.00 33.17 ? 18  VAL A N     1 
ATOM   278  C CA    . VAL C 2 11 ? 5.130   2.599   4.337   1.00 35.71 ? 18  VAL A CA    1 
ATOM   279  C C     . VAL C 2 11 ? 6.372   2.705   5.164   1.00 35.69 ? 18  VAL A C     1 
ATOM   280  O O     . VAL C 2 11 ? 6.632   1.840   5.968   1.00 36.76 ? 18  VAL A O     1 
ATOM   281  C CB    . VAL C 2 11 ? 4.003   3.340   5.054   1.00 36.38 ? 18  VAL A CB    1 
ATOM   282  C CG1   . VAL C 2 11 ? 2.821   3.517   4.113   1.00 39.43 ? 18  VAL A CG1   1 
ATOM   283  C CG2   . VAL C 2 11 ? 3.568   2.608   6.272   1.00 38.54 ? 18  VAL A CG2   1 
ATOM   284  N N     . THR C 2 12 ? 7.137   3.760   5.007   1.00 36.37 ? 19  THR A N     1 
ATOM   285  C CA    . THR C 2 12 ? 8.277   3.858   5.889   1.00 37.40 ? 19  THR A CA    1 
ATOM   286  C C     . THR C 2 12 ? 8.000   4.931   6.910   1.00 38.49 ? 19  THR A C     1 
ATOM   287  O O     . THR C 2 12 ? 7.263   5.873   6.641   1.00 39.83 ? 19  THR A O     1 
ATOM   288  C CB    . THR C 2 12 ? 9.558   4.112   5.128   1.00 36.53 ? 19  THR A CB    1 
ATOM   289  O OG1   . THR C 2 12 ? 9.555   5.442   4.586   1.00 38.83 ? 19  THR A OG1   1 
ATOM   290  C CG2   . THR C 2 12 ? 9.668   3.112   3.937   1.00 37.12 ? 19  THR A CG2   1 
ATOM   291  N N     . ILE C 2 13 ? 8.574   4.786   8.089   1.00 38.86 ? 20  ILE A N     1 
ATOM   292  C CA    . ILE C 2 13 ? 8.515   5.850   9.072   1.00 39.94 ? 20  ILE A CA    1 
ATOM   293  C C     . ILE C 2 13 ? 9.900   6.205   9.492   1.00 38.70 ? 20  ILE A C     1 
ATOM   294  O O     . ILE C 2 13 ? 10.738  5.321   9.649   1.00 39.07 ? 20  ILE A O     1 
ATOM   295  C CB    . ILE C 2 13 ? 7.686   5.482   10.302  1.00 40.22 ? 20  ILE A CB    1 
ATOM   296  C CG1   . ILE C 2 13 ? 8.210   4.192   10.971  1.00 39.26 ? 20  ILE A CG1   1 
ATOM   297  C CG2   . ILE C 2 13 ? 6.274   5.248   9.850   1.00 43.25 ? 20  ILE A CG2   1 
ATOM   298  C CD1   . ILE C 2 13 ? 7.640   3.898   12.395  1.00 43.01 ? 20  ILE A CD1   1 
ATOM   299  N N     . PRO C 2 14 ? 10.155  7.507   9.684   1.00 37.95 ? 21  PRO A N     1 
ATOM   300  C CA    . PRO C 2 14 ? 11.402  7.844   10.295  1.00 36.64 ? 21  PRO A CA    1 
ATOM   301  C C     . PRO C 2 14 ? 11.557  7.024   11.562  1.00 36.14 ? 21  PRO A C     1 
ATOM   302  O O     . PRO C 2 14 ? 10.639  6.921   12.378  1.00 35.63 ? 21  PRO A O     1 
ATOM   303  C CB    . PRO C 2 14 ? 11.259  9.340   10.591  1.00 36.42 ? 21  PRO A CB    1 
ATOM   304  C CG    . PRO C 2 14 ? 10.268  9.822   9.622   1.00 36.93 ? 21  PRO A CG    1 
ATOM   305  C CD    . PRO C 2 14 ? 9.338   8.693   9.370   1.00 37.55 ? 21  PRO A CD    1 
ATOM   306  N N     . LYS C 2 15 ? 12.733  6.440   11.722  1.00 37.01 ? 22  LYS A N     1 
ATOM   307  C CA    . LYS C 2 15 ? 12.973  5.520   12.806  1.00 37.41 ? 22  LYS A CA    1 
ATOM   308  C C     . LYS C 2 15 ? 12.632  6.136   14.161  1.00 37.91 ? 22  LYS A C     1 
ATOM   309  O O     . LYS C 2 15 ? 12.180  5.431   15.079  1.00 37.43 ? 22  LYS A O     1 
ATOM   310  C CB    . LYS C 2 15 ? 14.418  5.017   12.759  1.00 38.25 ? 22  LYS A CB    1 
ATOM   311  C CG    . LYS C 2 15 ? 15.446  6.019   13.228  1.00 41.26 ? 22  LYS A CG    1 
ATOM   312  C CD    . LYS C 2 15 ? 16.860  5.514   13.073  1.00 47.07 ? 22  LYS A CD    1 
ATOM   313  C CE    . LYS C 2 15 ? 17.828  6.399   13.864  1.00 47.51 ? 22  LYS A CE    1 
ATOM   314  N NZ    . LYS C 2 15 ? 18.905  6.977   12.995  1.00 52.81 ? 22  LYS A NZ    1 
ATOM   315  N N     . ASP C 2 16 ? 12.782  7.452   14.286  1.00 36.33 ? 23  ASP A N     1 
ATOM   316  C CA    . ASP C 2 16 ? 12.589  8.031   15.604  1.00 37.02 ? 23  ASP A CA    1 
ATOM   317  C C     . ASP C 2 16 ? 11.140  8.110   15.977  1.00 36.50 ? 23  ASP A C     1 
ATOM   318  O O     . ASP C 2 16 ? 10.823  8.284   17.148  1.00 38.66 ? 23  ASP A O     1 
ATOM   319  C CB    . ASP C 2 16 ? 13.243  9.393   15.668  1.00 37.16 ? 23  ASP A CB    1 
ATOM   320  C CG    . ASP C 2 16 ? 14.725  9.282   15.804  1.00 40.07 ? 23  ASP A CG    1 
ATOM   321  O OD1   . ASP C 2 16 ? 15.170  8.202   16.257  1.00 44.16 ? 23  ASP A OD1   1 
ATOM   322  O OD2   . ASP C 2 16 ? 15.440  10.244  15.479  1.00 43.01 ? 23  ASP A OD2   1 
ATOM   323  N N     . LEU C 2 17 ? 10.256  7.984   14.996  1.00 34.07 ? 24  LEU A N     1 
ATOM   324  C CA    . LEU C 2 17 ? 8.855   7.980   15.286  1.00 34.48 ? 24  LEU A CA    1 
ATOM   325  C C     . LEU C 2 17 ? 8.382   6.583   15.657  1.00 34.04 ? 24  LEU A C     1 
ATOM   326  O O     . LEU C 2 17 ? 7.263   6.422   16.171  1.00 34.81 ? 24  LEU A O     1 
ATOM   327  C CB    . LEU C 2 17 ? 8.053   8.556   14.117  1.00 33.82 ? 24  LEU A CB    1 
ATOM   328  C CG    . LEU C 2 17 ? 8.519   9.901   13.553  1.00 34.10 ? 24  LEU A CG    1 
ATOM   329  C CD1   . LEU C 2 17 ? 7.489   10.435  12.516  1.00 37.01 ? 24  LEU A CD1   1 
ATOM   330  C CD2   . LEU C 2 17 ? 8.845   10.970  14.601  1.00 37.34 ? 24  LEU A CD2   1 
ATOM   331  N N     . ALA C 2 18 ? 9.226   5.580   15.466  1.00 35.24 ? 25  ALA A N     1 
ATOM   332  C CA    . ALA C 2 18 ? 8.732   4.189   15.644  1.00 35.45 ? 25  ALA A CA    1 
ATOM   333  C C     . ALA C 2 18 ? 8.210   3.920   17.033  1.00 36.06 ? 25  ALA A C     1 
ATOM   334  O O     . ALA C 2 18 ? 7.217   3.224   17.167  1.00 37.86 ? 25  ALA A O     1 
ATOM   335  C CB    . ALA C 2 18 ? 9.752   3.147   15.233  1.00 36.06 ? 25  ALA A CB    1 
ATOM   336  N N     . GLY C 2 19 ? 8.828   4.515   18.052  1.00 35.77 ? 26  GLY A N     1 
ATOM   337  C CA    . GLY C 2 19 ? 8.421   4.249   19.434  1.00 36.52 ? 26  GLY A CA    1 
ATOM   338  C C     . GLY C 2 19 ? 6.972   4.678   19.651  1.00 36.29 ? 26  GLY A C     1 
ATOM   339  O O     . GLY C 2 19 ? 6.249   4.048   20.429  1.00 35.83 ? 26  GLY A O     1 
ATOM   340  N N     . SER C 2 20 ? 6.540   5.747   18.957  1.00 35.66 ? 27  SER A N     1 
ATOM   341  C CA    . SER C 2 20 ? 5.161   6.260   19.114  1.00 35.66 ? 27  SER A CA    1 
ATOM   342  C C     . SER C 2 20 ? 4.120   5.313   18.574  1.00 35.89 ? 27  SER A C     1 
ATOM   343  O O     . SER C 2 20 ? 2.999   5.232   19.079  1.00 36.70 ? 27  SER A O     1 
ATOM   344  C CB    . SER C 2 20 ? 4.991   7.655   18.472  1.00 35.70 ? 27  SER A CB    1 
ATOM   345  O OG    . SER C 2 20 ? 4.834   7.539   17.062  1.00 37.51 ? 27  SER A OG    1 
ATOM   346  N N     . ILE C 2 21 ? 4.458   4.628   17.509  1.00 35.57 ? 28  ILE A N     1 
ATOM   347  C CA    . ILE C 2 21 ? 3.530   3.685   16.971  1.00 37.04 ? 28  ILE A CA    1 
ATOM   348  C C     . ILE C 2 21 ? 3.503   2.397   17.767  1.00 35.64 ? 28  ILE A C     1 
ATOM   349  O O     . ILE C 2 21 ? 2.479   1.673   17.749  1.00 36.04 ? 28  ILE A O     1 
ATOM   350  C CB    . ILE C 2 21 ? 3.647   3.435   15.426  1.00 37.28 ? 28  ILE A CB    1 
ATOM   351  C CG1   . ILE C 2 21 ? 4.815   2.595   15.040  1.00 41.71 ? 28  ILE A CG1   1 
ATOM   352  C CG2   . ILE C 2 21 ? 3.552   4.726   14.613  1.00 40.18 ? 28  ILE A CG2   1 
ATOM   353  C CD1   . ILE C 2 21 ? 4.467   1.161   15.200  1.00 53.02 ? 28  ILE A CD1   1 
ATOM   354  N N     . ILE C 2 22 ? 4.643   2.031   18.371  1.00 33.51 ? 29  ILE A N     1 
ATOM   355  C CA    . ILE C 2 22 ? 4.699   0.771   19.079  1.00 32.70 ? 29  ILE A CA    1 
ATOM   356  C C     . ILE C 2 22 ? 4.129   0.932   20.463  1.00 33.35 ? 29  ILE A C     1 
ATOM   357  O O     . ILE C 2 22 ? 3.284   0.161   20.872  1.00 34.18 ? 29  ILE A O     1 
ATOM   358  C CB    . ILE C 2 22 ? 6.151   0.241   19.132  1.00 34.33 ? 29  ILE A CB    1 
ATOM   359  C CG1   . ILE C 2 22 ? 6.610   0.045   17.674  1.00 33.32 ? 29  ILE A CG1   1 
ATOM   360  C CG2   . ILE C 2 22 ? 6.214   -1.090  19.948  1.00 33.00 ? 29  ILE A CG2   1 
ATOM   361  C CD1   . ILE C 2 22 ? 8.120   -0.316  17.559  1.00 35.46 ? 29  ILE A CD1   1 
ATOM   362  N N     . GLY C 2 23 ? 4.572   1.965   21.180  1.00 33.58 ? 30  GLY A N     1 
ATOM   363  C CA    . GLY C 2 23 ? 4.091   2.230   22.535  1.00 32.26 ? 30  GLY A CA    1 
ATOM   364  C C     . GLY C 2 23 ? 4.802   1.327   23.528  1.00 32.28 ? 30  GLY A C     1 
ATOM   365  O O     . GLY C 2 23 ? 5.420   0.350   23.161  1.00 32.12 ? 30  GLY A O     1 
ATOM   366  N N     A LYS C 2 24 ? 4.696   1.663   24.799  0.50 31.46 ? 31  LYS A N     1 
ATOM   367  N N     B LYS C 2 24 ? 4.725   1.673   24.805  0.50 31.54 ? 31  LYS A N     1 
ATOM   368  C CA    A LYS C 2 24 ? 5.324   0.892   25.857  0.50 30.84 ? 31  LYS A CA    1 
ATOM   369  C CA    B LYS C 2 24 ? 5.355   0.868   25.847  0.50 31.04 ? 31  LYS A CA    1 
ATOM   370  C C     A LYS C 2 24 ? 4.793   -0.544  25.866  0.50 31.09 ? 31  LYS A C     1 
ATOM   371  C C     B LYS C 2 24 ? 4.800   -0.544  25.842  0.50 31.18 ? 31  LYS A C     1 
ATOM   372  O O     A LYS C 2 24 ? 3.575   -0.785  25.795  0.50 31.25 ? 31  LYS A O     1 
ATOM   373  O O     B LYS C 2 24 ? 3.580   -0.769  25.744  0.50 31.29 ? 31  LYS A O     1 
ATOM   374  C CB    A LYS C 2 24 ? 5.056   1.592   27.204  0.50 30.46 ? 31  LYS A CB    1 
ATOM   375  C CB    B LYS C 2 24 ? 5.165   1.503   27.243  0.50 30.63 ? 31  LYS A CB    1 
ATOM   376  C CG    A LYS C 2 24 ? 5.766   1.007   28.392  0.50 30.45 ? 31  LYS A CG    1 
ATOM   377  C CG    B LYS C 2 24 ? 6.224   2.523   27.640  0.50 31.88 ? 31  LYS A CG    1 
ATOM   378  C CD    A LYS C 2 24 ? 7.207   1.444   28.529  0.50 32.52 ? 31  LYS A CD    1 
ATOM   379  C CD    B LYS C 2 24 ? 7.626   1.899   27.761  0.50 30.02 ? 31  LYS A CD    1 
ATOM   380  C CE    A LYS C 2 24 ? 7.635   1.214   29.951  0.50 31.39 ? 31  LYS A CE    1 
ATOM   381  C CE    B LYS C 2 24 ? 8.250   2.260   29.098  0.50 30.58 ? 31  LYS A CE    1 
ATOM   382  N NZ    A LYS C 2 24 ? 9.087   1.001   30.101  0.50 33.45 ? 31  LYS A NZ    1 
ATOM   383  N NZ    B LYS C 2 24 ? 9.601   2.846   28.952  0.50 30.86 ? 31  LYS A NZ    1 
ATOM   384  N N     . GLY C 2 25 ? 5.699   -1.514  25.889  1.00 31.50 ? 32  GLY A N     1 
ATOM   385  C CA    . GLY C 2 25 ? 5.279   -2.934  25.798  1.00 30.72 ? 32  GLY A CA    1 
ATOM   386  C C     . GLY C 2 25 ? 4.634   -3.290  24.484  1.00 32.05 ? 32  GLY A C     1 
ATOM   387  O O     . GLY C 2 25 ? 4.112   -4.374  24.356  1.00 32.96 ? 32  GLY A O     1 
ATOM   388  N N     . GLY C 2 26 ? 4.697   -2.402  23.489  1.00 31.62 ? 33  GLY A N     1 
ATOM   389  C CA    . GLY C 2 26 ? 3.958   -2.619  22.229  1.00 32.15 ? 33  GLY A CA    1 
ATOM   390  C C     . GLY C 2 26 ? 2.445   -2.373  22.379  1.00 34.19 ? 33  GLY A C     1 
ATOM   391  O O     . GLY C 2 26 ? 1.637   -2.789  21.536  1.00 34.96 ? 33  GLY A O     1 
ATOM   392  N N     . GLN C 2 27 ? 2.032   -1.674  23.437  1.00 34.62 ? 34  GLN A N     1 
ATOM   393  C CA    . GLN C 2 27 ? 0.592   -1.547  23.664  1.00 36.23 ? 34  GLN A CA    1 
ATOM   394  C C     . GLN C 2 27 ? -0.104  -0.746  22.542  1.00 36.72 ? 34  GLN A C     1 
ATOM   395  O O     . GLN C 2 27 ? -1.261  -1.014  22.216  1.00 36.18 ? 34  GLN A O     1 
ATOM   396  C CB    . GLN C 2 27 ? 0.305   -0.953  25.028  1.00 37.22 ? 34  GLN A CB    1 
ATOM   397  C CG    . GLN C 2 27 ? 0.610   0.529   25.089  1.00 41.64 ? 34  GLN A CG    1 
ATOM   398  C CD    . GLN C 2 27 ? 0.302   1.115   26.456  1.00 45.75 ? 34  GLN A CD    1 
ATOM   399  O OE1   . GLN C 2 27 ? -0.427  0.506   27.264  1.00 46.21 ? 34  GLN A OE1   1 
ATOM   400  N NE2   . GLN C 2 27 ? 0.860   2.307   26.728  1.00 48.13 ? 34  GLN A NE2   1 
ATOM   401  N N     . ARG C 2 28 ? 0.580   0.234   21.957  1.00 35.93 ? 35  ARG A N     1 
ATOM   402  C CA    . ARG C 2 28 ? -0.053  1.048   20.920  1.00 36.94 ? 35  ARG A CA    1 
ATOM   403  C C     . ARG C 2 28 ? -0.242  0.234   19.653  1.00 35.08 ? 35  ARG A C     1 
ATOM   404  O O     . ARG C 2 28 ? -1.330  0.168   19.070  1.00 34.80 ? 35  ARG A O     1 
ATOM   405  C CB    . ARG C 2 28 ? 0.697   2.375   20.627  1.00 38.60 ? 35  ARG A CB    1 
ATOM   406  C CG    . ARG C 2 28 ? 0.068   3.280   19.476  1.00 38.97 ? 35  ARG A CG    1 
ATOM   407  C CD    . ARG C 2 28 ? -1.495  3.484   19.550  1.00 45.27 ? 35  ARG A CD    1 
ATOM   408  N NE    . ARG C 2 28 ? -2.021  4.395   18.496  1.00 45.41 ? 35  ARG A NE    1 
ATOM   409  C CZ    . ARG C 2 28 ? -3.321  4.541   18.181  1.00 48.47 ? 35  ARG A CZ    1 
ATOM   410  N NH1   . ARG C 2 28 ? -4.256  3.842   18.826  1.00 48.64 ? 35  ARG A NH1   1 
ATOM   411  N NH2   . ARG C 2 28 ? -3.709  5.379   17.201  1.00 45.25 ? 35  ARG A NH2   1 
ATOM   412  N N     . ILE C 2 29 ? 0.823   -0.413  19.214  1.00 34.19 ? 36  ILE A N     1 
ATOM   413  C CA    . ILE C 2 29 ? 0.715   -1.145  17.977  1.00 33.27 ? 36  ILE A CA    1 
ATOM   414  C C     . ILE C 2 29 ? -0.211  -2.350  18.162  1.00 34.10 ? 36  ILE A C     1 
ATOM   415  O O     . ILE C 2 29 ? -0.947  -2.712  17.251  1.00 33.95 ? 36  ILE A O     1 
ATOM   416  C CB    . ILE C 2 29 ? 2.076   -1.555  17.456  1.00 33.17 ? 36  ILE A CB    1 
ATOM   417  C CG1   . ILE C 2 29 ? 1.935   -2.163  16.057  1.00 35.64 ? 36  ILE A CG1   1 
ATOM   418  C CG2   . ILE C 2 29 ? 2.786   -2.579  18.418  1.00 31.64 ? 36  ILE A CG2   1 
ATOM   419  C CD1   . ILE C 2 29 ? 1.422   -1.057  15.011  1.00 41.75 ? 36  ILE A CD1   1 
ATOM   420  N N     . LYS C 2 30 ? -0.224  -2.957  19.355  1.00 34.89 ? 37  LYS A N     1 
ATOM   421  C CA    . LYS C 2 30 ? -1.219  -4.020  19.584  1.00 33.50 ? 37  LYS A CA    1 
ATOM   422  C C     . LYS C 2 30 ? -2.619  -3.431  19.388  1.00 34.81 ? 37  LYS A C     1 
ATOM   423  O O     . LYS C 2 30 ? -3.480  -4.042  18.758  1.00 34.40 ? 37  LYS A O     1 
ATOM   424  C CB    . LYS C 2 30 ? -1.072  -4.611  20.979  1.00 35.14 ? 37  LYS A CB    1 
ATOM   425  C CG    . LYS C 2 30 ? 0.181   -5.502  21.102  1.00 37.60 ? 37  LYS A CG    1 
ATOM   426  C CD    . LYS C 2 30 ? 0.168   -6.246  22.438  1.00 42.73 ? 37  LYS A CD    1 
ATOM   427  C CE    . LYS C 2 30 ? 1.556   -6.531  22.922  1.00 43.45 ? 37  LYS A CE    1 
ATOM   428  N NZ    . LYS C 2 30 ? 1.466   -6.971  24.351  1.00 45.46 ? 37  LYS A NZ    1 
ATOM   429  N N     . GLN C 2 31 ? -2.838  -2.226  19.897  1.00 34.53 ? 38  GLN A N     1 
ATOM   430  C CA    . GLN C 2 31 ? -4.172  -1.630  19.759  1.00 35.99 ? 38  GLN A CA    1 
ATOM   431  C C     . GLN C 2 31 ? -4.512  -1.337  18.316  1.00 35.34 ? 38  GLN A C     1 
ATOM   432  O O     . GLN C 2 31 ? -5.643  -1.559  17.863  1.00 35.31 ? 38  GLN A O     1 
ATOM   433  C CB    . GLN C 2 31 ? -4.258  -0.333  20.565  1.00 37.10 ? 38  GLN A CB    1 
ATOM   434  C CG    . GLN C 2 31 ? -5.575  0.441   20.347  1.00 40.79 ? 38  GLN A CG    1 
ATOM   435  C CD    . GLN C 2 31 ? -6.822  -0.345  20.748  1.00 47.15 ? 38  GLN A CD    1 
ATOM   436  O OE1   . GLN C 2 31 ? -6.760  -1.260  21.598  1.00 49.98 ? 38  GLN A OE1   1 
ATOM   437  N NE2   . GLN C 2 31 ? -7.983  0.039   20.170  1.00 46.96 ? 38  GLN A NE2   1 
ATOM   438  N N     . ILE C 2 32 ? -3.561  -0.769  17.608  1.00 34.33 ? 39  ILE A N     1 
ATOM   439  C CA    . ILE C 2 32 ? -3.790  -0.421  16.228  1.00 33.83 ? 39  ILE A CA    1 
ATOM   440  C C     . ILE C 2 32 ? -4.066  -1.692  15.417  1.00 34.66 ? 39  ILE A C     1 
ATOM   441  O O     . ILE C 2 32 ? -4.936  -1.703  14.537  1.00 33.56 ? 39  ILE A O     1 
ATOM   442  C CB    . ILE C 2 32 ? -2.559  0.320   15.659  1.00 34.22 ? 39  ILE A CB    1 
ATOM   443  C CG1   . ILE C 2 32 ? -2.414  1.716   16.273  1.00 35.99 ? 39  ILE A CG1   1 
ATOM   444  C CG2   . ILE C 2 32 ? -2.640  0.398   14.114  1.00 35.39 ? 39  ILE A CG2   1 
ATOM   445  C CD1   . ILE C 2 32 ? -1.038  2.326   16.029  1.00 38.04 ? 39  ILE A CD1   1 
ATOM   446  N N     . ARG C 2 33 ? -3.309  -2.770  15.659  1.00 32.78 ? 40  ARG A N     1 
ATOM   447  C CA    . ARG C 2 33 ? -3.604  -4.029  14.991  1.00 32.90 ? 40  ARG A CA    1 
ATOM   448  C C     . ARG C 2 33 ? -5.009  -4.501  15.304  1.00 34.48 ? 40  ARG A C     1 
ATOM   449  O O     . ARG C 2 33 ? -5.789  -4.838  14.424  1.00 33.48 ? 40  ARG A O     1 
ATOM   450  C CB    . ARG C 2 33 ? -2.619  -5.099  15.463  1.00 32.87 ? 40  ARG A CB    1 
ATOM   451  C CG    . ARG C 2 33 ? -1.216  -4.880  14.952  1.00 30.45 ? 40  ARG A CG    1 
ATOM   452  C CD    . ARG C 2 33 ? -0.267  -5.859  15.665  1.00 33.32 ? 40  ARG A CD    1 
ATOM   453  N NE    . ARG C 2 33 ? 1.064   -5.744  15.130  1.00 33.83 ? 40  ARG A NE    1 
ATOM   454  C CZ    . ARG C 2 33 ? 2.192   -5.745  15.852  1.00 34.82 ? 40  ARG A CZ    1 
ATOM   455  N NH1   . ARG C 2 33 ? 2.145   -5.811  17.172  1.00 33.65 ? 40  ARG A NH1   1 
ATOM   456  N NH2   . ARG C 2 33 ? 3.341   -5.582  15.241  1.00 35.59 ? 40  ARG A NH2   1 
ATOM   457  N N     . HIS C 2 34 ? -5.322  -4.511  16.587  1.00 34.15 ? 41  HIS A N     1 
ATOM   458  C CA    . HIS C 2 34 ? -6.660  -4.892  17.020  1.00 35.25 ? 41  HIS A CA    1 
ATOM   459  C C     . HIS C 2 34 ? -7.771  -4.033  16.399  1.00 35.44 ? 41  HIS A C     1 
ATOM   460  O O     . HIS C 2 34 ? -8.766  -4.555  15.875  1.00 35.01 ? 41  HIS A O     1 
ATOM   461  C CB    . HIS C 2 34 ? -6.729  -4.842  18.513  1.00 35.56 ? 41  HIS A CB    1 
ATOM   462  C CG    . HIS C 2 34 ? -8.123  -4.953  19.038  1.00 38.84 ? 41  HIS A CG    1 
ATOM   463  N ND1   . HIS C 2 34 ? -8.880  -6.094  18.889  1.00 40.25 ? 41  HIS A ND1   1 
ATOM   464  C CD2   . HIS C 2 34 ? -8.913  -4.050  19.657  1.00 40.60 ? 41  HIS A CD2   1 
ATOM   465  C CE1   . HIS C 2 34 ? -10.081 -5.889  19.398  1.00 41.69 ? 41  HIS A CE1   1 
ATOM   466  N NE2   . HIS C 2 34 ? -10.123 -4.660  19.881  1.00 42.40 ? 41  HIS A NE2   1 
ATOM   467  N N     . GLU C 2 35 ? -7.601  -2.720  16.450  1.00 34.85 ? 42  GLU A N     1 
ATOM   468  C CA    . GLU C 2 35 ? -8.649  -1.803  16.010  1.00 35.21 ? 42  GLU A CA    1 
ATOM   469  C C     . GLU C 2 35 ? -8.831  -1.857  14.491  1.00 33.51 ? 42  GLU A C     1 
ATOM   470  O O     . GLU C 2 35 ? -9.954  -1.929  13.993  1.00 33.67 ? 42  GLU A O     1 
ATOM   471  C CB    . GLU C 2 35 ? -8.262  -0.374  16.398  1.00 35.31 ? 42  GLU A CB    1 
ATOM   472  C CG    . GLU C 2 35 ? -9.344  0.670   16.068  1.00 39.00 ? 42  GLU A CG    1 
ATOM   473  C CD    . GLU C 2 35 ? -9.118  2.005   16.785  1.00 40.23 ? 42  GLU A CD    1 
ATOM   474  O OE1   . GLU C 2 35 ? -8.301  2.049   17.749  1.00 43.62 ? 42  GLU A OE1   1 
ATOM   475  O OE2   . GLU C 2 35 ? -9.781  2.993   16.376  1.00 46.29 ? 42  GLU A OE2   1 
ATOM   476  N N     . SER C 2 36 ? -7.712  -1.806  13.776  1.00 32.78 ? 43  SER A N     1 
ATOM   477  C CA    . SER C 2 36 ? -7.715  -1.844  12.308  1.00 33.96 ? 43  SER A CA    1 
ATOM   478  C C     . SER C 2 36 ? -8.078  -3.213  11.690  1.00 34.09 ? 43  SER A C     1 
ATOM   479  O O     . SER C 2 36 ? -8.690  -3.293  10.588  1.00 34.40 ? 43  SER A O     1 
ATOM   480  C CB    . SER C 2 36 ? -6.386  -1.381  11.759  1.00 33.42 ? 43  SER A CB    1 
ATOM   481  O OG    . SER C 2 36 ? -5.363  -2.353  11.959  1.00 34.10 ? 43  SER A OG    1 
ATOM   482  N N     . GLY C 2 37 ? -7.774  -4.286  12.417  1.00 33.88 ? 44  GLY A N     1 
ATOM   483  C CA    . GLY C 2 37 ? -7.968  -5.623  11.871  1.00 33.22 ? 44  GLY A CA    1 
ATOM   484  C C     . GLY C 2 37 ? -6.838  -6.010  10.923  1.00 35.03 ? 44  GLY A C     1 
ATOM   485  O O     . GLY C 2 37 ? -6.758  -7.149  10.479  1.00 34.48 ? 44  GLY A O     1 
ATOM   486  N N     . ALA C 2 38 ? -5.929  -5.069  10.667  1.00 33.90 ? 45  ALA A N     1 
ATOM   487  C CA    . ALA C 2 38 ? -4.808  -5.276  9.748   1.00 34.95 ? 45  ALA A CA    1 
ATOM   488  C C     . ALA C 2 38 ? -3.661  -5.956  10.481  1.00 34.83 ? 45  ALA A C     1 
ATOM   489  O O     . ALA C 2 38 ? -3.438  -5.673  11.673  1.00 36.36 ? 45  ALA A O     1 
ATOM   490  C CB    . ALA C 2 38 ? -4.313  -3.936  9.213   1.00 33.86 ? 45  ALA A CB    1 
ATOM   491  N N     . SER C 2 39 ? -2.875  -6.760  9.779   1.00 35.32 ? 46  SER A N     1 
ATOM   492  C CA    . SER C 2 39 ? -1.592  -7.209  10.355  1.00 35.78 ? 46  SER A CA    1 
ATOM   493  C C     . SER C 2 39 ? -0.610  -6.103  10.105  1.00 36.34 ? 46  SER A C     1 
ATOM   494  O O     . SER C 2 39 ? -0.610  -5.511  9.051   1.00 37.52 ? 46  SER A O     1 
ATOM   495  C CB    . SER C 2 39 ? -1.041  -8.446  9.635   1.00 36.31 ? 46  SER A CB    1 
ATOM   496  O OG    . SER C 2 39 ? -1.927  -9.517  9.756   1.00 40.12 ? 46  SER A OG    1 
ATOM   497  N N     . ILE C 2 40 ? 0.255   -5.812  11.066  1.00 35.16 ? 47  ILE A N     1 
ATOM   498  C CA    . ILE C 2 40 ? 1.143   -4.696  10.890  1.00 34.75 ? 47  ILE A CA    1 
ATOM   499  C C     . ILE C 2 40 ? 2.484   -5.169  11.416  1.00 35.21 ? 47  ILE A C     1 
ATOM   500  O O     . ILE C 2 40 ? 2.559   -5.695  12.541  1.00 36.19 ? 47  ILE A O     1 
ATOM   501  C CB    . ILE C 2 40 ? 0.651   -3.476  11.673  1.00 36.34 ? 47  ILE A CB    1 
ATOM   502  C CG1   . ILE C 2 40 ? -0.800  -3.099  11.252  1.00 37.66 ? 47  ILE A CG1   1 
ATOM   503  C CG2   . ILE C 2 40 ? 1.610   -2.328  11.467  1.00 38.30 ? 47  ILE A CG2   1 
ATOM   504  C CD1   . ILE C 2 40 ? -1.429  -2.154  12.243  1.00 38.28 ? 47  ILE A CD1   1 
ATOM   505  N N     . LYS C 2 41 ? 3.521   -5.018  10.600  1.00 32.98 ? 48  LYS A N     1 
ATOM   506  C CA    . LYS C 2 41 ? 4.829   -5.398  10.974  1.00 35.40 ? 48  LYS A CA    1 
ATOM   507  C C     . LYS C 2 41 ? 5.712   -4.193  10.877  1.00 35.60 ? 48  LYS A C     1 
ATOM   508  O O     . LYS C 2 41 ? 5.687   -3.468  9.873   1.00 37.35 ? 48  LYS A O     1 
ATOM   509  C CB    . LYS C 2 41 ? 5.370   -6.440  10.017  1.00 35.37 ? 48  LYS A CB    1 
ATOM   510  C CG    . LYS C 2 41 ? 6.805   -6.815  10.457  1.00 39.21 ? 48  LYS A CG    1 
ATOM   511  C CD    . LYS C 2 41 ? 7.242   -8.152  9.955   1.00 43.66 ? 48  LYS A CD    1 
ATOM   512  C CE    . LYS C 2 41 ? 8.266   -8.781  10.909  1.00 45.98 ? 48  LYS A CE    1 
ATOM   513  N NZ    . LYS C 2 41 ? 8.647   -10.093 10.275  1.00 54.10 ? 48  LYS A NZ    1 
ATOM   514  N N     . ILE C 2 42 ? 6.496   -3.928  11.907  1.00 34.22 ? 49  ILE A N     1 
ATOM   515  C CA    . ILE C 2 42 ? 7.421   -2.834  11.799  1.00 35.04 ? 49  ILE A CA    1 
ATOM   516  C C     . ILE C 2 42 ? 8.785   -3.454  11.823  1.00 34.94 ? 49  ILE A C     1 
ATOM   517  O O     . ILE C 2 42 ? 9.123   -4.084  12.798  1.00 34.97 ? 49  ILE A O     1 
ATOM   518  C CB    . ILE C 2 42 ? 7.315   -1.884  13.017  1.00 36.86 ? 49  ILE A CB    1 
ATOM   519  C CG1   . ILE C 2 42 ? 5.853   -1.636  13.366  1.00 39.38 ? 49  ILE A CG1   1 
ATOM   520  C CG2   . ILE C 2 42 ? 8.238   -0.608  12.769  1.00 34.51 ? 49  ILE A CG2   1 
ATOM   521  C CD1   . ILE C 2 42 ? 5.126   -0.856  12.421  1.00 42.80 ? 49  ILE A CD1   1 
ATOM   522  N N     . ASP C 2 43 ? 9.565   -3.283  10.774  1.00 33.82 ? 50  ASP A N     1 
ATOM   523  C CA    . ASP C 2 43 ? 10.876  -3.890  10.731  1.00 34.40 ? 50  ASP A CA    1 
ATOM   524  C C     . ASP C 2 43 ? 11.855  -3.072  11.537  1.00 35.73 ? 50  ASP A C     1 
ATOM   525  O O     . ASP C 2 43 ? 11.605  -1.927  11.894  1.00 36.13 ? 50  ASP A O     1 
ATOM   526  C CB    . ASP C 2 43 ? 11.393  -3.923  9.294   1.00 35.95 ? 50  ASP A CB    1 
ATOM   527  C CG    . ASP C 2 43 ? 10.590  -4.817  8.417   1.00 39.07 ? 50  ASP A CG    1 
ATOM   528  O OD1   . ASP C 2 43 ? 9.818   -5.628  8.949   1.00 43.68 ? 50  ASP A OD1   1 
ATOM   529  O OD2   . ASP C 2 43 ? 10.724  -4.710  7.187   1.00 40.77 ? 50  ASP A OD2   1 
ATOM   530  N N     . GLU C 2 44 ? 13.002  -3.661  11.794  1.00 36.62 ? 51  GLU A N     1 
ATOM   531  C CA    . GLU C 2 44 ? 14.182  -2.883  12.131  1.00 38.13 ? 51  GLU A CA    1 
ATOM   532  C C     . GLU C 2 44 ? 14.631  -2.066  10.925  1.00 38.51 ? 51  GLU A C     1 
ATOM   533  O O     . GLU C 2 44 ? 14.303  -2.399  9.766   1.00 39.12 ? 51  GLU A O     1 
ATOM   534  C CB    . GLU C 2 44 ? 15.251  -3.875  12.555  1.00 39.10 ? 51  GLU A CB    1 
ATOM   535  C CG    . GLU C 2 44 ? 14.920  -4.470  13.891  1.00 40.78 ? 51  GLU A CG    1 
ATOM   536  C CD    . GLU C 2 44 ? 15.197  -3.474  15.021  1.00 44.89 ? 51  GLU A CD    1 
ATOM   537  O OE1   . GLU C 2 44 ? 16.349  -3.015  15.167  1.00 50.37 ? 51  GLU A OE1   1 
ATOM   538  O OE2   . GLU C 2 44 ? 14.255  -3.132  15.743  1.00 46.77 ? 51  GLU A OE2   1 
ATOM   539  N N     . PRO C 2 45 ? 15.397  -0.983  11.154  1.00 40.64 ? 52  PRO A N     1 
ATOM   540  C CA    . PRO C 2 45 ? 15.964  -0.337  9.950   1.00 41.00 ? 52  PRO A CA    1 
ATOM   541  C C     . PRO C 2 45 ? 16.908  -1.260  9.174   1.00 42.07 ? 52  PRO A C     1 
ATOM   542  O O     . PRO C 2 45 ? 17.580  -2.096  9.774   1.00 42.45 ? 52  PRO A O     1 
ATOM   543  C CB    . PRO C 2 45 ? 16.755  0.850   10.518  1.00 40.63 ? 52  PRO A CB    1 
ATOM   544  C CG    . PRO C 2 45 ? 17.026  0.468   11.936  1.00 41.23 ? 52  PRO A CG    1 
ATOM   545  C CD    . PRO C 2 45 ? 15.805  -0.287  12.401  1.00 39.53 ? 52  PRO A CD    1 
ATOM   546  N N     . LEU C 2 46 ? 16.951  -1.117  7.851   1.00 43.04 ? 53  LEU A N     1 
ATOM   547  C CA    . LEU C 2 46 ? 17.982  -1.781  7.057   1.00 44.70 ? 53  LEU A CA    1 
ATOM   548  C C     . LEU C 2 46 ? 19.317  -1.146  7.417   1.00 45.48 ? 53  LEU A C     1 
ATOM   549  O O     . LEU C 2 46 ? 19.344  -0.055  7.987   1.00 45.37 ? 53  LEU A O     1 
ATOM   550  C CB    . LEU C 2 46 ? 17.727  -1.635  5.546   1.00 44.93 ? 53  LEU A CB    1 
ATOM   551  C CG    . LEU C 2 46 ? 16.355  -1.841  4.872   1.00 45.43 ? 53  LEU A CG    1 
ATOM   552  C CD1   . LEU C 2 46 ? 16.504  -1.857  3.357   1.00 45.97 ? 53  LEU A CD1   1 
ATOM   553  C CD2   . LEU C 2 46 ? 15.622  -3.096  5.319   1.00 47.70 ? 53  LEU A CD2   1 
ATOM   554  N N     . GLU C 2 47 ? 20.415  -1.818  7.063   1.00 46.96 ? 54  GLU A N     1 
ATOM   555  C CA    . GLU C 2 47 ? 21.772  -1.358  7.380   1.00 48.09 ? 54  GLU A CA    1 
ATOM   556  C C     . GLU C 2 47 ? 21.985  0.131   7.093   1.00 47.88 ? 54  GLU A C     1 
ATOM   557  O O     . GLU C 2 47 ? 21.987  0.557   5.928   1.00 47.97 ? 54  GLU A O     1 
ATOM   558  C CB    . GLU C 2 47 ? 22.793  -2.179  6.599   1.00 48.34 ? 54  GLU A CB    1 
ATOM   559  C CG    . GLU C 2 47 ? 23.686  -3.108  7.427   1.00 50.10 ? 54  GLU A CG    1 
ATOM   560  C CD    . GLU C 2 47 ? 24.310  -4.206  6.553   1.00 50.19 ? 54  GLU A CD    1 
ATOM   561  O OE1   . GLU C 2 47 ? 25.530  -4.134  6.244   1.00 50.55 ? 54  GLU A OE1   1 
ATOM   562  O OE2   . GLU C 2 47 ? 23.558  -5.134  6.160   1.00 52.01 ? 54  GLU A OE2   1 
ATOM   563  N N     . GLY C 2 48 ? 22.136  0.905   8.172   1.00 47.58 ? 55  GLY A N     1 
ATOM   564  C CA    . GLY C 2 48 ? 22.397  2.351   8.106   1.00 46.40 ? 55  GLY A CA    1 
ATOM   565  C C     . GLY C 2 48 ? 21.275  3.214   7.539   1.00 45.52 ? 55  GLY A C     1 
ATOM   566  O O     . GLY C 2 48 ? 21.537  4.207   6.848   1.00 45.31 ? 55  GLY A O     1 
ATOM   567  N N     . SER C 2 49 ? 20.029  2.843   7.827   1.00 44.30 ? 56  SER A N     1 
ATOM   568  C CA    . SER C 2 49 ? 18.867  3.570   7.315   1.00 42.91 ? 56  SER A CA    1 
ATOM   569  C C     . SER C 2 49 ? 18.198  4.409   8.405   1.00 42.88 ? 56  SER A C     1 
ATOM   570  O O     . SER C 2 49 ? 18.174  4.021   9.579   1.00 42.60 ? 56  SER A O     1 
ATOM   571  C CB    . SER C 2 49 ? 17.835  2.593   6.737   1.00 42.93 ? 56  SER A CB    1 
ATOM   572  O OG    . SER C 2 49 ? 16.639  3.267   6.379   1.00 38.74 ? 56  SER A OG    1 
ATOM   573  N N     . GLU C 2 50 ? 17.648  5.552   7.996   1.00 42.23 ? 57  GLU A N     1 
ATOM   574  C CA    . GLU C 2 50 ? 16.914  6.421   8.901   1.00 42.86 ? 57  GLU A CA    1 
ATOM   575  C C     . GLU C 2 50 ? 15.445  6.022   8.989   1.00 41.17 ? 57  GLU A C     1 
ATOM   576  O O     . GLU C 2 50 ? 14.710  6.593   9.777   1.00 40.70 ? 57  GLU A O     1 
ATOM   577  C CB    . GLU C 2 50 ? 16.979  7.873   8.452   1.00 43.56 ? 57  GLU A CB    1 
ATOM   578  C CG    . GLU C 2 50 ? 18.299  8.606   8.722   1.00 45.78 ? 57  GLU A CG    1 
ATOM   579  C CD    . GLU C 2 50 ? 18.467  9.832   7.813   1.00 46.34 ? 57  GLU A CD    1 
ATOM   580  O OE1   . GLU C 2 50 ? 17.486  10.221  7.121   1.00 52.04 ? 57  GLU A OE1   1 
ATOM   581  O OE2   . GLU C 2 50 ? 19.581  10.403  7.776   1.00 47.66 ? 57  GLU A OE2   1 
ATOM   582  N N     . ASP C 2 51 ? 15.017  5.069   8.159   1.00 39.85 ? 58  ASP A N     1 
ATOM   583  C CA    . ASP C 2 51 ? 13.619  4.671   8.114   1.00 38.91 ? 58  ASP A CA    1 
ATOM   584  C C     . ASP C 2 51 ? 13.402  3.246   8.593   1.00 37.67 ? 58  ASP A C     1 
ATOM   585  O O     . ASP C 2 51 ? 14.287  2.398   8.448   1.00 37.56 ? 58  ASP A O     1 
ATOM   586  C CB    . ASP C 2 51 ? 13.064  4.767   6.702   1.00 39.35 ? 58  ASP A CB    1 
ATOM   587  C CG    . ASP C 2 51 ? 13.196  6.142   6.122   1.00 42.64 ? 58  ASP A CG    1 
ATOM   588  O OD1   . ASP C 2 51 ? 12.852  7.126   6.841   1.00 45.82 ? 58  ASP A OD1   1 
ATOM   589  O OD2   . ASP C 2 51 ? 13.651  6.225   4.959   1.00 41.40 ? 58  ASP A OD2   1 
ATOM   590  N N     . ARG C 2 52 ? 12.210  2.984   9.127   1.00 35.02 ? 59  ARG A N     1 
ATOM   591  C CA    . ARG C 2 52 ? 11.763  1.625   9.323   1.00 34.79 ? 59  ARG A CA    1 
ATOM   592  C C     . ARG C 2 52 ? 10.568  1.367   8.434   1.00 35.63 ? 59  ARG A C     1 
ATOM   593  O O     . ARG C 2 52 ? 9.728   2.260   8.216   1.00 35.99 ? 59  ARG A O     1 
ATOM   594  C CB    . ARG C 2 52 ? 11.406  1.361   10.781  1.00 35.05 ? 59  ARG A CB    1 
ATOM   595  C CG    . ARG C 2 52 ? 12.692  1.475   11.584  1.00 33.90 ? 59  ARG A CG    1 
ATOM   596  C CD    . ARG C 2 52 ? 12.513  1.489   13.045  1.00 31.10 ? 59  ARG A CD    1 
ATOM   597  N NE    . ARG C 2 52 ? 11.947  0.214   13.484  1.00 32.15 ? 59  ARG A NE    1 
ATOM   598  C CZ    . ARG C 2 52 ? 11.742  -0.073  14.768  1.00 33.09 ? 59  ARG A CZ    1 
ATOM   599  N NH1   . ARG C 2 52 ? 12.102  0.823   15.697  1.00 32.30 ? 59  ARG A NH1   1 
ATOM   600  N NH2   . ARG C 2 52 ? 11.182  -1.241  15.111  1.00 33.92 ? 59  ARG A NH2   1 
ATOM   601  N N     . ILE C 2 53 ? 10.513  0.154   7.912   1.00 33.89 ? 60  ILE A N     1 
ATOM   602  C CA    . ILE C 2 53 ? 9.461   -0.188  7.023   1.00 33.52 ? 60  ILE A CA    1 
ATOM   603  C C     . ILE C 2 53 ? 8.374   -0.887  7.796   1.00 33.57 ? 60  ILE A C     1 
ATOM   604  O O     . ILE C 2 53 ? 8.645   -1.803  8.564   1.00 32.69 ? 60  ILE A O     1 
ATOM   605  C CB    . ILE C 2 53 ? 9.975   -1.080  5.860   1.00 33.87 ? 60  ILE A CB    1 
ATOM   606  C CG1   . ILE C 2 53 ? 10.975  -0.317  5.009   1.00 33.13 ? 60  ILE A CG1   1 
ATOM   607  C CG2   . ILE C 2 53 ? 8.779   -1.551  5.018   1.00 33.68 ? 60  ILE A CG2   1 
ATOM   608  C CD1   . ILE C 2 53 ? 11.688  -1.181  4.023   1.00 41.16 ? 60  ILE A CD1   1 
ATOM   609  N N     . ILE C 2 54 ? 7.140   -0.395  7.634   1.00 32.35 ? 61  ILE A N     1 
ATOM   610  C CA    . ILE C 2 54 ? 5.988   -0.978  8.203   1.00 32.80 ? 61  ILE A CA    1 
ATOM   611  C C     . ILE C 2 54 ? 5.286   -1.677  7.051   1.00 32.54 ? 61  ILE A C     1 
ATOM   612  O O     . ILE C 2 54 ? 5.099   -1.093  5.958   1.00 31.94 ? 61  ILE A O     1 
ATOM   613  C CB    . ILE C 2 54 ? 5.028   0.113   8.770   1.00 32.35 ? 61  ILE A CB    1 
ATOM   614  C CG1   . ILE C 2 54 ? 5.820   1.097   9.654   1.00 36.00 ? 61  ILE A CG1   1 
ATOM   615  C CG2   . ILE C 2 54 ? 3.762   -0.505  9.359   1.00 34.28 ? 61  ILE A CG2   1 
ATOM   616  C CD1   . ILE C 2 54 ? 4.897   2.107   10.464  1.00 37.12 ? 61  ILE A CD1   1 
ATOM   617  N N     . THR C 2 55 ? 4.867   -2.898  7.314   1.00 31.57 ? 62  THR A N     1 
ATOM   618  C CA    . THR C 2 55 ? 4.136   -3.667  6.321   1.00 32.41 ? 62  THR A CA    1 
ATOM   619  C C     . THR C 2 55 ? 2.778   -3.877  6.897   1.00 32.43 ? 62  THR A C     1 
ATOM   620  O O     . THR C 2 55 ? 2.623   -4.362  8.029   1.00 33.91 ? 62  THR A O     1 
ATOM   621  C CB    . THR C 2 55 ? 4.810   -5.013  6.078   1.00 32.36 ? 62  THR A CB    1 
ATOM   622  O OG1   . THR C 2 55 ? 6.198   -4.811  5.774   1.00 32.30 ? 62  THR A OG1   1 
ATOM   623  C CG2   . THR C 2 55 ? 4.105   -5.767  4.975   1.00 34.52 ? 62  THR A CG2   1 
ATOM   624  N N     . ILE C 2 56 ? 1.759   -3.513  6.117   1.00 31.80 ? 63  ILE A N     1 
ATOM   625  C CA    . ILE C 2 56 ? 0.410   -3.583  6.616   1.00 32.00 ? 63  ILE A CA    1 
ATOM   626  C C     . ILE C 2 56 ? -0.336  -4.527  5.683   1.00 32.03 ? 63  ILE A C     1 
ATOM   627  O O     . ILE C 2 56 ? -0.288  -4.351  4.484   1.00 32.53 ? 63  ILE A O     1 
ATOM   628  C CB    . ILE C 2 56 ? -0.274  -2.216  6.539   1.00 30.17 ? 63  ILE A CB    1 
ATOM   629  C CG1   . ILE C 2 56 ? 0.620   -1.163  7.256   1.00 31.54 ? 63  ILE A CG1   1 
ATOM   630  C CG2   . ILE C 2 56 ? -1.675  -2.343  7.178   1.00 33.80 ? 63  ILE A CG2   1 
ATOM   631  C CD1   . ILE C 2 56 ? 0.072   0.353   7.180   1.00 32.42 ? 63  ILE A CD1   1 
ATOM   632  N N     . THR C 2 57 ? -1.002  -5.508  6.245   1.00 32.84 ? 64  THR A N     1 
ATOM   633  C CA    . THR C 2 57 ? -1.662  -6.502  5.419   1.00 32.96 ? 64  THR A CA    1 
ATOM   634  C C     . THR C 2 57 ? -3.076  -6.569  5.905   1.00 31.84 ? 64  THR A C     1 
ATOM   635  O O     . THR C 2 57 ? -3.322  -6.812  7.076   1.00 33.85 ? 64  THR A O     1 
ATOM   636  C CB    . THR C 2 57 ? -1.012  -7.873  5.569   1.00 34.01 ? 64  THR A CB    1 
ATOM   637  O OG1   . THR C 2 57 ? 0.337   -7.794  5.079   1.00 34.44 ? 64  THR A OG1   1 
ATOM   638  C CG2   . THR C 2 57 ? -1.809  -8.987  4.849   1.00 31.88 ? 64  THR A CG2   1 
ATOM   639  N N     . GLY C 2 58 ? -4.002  -6.388  4.987   1.00 33.08 ? 65  GLY A N     1 
ATOM   640  C CA    . GLY C 2 58 ? -5.407  -6.508  5.335   1.00 31.90 ? 65  GLY A CA    1 
ATOM   641  C C     . GLY C 2 58 ? -6.208  -6.143  4.132   1.00 31.21 ? 65  GLY A C     1 
ATOM   642  O O     . GLY C 2 58 ? -5.669  -5.926  3.056   1.00 33.22 ? 65  GLY A O     1 
ATOM   643  N N     . THR C 2 59 ? -7.516  -6.089  4.291   1.00 30.05 ? 66  THR A N     1 
ATOM   644  C CA    . THR C 2 59 ? -8.345  -5.540  3.234   1.00 30.26 ? 66  THR A CA    1 
ATOM   645  C C     . THR C 2 59 ? -7.998  -4.058  3.046   1.00 29.92 ? 66  THR A C     1 
ATOM   646  O O     . THR C 2 59 ? -7.349  -3.450  3.917   1.00 30.55 ? 66  THR A O     1 
ATOM   647  C CB    . THR C 2 59 ? -9.830  -5.686  3.588   1.00 30.32 ? 66  THR A CB    1 
ATOM   648  O OG1   . THR C 2 59 ? -10.100 -4.979  4.798   1.00 31.33 ? 66  THR A OG1   1 
ATOM   649  C CG2   . THR C 2 59 ? -10.200 -7.156  3.790   1.00 31.46 ? 66  THR A CG2   1 
ATOM   650  N N     . GLN C 2 60 ? -8.383  -3.482  1.915   1.00 30.34 ? 67  GLN A N     1 
ATOM   651  C CA    . GLN C 2 60 ? -8.078  -2.084  1.689   1.00 32.33 ? 67  GLN A CA    1 
ATOM   652  C C     . GLN C 2 60 ? -8.588  -1.226  2.858   1.00 31.96 ? 67  GLN A C     1 
ATOM   653  O O     . GLN C 2 60 ? -7.868  -0.396  3.407   1.00 32.73 ? 67  GLN A O     1 
ATOM   654  C CB    . GLN C 2 60 ? -8.658  -1.600  0.355   1.00 32.92 ? 67  GLN A CB    1 
ATOM   655  C CG    . GLN C 2 60 ? -8.228  -0.156  0.041   1.00 37.50 ? 67  GLN A CG    1 
ATOM   656  C CD    . GLN C 2 60 ? -6.706  0.030   0.226   1.00 45.26 ? 67  GLN A CD    1 
ATOM   657  O OE1   . GLN C 2 60 ? -5.898  -0.556  -0.521  1.00 47.61 ? 67  GLN A OE1   1 
ATOM   658  N NE2   . GLN C 2 60 ? -6.312  0.821   1.239   1.00 45.86 ? 67  GLN A NE2   1 
ATOM   659  N N     . ASP C 2 61 ? -9.817  -1.468  3.277   1.00 32.39 ? 68  ASP A N     1 
ATOM   660  C CA    . ASP C 2 61 ? -10.383 -0.682  4.402   1.00 33.18 ? 68  ASP A CA    1 
ATOM   661  C C     . ASP C 2 61 ? -9.568  -0.823  5.682   1.00 32.27 ? 68  ASP A C     1 
ATOM   662  O O     . ASP C 2 61 ? -9.360  0.151   6.410   1.00 32.02 ? 68  ASP A O     1 
ATOM   663  C CB    . ASP C 2 61 ? -11.834 -1.065  4.602   1.00 33.77 ? 68  ASP A CB    1 
ATOM   664  C CG    . ASP C 2 61 ? -12.716 -0.453  3.538   1.00 41.41 ? 68  ASP A CG    1 
ATOM   665  O OD1   . ASP C 2 61 ? -12.430 0.699   3.100   1.00 47.74 ? 68  ASP A OD1   1 
ATOM   666  O OD2   . ASP C 2 61 ? -13.692 -1.107  3.109   1.00 48.13 ? 68  ASP A OD2   1 
ATOM   667  N N     . GLN C 2 62 ? -9.044  -2.013  5.933   1.00 31.77 ? 69  GLN A N     1 
ATOM   668  C CA    . GLN C 2 62 ? -8.248  -2.246  7.151   1.00 31.25 ? 69  GLN A CA    1 
ATOM   669  C C     . GLN C 2 62 ? -6.935  -1.519  7.075   1.00 31.46 ? 69  GLN A C     1 
ATOM   670  O O     . GLN C 2 62 ? -6.476  -0.902  8.050   1.00 31.99 ? 69  GLN A O     1 
ATOM   671  C CB    . GLN C 2 62 ? -7.981  -3.737  7.331   1.00 31.56 ? 69  GLN A CB    1 
ATOM   672  C CG    . GLN C 2 62 ? -9.220  -4.442  7.807   1.00 33.66 ? 69  GLN A CG    1 
ATOM   673  C CD    . GLN C 2 62 ? -8.997  -5.917  7.803   1.00 36.06 ? 69  GLN A CD    1 
ATOM   674  O OE1   . GLN C 2 62 ? -8.165  -6.421  7.051   1.00 32.42 ? 69  GLN A OE1   1 
ATOM   675  N NE2   . GLN C 2 62 ? -9.730  -6.617  8.633   1.00 36.02 ? 69  GLN A NE2   1 
ATOM   676  N N     . ILE C 2 63 ? -6.338  -1.564  5.906   1.00 31.09 ? 70  ILE A N     1 
ATOM   677  C CA    . ILE C 2 63 ? -5.021  -0.941  5.719   1.00 34.12 ? 70  ILE A CA    1 
ATOM   678  C C     . ILE C 2 63 ? -5.209  0.580   5.882   1.00 34.19 ? 70  ILE A C     1 
ATOM   679  O O     . ILE C 2 63 ? -4.422  1.264   6.586   1.00 34.89 ? 70  ILE A O     1 
ATOM   680  C CB    . ILE C 2 63 ? -4.505  -1.231  4.347   1.00 34.16 ? 70  ILE A CB    1 
ATOM   681  C CG1   . ILE C 2 63 ? -3.916  -2.656  4.313   1.00 35.06 ? 70  ILE A CG1   1 
ATOM   682  C CG2   . ILE C 2 63 ? -3.437  -0.134  3.924   1.00 34.63 ? 70  ILE A CG2   1 
ATOM   683  C CD1   . ILE C 2 63 ? -3.599  -3.097  2.972   1.00 38.26 ? 70  ILE A CD1   1 
ATOM   684  N N     . GLN C 2 64 ? -6.287  1.081   5.299   1.00 33.62 ? 71  GLN A N     1 
ATOM   685  C CA    . GLN C 2 64 ? -6.625  2.516   5.319   1.00 34.95 ? 71  GLN A CA    1 
ATOM   686  C C     . GLN C 2 64 ? -6.760  2.931   6.757   1.00 34.52 ? 71  GLN A C     1 
ATOM   687  O O     . GLN C 2 64 ? -6.163  3.944   7.173   1.00 35.10 ? 71  GLN A O     1 
ATOM   688  C CB    . GLN C 2 64 ? -7.949  2.776   4.569   1.00 35.13 ? 71  GLN A CB    1 
ATOM   689  C CG    . GLN C 2 64 ? -7.827  2.673   3.026   1.00 37.66 ? 71  GLN A CG    1 
ATOM   690  C CD    . GLN C 2 64 ? -9.149  2.893   2.277   1.00 37.69 ? 71  GLN A CD    1 
ATOM   691  O OE1   . GLN C 2 64 ? -10.202 3.162   2.882   0.50 40.65 ? 71  GLN A OE1   1 
ATOM   692  N NE2   . GLN C 2 64 ? -9.091  2.802   0.955   0.50 38.54 ? 71  GLN A NE2   1 
ATOM   693  N N     . ASN C 2 65 ? -7.510  2.138   7.533   1.00 34.42 ? 72  ASN A N     1 
ATOM   694  C CA    . ASN C 2 65 ? -7.696  2.382   8.974   1.00 34.04 ? 72  ASN A CA    1 
ATOM   695  C C     . ASN C 2 65 ? -6.391  2.337   9.751   1.00 32.22 ? 72  ASN A C     1 
ATOM   696  O O     . ASN C 2 65 ? -6.094  3.212   10.585  1.00 31.53 ? 72  ASN A O     1 
ATOM   697  C CB    . ASN C 2 65 ? -8.688  1.346   9.565   1.00 35.44 ? 72  ASN A CB    1 
ATOM   698  C CG    . ASN C 2 65 ? -9.285  1.771   10.966  1.00 41.63 ? 72  ASN A CG    1 
ATOM   699  O OD1   . ASN C 2 65 ? -9.977  0.963   11.623  1.00 48.09 ? 72  ASN A OD1   1 
ATOM   700  N ND2   . ASN C 2 65 ? -9.026  3.016   11.410  1.00 44.55 ? 72  ASN A ND2   1 
ATOM   701  N N     . ALA C 2 66 ? -5.603  1.298   9.506   1.00 32.13 ? 73  ALA A N     1 
ATOM   702  C CA    . ALA C 2 66 ? -4.336  1.198   10.146  1.00 31.81 ? 73  ALA A CA    1 
ATOM   703  C C     . ALA C 2 66 ? -3.460  2.415   9.876   1.00 31.89 ? 73  ALA A C     1 
ATOM   704  O O     . ALA C 2 66 ? -2.797  2.898   10.757  1.00 30.74 ? 73  ALA A O     1 
ATOM   705  C CB    . ALA C 2 66 ? -3.616  -0.057  9.618   1.00 32.02 ? 73  ALA A CB    1 
ATOM   706  N N     . GLN C 2 67 ? -3.369  2.821   8.622   1.00 31.80 ? 74  GLN A N     1 
ATOM   707  C CA    . GLN C 2 67 ? -2.562  3.973   8.274   1.00 33.61 ? 74  GLN A CA    1 
ATOM   708  C C     . GLN C 2 67 ? -3.003  5.200   9.069   1.00 33.54 ? 74  GLN A C     1 
ATOM   709  O O     . GLN C 2 67 ? -2.183  5.921   9.650   1.00 33.36 ? 74  GLN A O     1 
ATOM   710  C CB    . GLN C 2 67 ? -2.672  4.202   6.778   1.00 36.25 ? 74  GLN A CB    1 
ATOM   711  C CG    . GLN C 2 67 ? -1.913  3.115   6.061   1.00 37.68 ? 74  GLN A CG    1 
ATOM   712  C CD    . GLN C 2 67 ? -1.630  3.409   4.628   1.00 45.49 ? 74  GLN A CD    1 
ATOM   713  O OE1   . GLN C 2 67 ? -0.467  3.565   4.245   1.00 48.85 ? 74  GLN A OE1   1 
ATOM   714  N NE2   . GLN C 2 67 ? -2.680  3.490   3.812   1.00 47.72 ? 74  GLN A NE2   1 
ATOM   715  N N     . TYR C 2 68 ? -4.304  5.434   9.076   1.00 32.90 ? 75  TYR A N     1 
ATOM   716  C CA    . TYR C 2 68 ? -4.830  6.594   9.807   1.00 33.93 ? 75  TYR A CA    1 
ATOM   717  C C     . TYR C 2 68 ? -4.379  6.530   11.258  1.00 32.37 ? 75  TYR A C     1 
ATOM   718  O O     . TYR C 2 68 ? -3.947  7.535   11.845  1.00 32.17 ? 75  TYR A O     1 
ATOM   719  C CB    . TYR C 2 68 ? -6.346  6.615   9.746   1.00 34.87 ? 75  TYR A CB    1 
ATOM   720  C CG    . TYR C 2 68 ? -6.937  7.851   10.335  1.00 38.92 ? 75  TYR A CG    1 
ATOM   721  C CD1   . TYR C 2 68 ? -6.676  9.106   9.756   1.00 41.57 ? 75  TYR A CD1   1 
ATOM   722  C CD2   . TYR C 2 68 ? -7.774  7.795   11.456  1.00 40.18 ? 75  TYR A CD2   1 
ATOM   723  C CE1   . TYR C 2 68 ? -7.216  10.264  10.277  1.00 41.65 ? 75  TYR A CE1   1 
ATOM   724  C CE2   . TYR C 2 68 ? -8.320  8.959   11.993  1.00 41.45 ? 75  TYR A CE2   1 
ATOM   725  C CZ    . TYR C 2 68 ? -8.030  10.195  11.392  1.00 41.24 ? 75  TYR A CZ    1 
ATOM   726  O OH    . TYR C 2 68 ? -8.554  11.379  11.870  1.00 40.72 ? 75  TYR A OH    1 
ATOM   727  N N     . LEU C 2 69 ? -4.534  5.361   11.856  1.00 32.10 ? 76  LEU A N     1 
ATOM   728  C CA    . LEU C 2 69 ? -4.185  5.169   13.274  1.00 32.85 ? 76  LEU A CA    1 
ATOM   729  C C     . LEU C 2 69 ? -2.706  5.248   13.558  1.00 32.67 ? 76  LEU A C     1 
ATOM   730  O O     . LEU C 2 69 ? -2.282  5.727   14.631  1.00 32.16 ? 76  LEU A O     1 
ATOM   731  C CB    . LEU C 2 69 ? -4.695  3.821   13.790  1.00 32.23 ? 76  LEU A CB    1 
ATOM   732  C CG    . LEU C 2 69 ? -6.208  3.634   13.907  1.00 35.41 ? 76  LEU A CG    1 
ATOM   733  C CD1   . LEU C 2 69 ? -6.352  2.153   14.301  1.00 37.15 ? 76  LEU A CD1   1 
ATOM   734  C CD2   . LEU C 2 69 ? -6.869  4.554   14.938  1.00 38.65 ? 76  LEU A CD2   1 
ATOM   735  N N     . LEU C 2 70 ? -1.912  4.815   12.591  1.00 32.31 ? 77  LEU A N     1 
ATOM   736  C CA    . LEU C 2 70 ? -0.470  4.959   12.691  1.00 33.06 ? 77  LEU A CA    1 
ATOM   737  C C     . LEU C 2 70 ? -0.100  6.429   12.588  1.00 32.58 ? 77  LEU A C     1 
ATOM   738  O O     . LEU C 2 70 ? 0.720   6.899   13.362  1.00 33.97 ? 77  LEU A O     1 
ATOM   739  C CB    . LEU C 2 70 ? 0.230   4.164   11.592  1.00 32.39 ? 77  LEU A CB    1 
ATOM   740  C CG    . LEU C 2 70 ? 0.205   2.633   11.758  1.00 35.48 ? 77  LEU A CG    1 
ATOM   741  C CD1   . LEU C 2 70 ? 0.575   2.005   10.435  1.00 35.74 ? 77  LEU A CD1   1 
ATOM   742  C CD2   . LEU C 2 70 ? 1.159   2.204   12.857  1.00 33.89 ? 77  LEU A CD2   1 
ATOM   743  N N     . GLN C 2 71 ? -0.743  7.153   11.681  1.00 32.97 ? 78  GLN A N     1 
ATOM   744  C CA    . GLN C 2 71 ? -0.482  8.586   11.538  1.00 34.63 ? 78  GLN A CA    1 
ATOM   745  C C     . GLN C 2 71 ? -0.856  9.286   12.839  1.00 36.01 ? 78  GLN A C     1 
ATOM   746  O O     . GLN C 2 71 ? -0.100  10.129  13.373  1.00 35.02 ? 78  GLN A O     1 
ATOM   747  C CB    . GLN C 2 71 ? -1.311  9.188   10.392  1.00 35.08 ? 78  GLN A CB    1 
ATOM   748  C CG    . GLN C 2 71 ? -0.707  10.490  9.879   1.00 39.01 ? 78  GLN A CG    1 
ATOM   749  C CD    . GLN C 2 71 ? 0.520   10.240  9.002   1.00 42.10 ? 78  GLN A CD    1 
ATOM   750  O OE1   . GLN C 2 71 ? 1.406   11.092  8.924   1.00 46.99 ? 78  GLN A OE1   1 
ATOM   751  N NE2   . GLN C 2 71 ? 0.569   9.070   8.338   1.00 39.62 ? 78  GLN A NE2   1 
ATOM   752  N N     . ASN C 2 72 ? -2.047  8.949   13.328  1.00 36.82 ? 79  ASN A N     1 
ATOM   753  C CA    . ASN C 2 72 ? -2.550  9.505   14.589  1.00 38.06 ? 79  ASN A CA    1 
ATOM   754  C C     . ASN C 2 72 ? -1.599  9.308   15.725  1.00 37.95 ? 79  ASN A C     1 
ATOM   755  O O     . ASN C 2 72 ? -1.514  10.147  16.616  1.00 37.14 ? 79  ASN A O     1 
ATOM   756  C CB    . ASN C 2 72 ? -3.866  8.844   14.990  1.00 38.10 ? 79  ASN A CB    1 
ATOM   757  C CG    . ASN C 2 72 ? -4.994  9.224   14.099  1.00 41.52 ? 79  ASN A CG    1 
ATOM   758  O OD1   . ASN C 2 72 ? -4.893  10.162  13.296  1.00 41.93 ? 79  ASN A OD1   1 
ATOM   759  N ND2   . ASN C 2 72 ? -6.095  8.485   14.215  1.00 44.82 ? 79  ASN A ND2   1 
ATOM   760  N N     . SER C 2 73 ? -0.904  8.176   15.717  1.00 38.13 ? 80  SER A N     1 
ATOM   761  C CA    . SER C 2 73 ? 0.026   7.799   16.794  1.00 39.64 ? 80  SER A CA    1 
ATOM   762  C C     . SER C 2 73 ? 1.173   8.768   17.007  1.00 40.86 ? 80  SER A C     1 
ATOM   763  O O     . SER C 2 73 ? 1.552   9.058   18.155  1.00 40.51 ? 80  SER A O     1 
ATOM   764  C CB    . SER C 2 73 ? 0.595   6.412   16.532  1.00 39.24 ? 80  SER A CB    1 
ATOM   765  O OG    . SER C 2 73 ? -0.348  5.473   16.937  1.00 43.65 ? 80  SER A OG    1 
ATOM   766  N N     . VAL C 2 74 ? 1.737   9.256   15.901  1.00 41.65 ? 81  VAL A N     1 
ATOM   767  C CA    . VAL C 2 74 ? 2.588   10.472  15.950  1.00 42.29 ? 81  VAL A CA    1 
ATOM   768  C C     . VAL C 2 74 ? 2.088   11.617  16.827  1.00 42.73 ? 81  VAL A C     1 
ATOM   769  O O     . VAL C 2 74 ? 2.848   12.138  17.614  1.00 42.25 ? 81  VAL A O     1 
ATOM   770  C CB    . VAL C 2 74 ? 2.982   10.972  14.550  1.00 42.45 ? 81  VAL A CB    1 
ATOM   771  C CG1   . VAL C 2 74 ? 4.173   11.938  14.656  1.00 42.67 ? 81  VAL A CG1   1 
ATOM   772  C CG2   . VAL C 2 74 ? 3.378   9.800   13.715  1.00 42.18 ? 81  VAL A CG2   1 
ATOM   773  N N     . LYS C 2 75 ? 0.833   12.047  16.718  1.00 43.65 ? 82  LYS A N     1 
ATOM   774  C CA    . LYS C 2 75 ? 0.376   13.055  17.663  1.00 43.91 ? 82  LYS A CA    1 
ATOM   775  C C     . LYS C 2 75 ? 0.768   12.809  19.150  1.00 42.91 ? 82  LYS A C     1 
ATOM   776  O O     . LYS C 2 75 ? 1.149   13.765  19.841  1.00 42.10 ? 82  LYS A O     1 
ATOM   777  C CB    . LYS C 2 75 ? -1.106  13.394  17.476  1.00 44.99 ? 82  LYS A CB    1 
ATOM   778  C CG    . LYS C 2 75 ? -1.499  13.520  15.998  1.00 47.68 ? 82  LYS A CG    1 
ATOM   779  C CD    . LYS C 2 75 ? -2.487  14.657  15.732  1.00 48.19 ? 82  LYS A CD    1 
ATOM   780  C CE    . LYS C 2 75 ? -3.239  14.404  14.402  1.00 49.19 ? 82  LYS A CE    1 
ATOM   781  N NZ    . LYS C 2 75 ? -4.115  15.541  13.924  1.00 49.69 ? 82  LYS A NZ    1 
ATOM   782  N N     . GLN C 2 76 ? 0.705   11.551  19.613  1.00 41.41 ? 83  GLN A N     1 
ATOM   783  C CA    . GLN C 2 76 ? 1.207   11.126  20.943  1.00 41.15 ? 83  GLN A CA    1 
ATOM   784  C C     . GLN C 2 76 ? 2.738   10.965  21.064  1.00 38.96 ? 83  GLN A C     1 
ATOM   785  O O     . GLN C 2 76 ? 3.216   10.561  22.114  1.00 36.59 ? 83  GLN A O     1 
ATOM   786  C CB    . GLN C 2 76 ? 0.617   9.748   21.337  1.00 41.80 ? 83  GLN A CB    1 
ATOM   787  C CG    . GLN C 2 76 ? -0.543  9.709   22.390  1.00 44.28 ? 83  GLN A CG    1 
ATOM   788  C CD    . GLN C 2 76 ? -1.387  8.379   22.295  1.00 46.26 ? 83  GLN A CD    1 
ATOM   789  O OE1   . GLN C 2 76 ? -1.268  7.474   23.140  1.00 47.81 ? 83  GLN A OE1   1 
ATOM   790  N NE2   . GLN C 2 76 ? -2.248  8.290   21.258  1.00 49.98 ? 83  GLN A NE2   1 
ATOM   791  N N     . TYR C 2 77 ? 3.503   11.235  20.007  1.00 37.32 ? 84  TYR A N     1 
ATOM   792  C CA    . TYR C 2 77 ? 4.936   10.912  19.991  1.00 35.09 ? 84  TYR A CA    1 
ATOM   793  C C     . TYR C 2 77 ? 5.682   11.728  21.034  1.00 34.83 ? 84  TYR A C     1 
ATOM   794  O O     . TYR C 2 77 ? 5.510   12.938  21.134  1.00 32.59 ? 84  TYR A O     1 
ATOM   795  C CB    . TYR C 2 77 ? 5.541   11.134  18.592  1.00 36.24 ? 84  TYR A CB    1 
ATOM   796  C CG    . TYR C 2 77 ? 7.059   11.238  18.529  1.00 35.98 ? 84  TYR A CG    1 
ATOM   797  C CD1   . TYR C 2 77 ? 7.875   10.170  18.909  1.00 38.21 ? 84  TYR A CD1   1 
ATOM   798  C CD2   . TYR C 2 77 ? 7.676   12.405  18.073  1.00 40.52 ? 84  TYR A CD2   1 
ATOM   799  C CE1   . TYR C 2 77 ? 9.250   10.251  18.839  1.00 37.83 ? 84  TYR A CE1   1 
ATOM   800  C CE2   . TYR C 2 77 ? 9.069   12.508  18.005  1.00 40.49 ? 84  TYR A CE2   1 
ATOM   801  C CZ    . TYR C 2 77 ? 9.841   11.400  18.361  1.00 39.06 ? 84  TYR A CZ    1 
ATOM   802  O OH    . TYR C 2 77 ? 11.211  11.455  18.325  1.00 40.87 ? 84  TYR A OH    1 
ATOM   803  N N     . SER C 2 78 ? 6.491   11.027  21.826  1.00 34.58 ? 85  SER A N     1 
ATOM   804  C CA    . SER C 2 78 ? 7.009   11.625  23.067  1.00 34.65 ? 85  SER A CA    1 
ATOM   805  C C     . SER C 2 78 ? 8.448   12.128  22.946  1.00 36.06 ? 85  SER A C     1 
ATOM   806  O O     . SER C 2 78 ? 8.957   12.742  23.892  1.00 35.42 ? 85  SER A O     1 
ATOM   807  C CB    . SER C 2 78 ? 6.931   10.607  24.217  1.00 33.09 ? 85  SER A CB    1 
ATOM   808  O OG    . SER C 2 78 ? 7.687   9.466   23.882  1.00 36.39 ? 85  SER A OG    1 
ATOM   809  N N     . GLY C 2 79 ? 9.098   11.858  21.802  1.00 37.74 ? 86  GLY A N     1 
ATOM   810  C CA    . GLY C 2 79 ? 10.488  12.292  21.588  1.00 38.38 ? 86  GLY A CA    1 
ATOM   811  C C     . GLY C 2 79 ? 10.670  13.631  20.868  1.00 39.56 ? 86  GLY A C     1 
ATOM   812  O O     . GLY C 2 79 ? 9.712   14.403  20.704  1.00 39.43 ? 86  GLY A O     1 
ATOM   813  N N     . LYS C 2 80 ? 11.915  13.911  20.471  1.00 40.42 ? 87  LYS A N     1 
ATOM   814  C CA    . LYS C 2 80 ? 12.281  15.122  19.680  1.00 40.95 ? 87  LYS A CA    1 
ATOM   815  C C     . LYS C 2 80 ? 11.960  14.840  18.218  1.00 40.97 ? 87  LYS A C     1 
ATOM   816  O O     . LYS C 2 80 ? 12.246  13.738  17.709  1.00 42.32 ? 87  LYS A O     1 
ATOM   817  C CB    . LYS C 2 80 ? 13.786  15.425  19.762  1.00 41.08 ? 87  LYS A CB    1 
ATOM   818  C CG    . LYS C 2 80 ? 14.426  15.695  21.096  1.00 42.02 ? 87  LYS A CG    1 
ATOM   819  C CD    . LYS C 2 80 ? 15.948  15.637  20.888  1.00 42.95 ? 87  LYS A CD    1 
ATOM   820  C CE    . LYS C 2 80 ? 16.769  16.155  22.050  1.00 45.80 ? 87  LYS A CE    1 
ATOM   821  N NZ    . LYS C 2 80 ? 17.261  17.578  21.893  1.00 47.97 ? 87  LYS A NZ    1 
ATOM   822  N N     . PHE C 2 81 ? 11.312  15.785  17.543  1.00 40.74 ? 88  PHE A N     1 
ATOM   823  C CA    . PHE C 2 81 ? 11.065  15.643  16.108  1.00 40.28 ? 88  PHE A CA    1 
ATOM   824  C C     . PHE C 2 81 ? 12.344  15.947  15.356  1.00 41.41 ? 88  PHE A C     1 
ATOM   825  O O     . PHE C 2 81 ? 12.555  15.450  14.244  1.00 41.82 ? 88  PHE A O     1 
ATOM   826  C CB    . PHE C 2 81 ? 9.951   16.584  15.633  1.00 40.23 ? 88  PHE A CB    1 
ATOM   827  C CG    . PHE C 2 81 ? 8.575   16.097  15.954  1.00 39.87 ? 88  PHE A CG    1 
ATOM   828  C CD1   . PHE C 2 81 ? 7.924   15.219  15.100  1.00 38.20 ? 88  PHE A CD1   1 
ATOM   829  C CD2   . PHE C 2 81 ? 7.926   16.516  17.116  1.00 39.39 ? 88  PHE A CD2   1 
ATOM   830  C CE1   . PHE C 2 81 ? 6.660   14.764  15.399  1.00 39.79 ? 88  PHE A CE1   1 
ATOM   831  C CE2   . PHE C 2 81 ? 6.661   16.061  17.427  1.00 38.07 ? 88  PHE A CE2   1 
ATOM   832  C CZ    . PHE C 2 81 ? 6.019   15.192  16.565  1.00 39.31 ? 88  PHE A CZ    1 
ATOM   833  N N     . PHE C 2 82 ? 13.164  16.786  15.990  1.00 40.90 ? 89  PHE A N     1 
ATOM   834  C CA    . PHE C 2 82 ? 14.503  17.125  15.562  1.00 41.82 ? 89  PHE A CA    1 
ATOM   835  C C     . PHE C 2 82 ? 15.143  17.881  16.719  1.00 41.87 ? 89  PHE A C     1 
ATOM   836  O O     . PHE C 2 82 ? 16.234  18.444  16.573  1.00 42.78 ? 89  PHE A O     1 
ATOM   837  C CB    . PHE C 2 82 ? 14.463  18.020  14.307  1.00 41.81 ? 89  PHE A CB    1 
ATOM   838  C CG    . PHE C 2 82 ? 13.808  19.351  14.532  1.00 41.36 ? 89  PHE A CG    1 
ATOM   839  C CD1   . PHE C 2 82 ? 14.549  20.437  14.977  1.00 39.81 ? 89  PHE A CD1   1 
ATOM   840  C CD2   . PHE C 2 82 ? 12.450  19.515  14.314  1.00 41.30 ? 89  PHE A CD2   1 
ATOM   841  C CE1   . PHE C 2 82 ? 13.947  21.677  15.188  1.00 43.42 ? 89  PHE A CE1   1 
ATOM   842  C CE2   . PHE C 2 82 ? 11.844  20.751  14.524  1.00 40.86 ? 89  PHE A CE2   1 
ATOM   843  C CZ    . PHE C 2 82 ? 12.591  21.831  14.956  1.00 42.19 ? 89  PHE A CZ    1 
ATOM   844  O OXT   . PHE C 2 82 ? 14.582  17.989  17.818  1.00 41.95 ? 89  PHE A OXT   1 
ATOM   845  N N     . GLY D 2 4  ? 14.803  6.892   -2.468  1.00 44.03 ? 11  GLY B N     1 
ATOM   846  C CA    . GLY D 2 4  ? 14.696  6.407   -1.043  1.00 42.83 ? 11  GLY B CA    1 
ATOM   847  C C     . GLY D 2 4  ? 14.548  4.899   -0.922  1.00 41.41 ? 11  GLY B C     1 
ATOM   848  O O     . GLY D 2 4  ? 15.023  4.174   -1.783  1.00 42.45 ? 11  GLY B O     1 
ATOM   849  N N     . PRO D 2 5  ? 13.938  4.415   0.177   1.00 39.98 ? 12  PRO B N     1 
ATOM   850  C CA    . PRO D 2 5  ? 13.725  2.969   0.362   1.00 38.71 ? 12  PRO B CA    1 
ATOM   851  C C     . PRO D 2 5  ? 12.829  2.415   -0.742  1.00 38.28 ? 12  PRO B C     1 
ATOM   852  O O     . PRO D 2 5  ? 11.870  3.090   -1.164  1.00 37.69 ? 12  PRO B O     1 
ATOM   853  C CB    . PRO D 2 5  ? 12.998  2.875   1.691   1.00 38.85 ? 12  PRO B CB    1 
ATOM   854  C CG    . PRO D 2 5  ? 13.268  4.178   2.389   1.00 40.12 ? 12  PRO B CG    1 
ATOM   855  C CD    . PRO D 2 5  ? 13.453  5.208   1.316   1.00 39.88 ? 12  PRO B CD    1 
ATOM   856  N N     . ILE D 2 6  ? 13.170  1.231   -1.246  1.00 36.84 ? 13  ILE B N     1 
ATOM   857  C CA    . ILE D 2 6  ? 12.335  0.577   -2.249  1.00 36.23 ? 13  ILE B CA    1 
ATOM   858  C C     . ILE D 2 6  ? 11.329  -0.265  -1.486  1.00 35.38 ? 13  ILE B C     1 
ATOM   859  O O     . ILE D 2 6  ? 11.719  -1.103  -0.664  1.00 34.86 ? 13  ILE B O     1 
ATOM   860  C CB    . ILE D 2 6  ? 13.166  -0.332  -3.184  1.00 36.85 ? 13  ILE B CB    1 
ATOM   861  C CG1   . ILE D 2 6  ? 14.107  0.512   -4.044  1.00 37.51 ? 13  ILE B CG1   1 
ATOM   862  C CG2   . ILE D 2 6  ? 12.261  -1.152  -4.086  1.00 34.66 ? 13  ILE B CG2   1 
ATOM   863  C CD1   . ILE D 2 6  ? 14.771  -0.260  -5.177  1.00 41.23 ? 13  ILE B CD1   1 
ATOM   864  N N     . ILE D 2 7  ? 10.042  -0.051  -1.745  1.00 33.72 ? 14  ILE B N     1 
ATOM   865  C CA    . ILE D 2 7  ? 9.035   -0.744  -0.962  1.00 33.80 ? 14  ILE B CA    1 
ATOM   866  C C     . ILE D 2 7  ? 7.985   -1.254  -1.898  1.00 34.00 ? 14  ILE B C     1 
ATOM   867  O O     . ILE D 2 7  ? 8.049   -0.998  -3.095  1.00 32.94 ? 14  ILE B O     1 
ATOM   868  C CB    . ILE D 2 7  ? 8.387   0.171   0.141   1.00 33.44 ? 14  ILE B CB    1 
ATOM   869  C CG1   . ILE D 2 7  ? 7.893   1.480   -0.478  1.00 33.37 ? 14  ILE B CG1   1 
ATOM   870  C CG2   . ILE D 2 7  ? 9.388   0.404   1.309   1.00 34.54 ? 14  ILE B CG2   1 
ATOM   871  C CD1   . ILE D 2 7  ? 7.135   2.380   0.442   1.00 35.23 ? 14  ILE B CD1   1 
ATOM   872  N N     . THR D 2 8  ? 7.031   -2.001  -1.358  1.00 34.85 ? 15  THR B N     1 
ATOM   873  C CA    . THR D 2 8  ? 6.050   -2.616  -2.248  1.00 36.22 ? 15  THR B CA    1 
ATOM   874  C C     . THR D 2 8  ? 4.693   -2.298  -1.705  1.00 35.88 ? 15  THR B C     1 
ATOM   875  O O     . THR D 2 8  ? 4.483   -2.309  -0.501  1.00 35.95 ? 15  THR B O     1 
ATOM   876  C CB    . THR D 2 8  ? 6.274   -4.159  -2.360  1.00 36.65 ? 15  THR B CB    1 
ATOM   877  O OG1   . THR D 2 8  ? 7.532   -4.419  -2.969  1.00 38.94 ? 15  THR B OG1   1 
ATOM   878  C CG2   . THR D 2 8  ? 5.224   -4.820  -3.232  1.00 39.20 ? 15  THR B CG2   1 
ATOM   879  N N     . THR D 2 9  ? 3.763   -1.944  -2.585  1.00 35.20 ? 16  THR B N     1 
ATOM   880  C CA    . THR D 2 9  ? 2.397   -1.733  -2.173  1.00 35.59 ? 16  THR B CA    1 
ATOM   881  C C     . THR D 2 9  ? 1.523   -2.492  -3.134  1.00 34.56 ? 16  THR B C     1 
ATOM   882  O O     . THR D 2 9  ? 1.858   -2.623  -4.296  1.00 35.24 ? 16  THR B O     1 
ATOM   883  C CB    . THR D 2 9  ? 1.988   -0.262  -2.263  1.00 35.27 ? 16  THR B CB    1 
ATOM   884  O OG1   . THR D 2 9  ? 2.835   0.497   -1.397  1.00 41.99 ? 16  THR B OG1   1 
ATOM   885  C CG2   . THR D 2 9  ? 0.533   -0.026  -1.789  1.00 34.87 ? 16  THR B CG2   1 
ATOM   886  N N     . GLN D 2 10 ? 0.401   -2.959  -2.633  1.00 33.73 ? 17  GLN B N     1 
ATOM   887  C CA    . GLN D 2 10 ? -0.607  -3.624  -3.469  1.00 33.83 ? 17  GLN B CA    1 
ATOM   888  C C     . GLN D 2 10 ? -1.883  -2.819  -3.497  1.00 34.46 ? 17  GLN B C     1 
ATOM   889  O O     . GLN D 2 10 ? -2.237  -2.147  -2.499  1.00 34.43 ? 17  GLN B O     1 
ATOM   890  C CB    . GLN D 2 10 ? -0.880  -4.985  -2.916  1.00 32.93 ? 17  GLN B CB    1 
ATOM   891  C CG    . GLN D 2 10 ? 0.282   -5.960  -3.136  1.00 31.61 ? 17  GLN B CG    1 
ATOM   892  C CD    . GLN D 2 10 ? -0.057  -7.366  -2.767  1.00 32.47 ? 17  GLN B CD    1 
ATOM   893  O OE1   . GLN D 2 10 ? -0.789  -7.637  -1.801  1.00 30.51 ? 17  GLN B OE1   1 
ATOM   894  N NE2   . GLN D 2 10 ? 0.468   -8.296  -3.531  1.00 31.37 ? 17  GLN B NE2   1 
ATOM   895  N N     . VAL D 2 11 ? -2.572  -2.857  -4.621  1.00 35.04 ? 18  VAL B N     1 
ATOM   896  C CA    . VAL D 2 11 ? -3.858  -2.183  -4.764  1.00 34.79 ? 18  VAL B CA    1 
ATOM   897  C C     . VAL D 2 11 ? -4.729  -3.177  -5.495  1.00 35.21 ? 18  VAL B C     1 
ATOM   898  O O     . VAL D 2 11 ? -4.233  -4.047  -6.220  1.00 33.95 ? 18  VAL B O     1 
ATOM   899  C CB    . VAL D 2 11 ? -3.757  -0.845  -5.547  1.00 36.09 ? 18  VAL B CB    1 
ATOM   900  C CG1   . VAL D 2 11 ? -2.869  0.127   -4.801  1.00 37.72 ? 18  VAL B CG1   1 
ATOM   901  C CG2   . VAL D 2 11 ? -3.222  -1.038  -6.959  1.00 35.20 ? 18  VAL B CG2   1 
ATOM   902  N N     . THR D 2 12 ? -6.029  -3.091  -5.328  1.00 33.65 ? 19  THR B N     1 
ATOM   903  C CA    . THR D 2 12 ? -6.882  -4.005  -6.140  1.00 35.17 ? 19  THR B CA    1 
ATOM   904  C C     . THR D 2 12 ? -7.620  -3.202  -7.167  1.00 36.62 ? 19  THR B C     1 
ATOM   905  O O     . THR D 2 12 ? -7.934  -2.052  -6.915  1.00 35.81 ? 19  THR B O     1 
ATOM   906  C CB    . THR D 2 12 ? -7.889  -4.760  -5.284  1.00 35.19 ? 19  THR B CB    1 
ATOM   907  O OG1   . THR D 2 12 ? -8.832  -3.851  -4.717  1.00 38.27 ? 19  THR B OG1   1 
ATOM   908  C CG2   . THR D 2 12 ? -7.165  -5.514  -4.192  1.00 37.86 ? 19  THR B CG2   1 
ATOM   909  N N     . ILE D 2 13 ? -7.924  -3.813  -8.309  1.00 34.87 ? 20  ILE B N     1 
ATOM   910  C CA    . ILE D 2 13 ? -8.809  -3.225  -9.277  1.00 35.96 ? 20  ILE B CA    1 
ATOM   911  C C     . ILE D 2 13 ? -9.946  -4.228  -9.541  1.00 35.10 ? 20  ILE B C     1 
ATOM   912  O O     . ILE D 2 13 ? -9.690  -5.404  -9.644  1.00 34.29 ? 20  ILE B O     1 
ATOM   913  C CB    . ILE D 2 13 ? -8.054  -2.931  -10.589 1.00 36.90 ? 20  ILE B CB    1 
ATOM   914  C CG1   . ILE D 2 13 ? -8.977  -2.252  -11.571 1.00 39.23 ? 20  ILE B CG1   1 
ATOM   915  C CG2   . ILE D 2 13 ? -7.382  -4.179  -11.204 1.00 39.62 ? 20  ILE B CG2   1 
ATOM   916  C CD1   . ILE D 2 13 ? -8.241  -1.712  -12.729 1.00 42.98 ? 20  ILE B CD1   1 
ATOM   917  N N     . PRO D 2 14 ? -11.179 -3.740  -9.718  1.00 34.70 ? 21  PRO B N     1 
ATOM   918  C CA    . PRO D 2 14 ? -12.222 -4.675  -10.158 1.00 34.12 ? 21  PRO B CA    1 
ATOM   919  C C     . PRO D 2 14 ? -11.772 -5.360  -11.418 1.00 34.14 ? 21  PRO B C     1 
ATOM   920  O O     . PRO D 2 14 ? -11.220 -4.721  -12.305 1.00 34.34 ? 21  PRO B O     1 
ATOM   921  C CB    . PRO D 2 14 ? -13.399 -3.738  -10.454 1.00 35.70 ? 21  PRO B CB    1 
ATOM   922  C CG    . PRO D 2 14 ? -13.226 -2.656  -9.440  1.00 33.13 ? 21  PRO B CG    1 
ATOM   923  C CD    . PRO D 2 14 ? -11.730 -2.400  -9.491  1.00 34.77 ? 21  PRO B CD    1 
ATOM   924  N N     . LYS D 2 15 ? -12.015 -6.662  -11.541 1.00 34.44 ? 22  LYS B N     1 
ATOM   925  C CA    . LYS D 2 15 ? -11.447 -7.357  -12.683 1.00 35.30 ? 22  LYS B CA    1 
ATOM   926  C C     . LYS D 2 15 ? -12.035 -6.861  -13.985 1.00 34.98 ? 22  LYS B C     1 
ATOM   927  O O     . LYS D 2 15 ? -11.342 -6.889  -14.984 1.00 34.74 ? 22  LYS B O     1 
ATOM   928  C CB    . LYS D 2 15 ? -11.604 -8.875  -12.607 1.00 35.98 ? 22  LYS B CB    1 
ATOM   929  C CG    . LYS D 2 15 ? -12.942 -9.383  -12.379 1.00 38.03 ? 22  LYS B CG    1 
ATOM   930  C CD    . LYS D 2 15 ? -12.812 -10.863 -12.217 1.00 39.29 ? 22  LYS B CD    1 
ATOM   931  C CE    . LYS D 2 15 ? -14.149 -11.469 -12.092 1.00 40.60 ? 22  LYS B CE    1 
ATOM   932  N NZ    . LYS D 2 15 ? -13.982 -12.896 -11.704 1.00 39.99 ? 22  LYS B NZ    1 
ATOM   933  N N     . ASP D 2 16 ? -13.291 -6.419  -13.957 1.00 35.32 ? 23  ASP B N     1 
ATOM   934  C CA    . ASP D 2 16 ? -13.927 -5.960  -15.184 1.00 38.14 ? 23  ASP B CA    1 
ATOM   935  C C     . ASP D 2 16 ? -13.212 -4.729  -15.773 1.00 38.12 ? 23  ASP B C     1 
ATOM   936  O O     . ASP D 2 16 ? -13.374 -4.438  -16.982 1.00 39.35 ? 23  ASP B O     1 
ATOM   937  C CB    . ASP D 2 16 ? -15.395 -5.613  -14.933 1.00 38.77 ? 23  ASP B CB    1 
ATOM   938  C CG    . ASP D 2 16 ? -16.299 -6.847  -14.844 1.00 43.89 ? 23  ASP B CG    1 
ATOM   939  O OD1   . ASP D 2 16 ? -15.857 -7.994  -15.167 1.00 48.32 ? 23  ASP B OD1   1 
ATOM   940  O OD2   . ASP D 2 16 ? -17.483 -6.639  -14.478 1.00 49.26 ? 23  ASP B OD2   1 
ATOM   941  N N     . LEU D 2 17 ? -12.446 -4.017  -14.946 1.00 37.36 ? 24  LEU B N     1 
ATOM   942  C CA    . LEU D 2 17 ? -11.805 -2.742  -15.342 1.00 36.85 ? 24  LEU B CA    1 
ATOM   943  C C     . LEU D 2 17 ? -10.338 -2.933  -15.682 1.00 37.36 ? 24  LEU B C     1 
ATOM   944  O O     . LEU D 2 17 ? -9.647  -2.028  -16.166 1.00 36.48 ? 24  LEU B O     1 
ATOM   945  C CB    . LEU D 2 17 ? -11.829 -1.768  -14.167 1.00 37.51 ? 24  LEU B CB    1 
ATOM   946  C CG    . LEU D 2 17 ? -13.213 -1.327  -13.686 1.00 37.03 ? 24  LEU B CG    1 
ATOM   947  C CD1   . LEU D 2 17 ? -13.015 -0.197  -12.680 1.00 35.57 ? 24  LEU B CD1   1 
ATOM   948  C CD2   . LEU D 2 17 ? -14.018 -0.868  -14.835 1.00 44.19 ? 24  LEU B CD2   1 
ATOM   949  N N     . ALA D 2 18 ? -9.827  -4.123  -15.397 1.00 36.80 ? 25  ALA B N     1 
ATOM   950  C CA    . ALA D 2 18 ? -8.396  -4.325  -15.420 1.00 36.18 ? 25  ALA B CA    1 
ATOM   951  C C     . ALA D 2 18 ? -7.868  -4.208  -16.835 1.00 36.54 ? 25  ALA B C     1 
ATOM   952  O O     . ALA D 2 18 ? -6.715  -3.802  -17.075 1.00 35.97 ? 25  ALA B O     1 
ATOM   953  C CB    . ALA D 2 18 ? -8.062  -5.713  -14.830 1.00 37.92 ? 25  ALA B CB    1 
ATOM   954  N N     . GLY D 2 19 ? -8.707  -4.583  -17.794 1.00 34.69 ? 26  GLY B N     1 
ATOM   955  C CA    . GLY D 2 19 ? -8.320  -4.492  -19.187 1.00 34.99 ? 26  GLY B CA    1 
ATOM   956  C C     . GLY D 2 19 ? -7.892  -3.086  -19.560 1.00 34.20 ? 26  GLY B C     1 
ATOM   957  O O     . GLY D 2 19 ? -7.051  -2.898  -20.436 1.00 34.92 ? 26  GLY B O     1 
ATOM   958  N N     . SER D 2 20 ? -8.442  -2.094  -18.884 1.00 34.27 ? 27  SER B N     1 
ATOM   959  C CA    . SER D 2 20 ? -8.131  -0.695  -19.221 1.00 34.26 ? 27  SER B CA    1 
ATOM   960  C C     . SER D 2 20 ? -6.724  -0.306  -18.738 1.00 35.91 ? 27  SER B C     1 
ATOM   961  O O     . SER D 2 20 ? -6.056  0.531   -19.362 1.00 35.23 ? 27  SER B O     1 
ATOM   962  C CB    . SER D 2 20 ? -9.194  0.263   -18.619 1.00 32.71 ? 27  SER B CB    1 
ATOM   963  O OG    . SER D 2 20 ? -9.178  0.179   -17.197 1.00 32.62 ? 27  SER B OG    1 
ATOM   964  N N     . ILE D 2 21 ? -6.268  -0.937  -17.649 1.00 33.94 ? 28  ILE B N     1 
ATOM   965  C CA    . ILE D 2 21 ? -4.974  -0.634  -17.124 1.00 35.60 ? 28  ILE B CA    1 
ATOM   966  C C     . ILE D 2 21 ? -3.874  -1.382  -17.918 1.00 33.73 ? 28  ILE B C     1 
ATOM   967  O O     . ILE D 2 21 ? -2.729  -0.945  -17.990 1.00 34.79 ? 28  ILE B O     1 
ATOM   968  C CB    . ILE D 2 21 ? -4.868  -0.900  -15.551 1.00 35.56 ? 28  ILE B CB    1 
ATOM   969  C CG1   . ILE D 2 21 ? -4.575  -2.339  -15.252 1.00 40.72 ? 28  ILE B CG1   1 
ATOM   970  C CG2   . ILE D 2 21 ? -6.067  -0.281  -14.759 1.00 38.23 ? 28  ILE B CG2   1 
ATOM   971  C CD1   . ILE D 2 21 ? -4.101  -2.613  -13.804 1.00 39.72 ? 28  ILE B CD1   1 
ATOM   972  N N     . ILE D 2 22 ? -4.241  -2.511  -18.470 1.00 34.13 ? 29  ILE B N     1 
ATOM   973  C CA    . ILE D 2 22 ? -3.320  -3.257  -19.353 1.00 33.34 ? 29  ILE B CA    1 
ATOM   974  C C     . ILE D 2 22 ? -3.252  -2.639  -20.740 1.00 34.09 ? 29  ILE B C     1 
ATOM   975  O O     . ILE D 2 22 ? -2.156  -2.346  -21.251 1.00 34.36 ? 29  ILE B O     1 
ATOM   976  C CB    . ILE D 2 22 ? -3.678  -4.773  -19.400 1.00 33.92 ? 29  ILE B CB    1 
ATOM   977  C CG1   . ILE D 2 22 ? -3.586  -5.359  -17.977 1.00 32.48 ? 29  ILE B CG1   1 
ATOM   978  C CG2   . ILE D 2 22 ? -2.736  -5.505  -20.353 1.00 32.51 ? 29  ILE B CG2   1 
ATOM   979  C CD1   . ILE D 2 22 ? -4.224  -6.680  -17.863 1.00 38.02 ? 29  ILE B CD1   1 
ATOM   980  N N     . GLY D 2 23 ? -4.422  -2.456  -21.357 1.00 33.70 ? 30  GLY B N     1 
ATOM   981  C CA    . GLY D 2 23 ? -4.553  -1.854  -22.684 1.00 33.88 ? 30  GLY B CA    1 
ATOM   982  C C     . GLY D 2 23 ? -4.340  -2.912  -23.718 1.00 34.93 ? 30  GLY B C     1 
ATOM   983  O O     . GLY D 2 23 ? -3.824  -3.974  -23.407 1.00 33.86 ? 30  GLY B O     1 
ATOM   984  N N     . LYS D 2 24 ? -4.731  -2.641  -24.952 1.00 35.88 ? 31  LYS B N     1 
ATOM   985  C CA    . LYS D 2 24 ? -4.528  -3.642  -25.975 1.00 36.16 ? 31  LYS B CA    1 
ATOM   986  C C     . LYS D 2 24 ? -3.044  -3.955  -26.116 1.00 36.55 ? 31  LYS B C     1 
ATOM   987  O O     . LYS D 2 24 ? -2.210  -3.046  -26.114 1.00 35.73 ? 31  LYS B O     1 
ATOM   988  C CB    . LYS D 2 24 ? -5.159  -3.199  -27.297 1.00 38.68 ? 31  LYS B CB    1 
ATOM   989  C CG    . LYS D 2 24 ? -6.695  -3.347  -27.312 1.00 41.16 ? 31  LYS B CG    1 
ATOM   990  C CD    . LYS D 2 24 ? -7.141  -4.802  -27.511 1.00 46.44 ? 31  LYS B CD    1 
ATOM   991  C CE    . LYS D 2 24 ? -8.650  -4.898  -27.768 1.00 46.89 ? 31  LYS B CE    1 
ATOM   992  N NZ    . LYS D 2 24 ? -8.982  -6.194  -28.480 1.00 48.25 ? 31  LYS B NZ    1 
ATOM   993  N N     . GLY D 2 25 ? -2.731  -5.254  -26.194 1.00 35.91 ? 32  GLY B N     1 
ATOM   994  C CA    . GLY D 2 25 ? -1.352  -5.752  -26.261 1.00 35.57 ? 32  GLY B CA    1 
ATOM   995  C C     . GLY D 2 25 ? -0.517  -5.260  -25.110 1.00 36.19 ? 32  GLY B C     1 
ATOM   996  O O     . GLY D 2 25 ? 0.732   -5.232  -25.184 1.00 35.44 ? 32  GLY B O     1 
ATOM   997  N N     . GLY D 2 26 ? -1.189  -4.895  -24.014 1.00 34.41 ? 33  GLY B N     1 
ATOM   998  C CA    . GLY D 2 26 ? -0.455  -4.347  -22.879 1.00 36.11 ? 33  GLY B CA    1 
ATOM   999  C C     . GLY D 2 26 ? 0.192   -2.989  -23.089 1.00 35.25 ? 33  GLY B C     1 
ATOM   1000 O O     . GLY D 2 26 ? 1.110   -2.627  -22.357 1.00 36.39 ? 33  GLY B O     1 
ATOM   1001 N N     . GLN D 2 27 ? -0.341  -2.183  -23.994 1.00 35.93 ? 34  GLN B N     1 
ATOM   1002 C CA    . GLN D 2 27 ? 0.310   -0.909  -24.312 1.00 36.94 ? 34  GLN B CA    1 
ATOM   1003 C C     . GLN D 2 27 ? 0.242   0.111   -23.172 1.00 36.28 ? 34  GLN B C     1 
ATOM   1004 O O     . GLN D 2 27 ? 1.188   0.890   -22.981 1.00 35.65 ? 34  GLN B O     1 
ATOM   1005 C CB    . GLN D 2 27 ? -0.223  -0.308  -25.621 1.00 38.41 ? 34  GLN B CB    1 
ATOM   1006 C CG    . GLN D 2 27 ? -1.677  0.083   -25.692 1.00 41.63 ? 34  GLN B CG    1 
ATOM   1007 C CD    . GLN D 2 27 ? -1.999  0.757   -27.079 1.00 41.10 ? 34  GLN B CD    1 
ATOM   1008 O OE1   . GLN D 2 27 ? -2.401  1.923   -27.141 1.00 47.63 ? 34  GLN B OE1   1 
ATOM   1009 N NE2   . GLN D 2 27 ? -1.779  0.017   -28.170 1.00 46.30 ? 34  GLN B NE2   1 
ATOM   1010 N N     . ARG D 2 28 ? -0.875  0.108   -22.440 1.00 35.36 ? 35  ARG B N     1 
ATOM   1011 C CA    . ARG D 2 28 ? -1.057  1.061   -21.366 1.00 35.55 ? 35  ARG B CA    1 
ATOM   1012 C C     . ARG D 2 28 ? -0.147  0.700   -20.183 1.00 34.60 ? 35  ARG B C     1 
ATOM   1013 O O     . ARG D 2 28 ? 0.562   1.566   -19.644 1.00 35.48 ? 35  ARG B O     1 
ATOM   1014 C CB    . ARG D 2 28 ? -2.528  1.133   -20.906 1.00 34.96 ? 35  ARG B CB    1 
ATOM   1015 C CG    . ARG D 2 28 ? -2.771  2.093   -19.797 1.00 34.56 ? 35  ARG B CG    1 
ATOM   1016 C CD    . ARG D 2 28 ? -2.314  3.516   -20.161 1.00 34.89 ? 35  ARG B CD    1 
ATOM   1017 N NE    . ARG D 2 28 ? -2.462  4.343   -18.962 1.00 41.15 ? 35  ARG B NE    1 
ATOM   1018 C CZ    . ARG D 2 28 ? -1.854  5.507   -18.744 1.00 37.89 ? 35  ARG B CZ    1 
ATOM   1019 N NH1   . ARG D 2 28 ? -1.053  6.038   -19.662 1.00 36.52 ? 35  ARG B NH1   1 
ATOM   1020 N NH2   . ARG D 2 28 ? -2.061  6.125   -17.577 1.00 45.36 ? 35  ARG B NH2   1 
ATOM   1021 N N     . ILE D 2 29 ? -0.155  -0.561  -19.762 1.00 34.18 ? 36  ILE B N     1 
ATOM   1022 C CA    . ILE D 2 29 ? 0.659   -0.937  -18.623 1.00 33.82 ? 36  ILE B CA    1 
ATOM   1023 C C     . ILE D 2 29 ? 2.140   -0.790  -18.975 1.00 34.81 ? 36  ILE B C     1 
ATOM   1024 O O     . ILE D 2 29 ? 2.957   -0.436  -18.144 1.00 35.95 ? 36  ILE B O     1 
ATOM   1025 C CB    . ILE D 2 29 ? 0.350   -2.358  -18.087 1.00 33.93 ? 36  ILE B CB    1 
ATOM   1026 C CG1   . ILE D 2 29 ? 1.128   -2.692  -16.793 1.00 31.16 ? 36  ILE B CG1   1 
ATOM   1027 C CG2   . ILE D 2 29 ? 0.653   -3.481  -19.122 1.00 34.33 ? 36  ILE B CG2   1 
ATOM   1028 C CD1   . ILE D 2 29 ? 0.975   -1.555  -15.656 1.00 36.73 ? 36  ILE B CD1   1 
ATOM   1029 N N     . LYS D 2 30 ? 2.475   -1.020  -20.225 1.00 35.18 ? 37  LYS B N     1 
ATOM   1030 C CA    . LYS D 2 30 ? 3.854   -0.782  -20.658 1.00 36.73 ? 37  LYS B CA    1 
ATOM   1031 C C     . LYS D 2 30 ? 4.190   0.704   -20.461 1.00 36.47 ? 37  LYS B C     1 
ATOM   1032 O O     . LYS D 2 30 ? 5.239   1.033   -19.916 1.00 37.90 ? 37  LYS B O     1 
ATOM   1033 C CB    . LYS D 2 30 ? 4.025   -1.201  -22.105 1.00 35.85 ? 37  LYS B CB    1 
ATOM   1034 C CG    . LYS D 2 30 ? 5.484   -1.097  -22.632 1.00 37.35 ? 37  LYS B CG    1 
ATOM   1035 C CD    . LYS D 2 30 ? 5.528   -1.200  -24.152 1.00 37.13 ? 37  LYS B CD    1 
ATOM   1036 C CE    . LYS D 2 30 ? 6.990   -1.541  -24.608 1.00 41.92 ? 37  LYS B CE    1 
ATOM   1037 N NZ    . LYS D 2 30 ? 7.298   -1.051  -25.981 1.00 41.40 ? 37  LYS B NZ    1 
ATOM   1038 N N     . GLN D 2 31 ? 3.285   1.605   -20.844 1.00 38.36 ? 38  GLN B N     1 
ATOM   1039 C CA    . GLN D 2 31 ? 3.540   3.033   -20.657 1.00 37.51 ? 38  GLN B CA    1 
ATOM   1040 C C     . GLN D 2 31 ? 3.667   3.406   -19.187 1.00 37.84 ? 38  GLN B C     1 
ATOM   1041 O O     . GLN D 2 31 ? 4.527   4.230   -18.834 1.00 37.51 ? 38  GLN B O     1 
ATOM   1042 C CB    . GLN D 2 31 ? 2.440   3.879   -21.317 1.00 37.99 ? 38  GLN B CB    1 
ATOM   1043 C CG    . GLN D 2 31 ? 2.592   5.379   -21.082 1.00 39.14 ? 38  GLN B CG    1 
ATOM   1044 C CD    . GLN D 2 31 ? 3.909   5.988   -21.551 1.00 41.82 ? 38  GLN B CD    1 
ATOM   1045 O OE1   . GLN D 2 31 ? 4.519   5.556   -22.532 1.00 41.19 ? 38  GLN B OE1   1 
ATOM   1046 N NE2   . GLN D 2 31 ? 4.324   7.030   -20.870 1.00 41.55 ? 38  GLN B NE2   1 
ATOM   1047 N N     . ILE D 2 32 ? 2.807   2.825   -18.353 1.00 36.97 ? 39  ILE B N     1 
ATOM   1048 C CA    . ILE D 2 32 ? 2.794   3.087   -16.904 1.00 36.58 ? 39  ILE B CA    1 
ATOM   1049 C C     . ILE D 2 32 ? 4.110   2.625   -16.289 1.00 37.17 ? 39  ILE B C     1 
ATOM   1050 O O     . ILE D 2 32 ? 4.710   3.339   -15.472 1.00 37.14 ? 39  ILE B O     1 
ATOM   1051 C CB    . ILE D 2 32 ? 1.643   2.400   -16.206 1.00 36.34 ? 39  ILE B CB    1 
ATOM   1052 C CG1   . ILE D 2 32 ? 0.310   3.040   -16.645 1.00 37.82 ? 39  ILE B CG1   1 
ATOM   1053 C CG2   . ILE D 2 32 ? 1.762   2.547   -14.676 1.00 38.11 ? 39  ILE B CG2   1 
ATOM   1054 C CD1   . ILE D 2 32 ? -0.884  2.220   -16.296 1.00 38.40 ? 39  ILE B CD1   1 
ATOM   1055 N N     . ARG D 2 33 ? 4.574   1.448   -16.707 1.00 37.73 ? 40  ARG B N     1 
ATOM   1056 C CA    . ARG D 2 33 ? 5.881   0.957   -16.235 1.00 37.06 ? 40  ARG B CA    1 
ATOM   1057 C C     . ARG D 2 33 ? 7.017   1.870   -16.596 1.00 38.80 ? 40  ARG B C     1 
ATOM   1058 O O     . ARG D 2 33 ? 7.883   2.156   -15.759 1.00 39.56 ? 40  ARG B O     1 
ATOM   1059 C CB    . ARG D 2 33 ? 6.139   -0.470  -16.740 1.00 37.82 ? 40  ARG B CB    1 
ATOM   1060 C CG    . ARG D 2 33 ? 5.203   -1.515  -16.152 1.00 34.92 ? 40  ARG B CG    1 
ATOM   1061 C CD    . ARG D 2 33 ? 5.440   -2.871  -16.812 1.00 36.83 ? 40  ARG B CD    1 
ATOM   1062 N NE    . ARG D 2 33 ? 4.789   -3.904  -16.009 1.00 31.91 ? 40  ARG B NE    1 
ATOM   1063 C CZ    . ARG D 2 33 ? 3.939   -4.799  -16.494 1.00 36.41 ? 40  ARG B CZ    1 
ATOM   1064 N NH1   . ARG D 2 33 ? 3.606   -4.793  -17.790 1.00 34.31 ? 40  ARG B NH1   1 
ATOM   1065 N NH2   . ARG D 2 33 ? 3.422   -5.703  -15.677 1.00 34.95 ? 40  ARG B NH2   1 
ATOM   1066 N N     . HIS D 2 34 ? 7.044   2.321   -17.847 1.00 38.49 ? 41  HIS B N     1 
ATOM   1067 C CA    . HIS D 2 34 ? 8.015   3.305   -18.282 1.00 39.31 ? 41  HIS B CA    1 
ATOM   1068 C C     . HIS D 2 34 ? 7.894   4.625   -17.504 1.00 38.64 ? 41  HIS B C     1 
ATOM   1069 O O     . HIS D 2 34 ? 8.877   5.142   -16.969 1.00 38.48 ? 41  HIS B O     1 
ATOM   1070 C CB    . HIS D 2 34 ? 7.848   3.563   -19.778 1.00 38.54 ? 41  HIS B CB    1 
ATOM   1071 C CG    . HIS D 2 34 ? 8.795   4.585   -20.320 1.00 42.14 ? 41  HIS B CG    1 
ATOM   1072 N ND1   . HIS D 2 34 ? 8.428   5.892   -20.559 1.00 42.22 ? 41  HIS B ND1   1 
ATOM   1073 C CD2   . HIS D 2 34 ? 10.103  4.492   -20.652 1.00 41.69 ? 41  HIS B CD2   1 
ATOM   1074 C CE1   . HIS D 2 34 ? 9.470   6.556   -21.024 1.00 45.06 ? 41  HIS B CE1   1 
ATOM   1075 N NE2   . HIS D 2 34 ? 10.499  5.732   -21.089 1.00 44.60 ? 41  HIS B NE2   1 
ATOM   1076 N N     . GLU D 2 35 ? 6.690   5.174   -17.471 1.00 38.69 ? 42  GLU B N     1 
ATOM   1077 C CA    . GLU D 2 35 ? 6.491   6.502   -16.922 1.00 38.49 ? 42  GLU B CA    1 
ATOM   1078 C C     . GLU D 2 35 ? 6.761   6.546   -15.420 1.00 37.64 ? 42  GLU B C     1 
ATOM   1079 O O     . GLU D 2 35 ? 7.310   7.520   -14.926 1.00 38.68 ? 42  GLU B O     1 
ATOM   1080 C CB    . GLU D 2 35 ? 5.085   7.001   -17.191 1.00 37.89 ? 42  GLU B CB    1 
ATOM   1081 C CG    . GLU D 2 35 ? 4.955   8.481   -16.952 1.00 38.33 ? 42  GLU B CG    1 
ATOM   1082 C CD    . GLU D 2 35 ? 3.750   9.056   -17.610 1.00 41.15 ? 42  GLU B CD    1 
ATOM   1083 O OE1   . GLU D 2 35 ? 3.251   8.418   -18.583 1.00 38.66 ? 42  GLU B OE1   1 
ATOM   1084 O OE2   . GLU D 2 35 ? 3.327   10.162  -17.180 1.00 39.85 ? 42  GLU B OE2   1 
ATOM   1085 N N     . SER D 2 36 ? 6.391   5.489   -14.714 1.00 37.37 ? 43  SER B N     1 
ATOM   1086 C CA    . SER D 2 36 ? 6.553   5.491   -13.288 1.00 36.86 ? 43  SER B CA    1 
ATOM   1087 C C     . SER D 2 36 ? 7.940   5.083   -12.837 1.00 36.46 ? 43  SER B C     1 
ATOM   1088 O O     . SER D 2 36 ? 8.414   5.600   -11.818 1.00 36.62 ? 43  SER B O     1 
ATOM   1089 C CB    . SER D 2 36 ? 5.496   4.646   -12.584 1.00 37.56 ? 43  SER B CB    1 
ATOM   1090 O OG    . SER D 2 36 ? 5.631   3.256   -12.872 1.00 34.69 ? 43  SER B OG    1 
ATOM   1091 N N     . GLY D 2 37 ? 8.582   4.172   -13.565 1.00 35.18 ? 44  GLY B N     1 
ATOM   1092 C CA    . GLY D 2 37 ? 9.791   3.537   -13.032 1.00 35.89 ? 44  GLY B CA    1 
ATOM   1093 C C     . GLY D 2 37 ? 9.521   2.412   -12.041 1.00 34.81 ? 44  GLY B C     1 
ATOM   1094 O O     . GLY D 2 37 ? 10.428  1.680   -11.661 1.00 35.28 ? 44  GLY B O     1 
ATOM   1095 N N     . ALA D 2 38 ? 8.258   2.215   -11.665 1.00 35.94 ? 45  ALA B N     1 
ATOM   1096 C CA    . ALA D 2 38 ? 7.916   1.159   -10.743 1.00 33.96 ? 45  ALA B CA    1 
ATOM   1097 C C     . ALA D 2 38 ? 7.866   -0.216  -11.381 1.00 34.35 ? 45  ALA B C     1 
ATOM   1098 O O     . ALA D 2 38 ? 7.556   -0.380  -12.583 1.00 34.38 ? 45  ALA B O     1 
ATOM   1099 C CB    . ALA D 2 38 ? 6.584   1.470   -10.072 1.00 34.47 ? 45  ALA B CB    1 
ATOM   1100 N N     . SER D 2 39 ? 8.200   -1.217  -10.577 1.00 33.62 ? 46  SER B N     1 
ATOM   1101 C CA    . SER D 2 39 ? 7.955   -2.571  -11.006 1.00 35.84 ? 46  SER B CA    1 
ATOM   1102 C C     . SER D 2 39 ? 6.479   -2.836  -10.676 1.00 35.40 ? 46  SER B C     1 
ATOM   1103 O O     . SER D 2 39 ? 6.049   -2.598  -9.574  1.00 36.87 ? 46  SER B O     1 
ATOM   1104 C CB    . SER D 2 39 ? 8.921   -3.521  -10.298 1.00 36.90 ? 46  SER B CB    1 
ATOM   1105 O OG    . SER D 2 39 ? 8.727   -4.829  -10.789 1.00 41.71 ? 46  SER B OG    1 
ATOM   1106 N N     . ILE D 2 40 ? 5.692   -3.231  -11.667 1.00 35.42 ? 47  ILE B N     1 
ATOM   1107 C CA    . ILE D 2 40 ? 4.269   -3.473  -11.485 1.00 35.39 ? 47  ILE B CA    1 
ATOM   1108 C C     . ILE D 2 40 ? 3.895   -4.851  -11.992 1.00 36.91 ? 47  ILE B C     1 
ATOM   1109 O O     . ILE D 2 40 ? 4.245   -5.235  -13.109 1.00 36.30 ? 47  ILE B O     1 
ATOM   1110 C CB    . ILE D 2 40 ? 3.477   -2.447  -12.291 1.00 35.28 ? 47  ILE B CB    1 
ATOM   1111 C CG1   . ILE D 2 40 ? 3.995   -1.011  -12.004 1.00 31.99 ? 47  ILE B CG1   1 
ATOM   1112 C CG2   . ILE D 2 40 ? 1.943   -2.620  -12.099 1.00 33.60 ? 47  ILE B CG2   1 
ATOM   1113 C CD1   . ILE D 2 40 ? 3.403   0.029   -12.982 1.00 35.69 ? 47  ILE B CD1   1 
ATOM   1114 N N     . LYS D 2 41 ? 3.113   -5.544  -11.193 1.00 36.81 ? 48  LYS B N     1 
ATOM   1115 C CA    . LYS D 2 41 ? 2.674   -6.899  -11.504 1.00 39.31 ? 48  LYS B CA    1 
ATOM   1116 C C     . LYS D 2 41 ? 1.193   -6.874  -11.324 1.00 38.02 ? 48  LYS B C     1 
ATOM   1117 O O     . LYS D 2 41 ? 0.719   -6.408  -10.322 1.00 39.43 ? 48  LYS B O     1 
ATOM   1118 C CB    . LYS D 2 41 ? 3.292   -7.886  -10.511 1.00 39.66 ? 48  LYS B CB    1 
ATOM   1119 C CG    . LYS D 2 41 ? 2.668   -9.303  -10.479 1.00 44.68 ? 48  LYS B CG    1 
ATOM   1120 C CD    . LYS D 2 41 ? 3.656   -10.299 -9.897  1.00 50.36 ? 48  LYS B CD    1 
ATOM   1121 C CE    . LYS D 2 41 ? 2.983   -11.375 -9.037  1.00 53.43 ? 48  LYS B CE    1 
ATOM   1122 N NZ    . LYS D 2 41 ? 2.792   -10.973 -7.586  1.00 56.00 ? 48  LYS B NZ    1 
ATOM   1123 N N     . ILE D 2 42 ? 0.467   -7.222  -12.367 1.00 37.08 ? 49  ILE B N     1 
ATOM   1124 C CA    . ILE D 2 42 ? -0.972  -7.307  -12.279 1.00 35.38 ? 49  ILE B CA    1 
ATOM   1125 C C     . ILE D 2 42 ? -1.263  -8.811  -12.251 1.00 36.15 ? 49  ILE B C     1 
ATOM   1126 O O     . ILE D 2 42 ? -1.049  -9.532  -13.242 1.00 35.14 ? 49  ILE B O     1 
ATOM   1127 C CB    . ILE D 2 42 ? -1.690  -6.710  -13.508 1.00 35.81 ? 49  ILE B CB    1 
ATOM   1128 C CG1   . ILE D 2 42 ? -1.213  -5.278  -13.773 1.00 37.88 ? 49  ILE B CG1   1 
ATOM   1129 C CG2   . ILE D 2 42 ? -3.171  -6.755  -13.248 1.00 34.65 ? 49  ILE B CG2   1 
ATOM   1130 C CD1   . ILE D 2 42 ? -1.418  -4.839  -15.258 1.00 42.27 ? 49  ILE B CD1   1 
ATOM   1131 N N     . ASP D 2 43 ? -1.688  -9.323  -11.112 1.00 36.34 ? 50  ASP B N     1 
ATOM   1132 C CA    . ASP D 2 43 ? -2.025  -10.763 -11.073 1.00 37.32 ? 50  ASP B CA    1 
ATOM   1133 C C     . ASP D 2 43 ? -3.111  -11.188 -12.043 1.00 37.57 ? 50  ASP B C     1 
ATOM   1134 O O     . ASP D 2 43 ? -3.973  -10.421 -12.405 1.00 37.60 ? 50  ASP B O     1 
ATOM   1135 C CB    . ASP D 2 43 ? -2.428  -11.190 -9.683  1.00 37.13 ? 50  ASP B CB    1 
ATOM   1136 C CG    . ASP D 2 43 ? -1.281  -11.124 -8.722  1.00 39.74 ? 50  ASP B CG    1 
ATOM   1137 O OD1   . ASP D 2 43 ? -0.112  -10.936 -9.164  1.00 45.70 ? 50  ASP B OD1   1 
ATOM   1138 O OD2   . ASP D 2 43 ? -1.532  -11.244 -7.518  1.00 45.45 ? 50  ASP B OD2   1 
ATOM   1139 N N     . GLU D 2 44 ? -3.081  -12.455 -12.423 1.00 39.64 ? 51  GLU B N     1 
ATOM   1140 C CA    . GLU D 2 44 ? -4.120  -13.014 -13.254 1.00 41.89 ? 51  GLU B CA    1 
ATOM   1141 C C     . GLU D 2 44 ? -5.442  -13.045 -12.499 1.00 42.75 ? 51  GLU B C     1 
ATOM   1142 O O     . GLU D 2 44 ? -5.448  -13.012 -11.263 1.00 42.82 ? 51  GLU B O     1 
ATOM   1143 C CB    . GLU D 2 44 ? -3.706  -14.414 -13.671 1.00 42.19 ? 51  GLU B CB    1 
ATOM   1144 C CG    . GLU D 2 44 ? -2.592  -14.361 -14.703 1.00 45.80 ? 51  GLU B CG    1 
ATOM   1145 C CD    . GLU D 2 44 ? -3.062  -13.703 -15.994 1.00 48.72 ? 51  GLU B CD    1 
ATOM   1146 O OE1   . GLU D 2 44 ? -3.783  -14.369 -16.769 1.00 50.24 ? 51  GLU B OE1   1 
ATOM   1147 O OE2   . GLU D 2 44 ? -2.733  -12.528 -16.236 1.00 52.03 ? 51  GLU B OE2   1 
ATOM   1148 N N     . PRO D 2 45 ? -6.566  -13.046 -13.226 1.00 44.25 ? 52  PRO B N     1 
ATOM   1149 C CA    . PRO D 2 45 ? -7.772  -13.215 -12.434 1.00 45.40 ? 52  PRO B CA    1 
ATOM   1150 C C     . PRO D 2 45 ? -7.711  -14.564 -11.678 1.00 45.68 ? 52  PRO B C     1 
ATOM   1151 O O     . PRO D 2 45 ? -7.355  -15.582 -12.275 1.00 47.16 ? 52  PRO B O     1 
ATOM   1152 C CB    . PRO D 2 45 ? -8.909  -13.146 -13.462 1.00 45.70 ? 52  PRO B CB    1 
ATOM   1153 C CG    . PRO D 2 45 ? -8.259  -13.187 -14.821 1.00 45.39 ? 52  PRO B CG    1 
ATOM   1154 C CD    . PRO D 2 45 ? -6.819  -12.864 -14.668 1.00 43.95 ? 52  PRO B CD    1 
ATOM   1155 N N     . LEU D 2 46 ? -7.959  -14.536 -10.363 1.00 45.09 ? 53  LEU B N     1 
ATOM   1156 C CA    . LEU D 2 46 ? -8.211  -15.751 -9.574  1.00 44.28 ? 53  LEU B CA    1 
ATOM   1157 C C     . LEU D 2 46 ? -9.702  -16.111 -9.592  1.00 42.80 ? 53  LEU B C     1 
ATOM   1158 O O     . LEU D 2 46 ? -10.575 -15.251 -9.737  1.00 43.42 ? 53  LEU B O     1 
ATOM   1159 C CB    . LEU D 2 46 ? -7.699  -15.601 -8.137  1.00 44.14 ? 53  LEU B CB    1 
ATOM   1160 C CG    . LEU D 2 46 ? -6.179  -15.746 -7.901  1.00 46.46 ? 53  LEU B CG    1 
ATOM   1161 C CD1   . LEU D 2 46 ? -5.316  -15.067 -8.999  1.00 48.76 ? 53  LEU B CD1   1 
ATOM   1162 C CD2   . LEU D 2 46 ? -5.749  -15.255 -6.491  1.00 46.29 ? 53  LEU B CD2   1 
ATOM   1163 N N     . GLU D 2 47 ? -9.979  -17.410 -9.516  1.00 41.44 ? 54  GLU B N     1 
ATOM   1164 C CA    . GLU D 2 47 ? -11.356 -17.898 -9.429  1.00 39.47 ? 54  GLU B CA    1 
ATOM   1165 C C     . GLU D 2 47 ? -11.968 -17.468 -8.084  1.00 37.24 ? 54  GLU B C     1 
ATOM   1166 O O     . GLU D 2 47 ? -11.369 -17.705 -7.013  1.00 36.44 ? 54  GLU B O     1 
ATOM   1167 C CB    . GLU D 2 47 ? -11.386 -19.409 -9.615  1.00 39.25 ? 54  GLU B CB    1 
ATOM   1168 C CG    . GLU D 2 47 ? -12.662 -20.092 -9.130  1.00 40.76 ? 54  GLU B CG    1 
ATOM   1169 C CD    . GLU D 2 47 ? -12.773 -21.545 -9.558  1.00 41.02 ? 54  GLU B CD    1 
ATOM   1170 O OE1   . GLU D 2 47 ? -12.497 -22.453 -8.735  1.00 43.56 ? 54  GLU B OE1   1 
ATOM   1171 O OE2   . GLU D 2 47 ? -13.159 -21.776 -10.721 1.00 42.64 ? 54  GLU B OE2   1 
ATOM   1172 N N     . GLY D 2 48 ? -13.128 -16.805 -8.161  1.00 33.80 ? 55  GLY B N     1 
ATOM   1173 C CA    . GLY D 2 48 ? -13.890 -16.462 -6.977  1.00 30.72 ? 55  GLY B CA    1 
ATOM   1174 C C     . GLY D 2 48 ? -13.567 -15.052 -6.516  1.00 29.20 ? 55  GLY B C     1 
ATOM   1175 O O     . GLY D 2 48 ? -14.130 -14.567 -5.556  1.00 27.78 ? 55  GLY B O     1 
ATOM   1176 N N     . SER D 2 49 ? -12.663 -14.375 -7.205  1.00 28.92 ? 56  SER B N     1 
ATOM   1177 C CA    . SER D 2 49 ? -12.394 -12.994 -6.870  1.00 29.23 ? 56  SER B CA    1 
ATOM   1178 C C     . SER D 2 49 ? -12.990 -12.037 -7.915  1.00 29.87 ? 56  SER B C     1 
ATOM   1179 O O     . SER D 2 49 ? -12.865 -12.273 -9.122  1.00 28.71 ? 56  SER B O     1 
ATOM   1180 C CB    . SER D 2 49 ? -10.903 -12.742 -6.808  1.00 29.08 ? 56  SER B CB    1 
ATOM   1181 O OG    . SER D 2 49 ? -10.627 -11.401 -6.392  1.00 29.67 ? 56  SER B OG    1 
ATOM   1182 N N     . GLU D 2 50 ? -13.552 -10.937 -7.437  1.00 29.07 ? 57  GLU B N     1 
ATOM   1183 C CA    . GLU D 2 50 ? -14.034 -9.883  -8.320  1.00 30.41 ? 57  GLU B CA    1 
ATOM   1184 C C     . GLU D 2 50 ? -12.941 -8.875  -8.659  1.00 30.22 ? 57  GLU B C     1 
ATOM   1185 O O     . GLU D 2 50 ? -13.188 -7.934  -9.431  1.00 31.00 ? 57  GLU B O     1 
ATOM   1186 C CB    . GLU D 2 50 ? -15.194 -9.115  -7.665  1.00 32.16 ? 57  GLU B CB    1 
ATOM   1187 C CG    . GLU D 2 50 ? -16.431 -9.960  -7.412  1.00 36.75 ? 57  GLU B CG    1 
ATOM   1188 C CD    . GLU D 2 50 ? -16.924 -10.616 -8.692  1.00 44.89 ? 57  GLU B CD    1 
ATOM   1189 O OE1   . GLU D 2 50 ? -16.937 -9.924  -9.744  1.00 47.58 ? 57  GLU B OE1   1 
ATOM   1190 O OE2   . GLU D 2 50 ? -17.282 -11.827 -8.654  1.00 48.96 ? 57  GLU B OE2   1 
ATOM   1191 N N     . ASP D 2 51 ? -11.753 -9.063  -8.083  1.00 28.44 ? 58  ASP B N     1 
ATOM   1192 C CA    . ASP D 2 51 ? -10.682 -8.111  -8.246  1.00 30.53 ? 58  ASP B CA    1 
ATOM   1193 C C     . ASP D 2 51 ? -9.417  -8.697  -8.772  1.00 29.79 ? 58  ASP B C     1 
ATOM   1194 O O     . ASP D 2 51 ? -9.188  -9.892  -8.679  1.00 30.88 ? 58  ASP B O     1 
ATOM   1195 C CB    . ASP D 2 51 ? -10.428 -7.436  -6.899  1.00 31.19 ? 58  ASP B CB    1 
ATOM   1196 C CG    . ASP D 2 51 ? -11.715 -6.880  -6.311  1.00 34.16 ? 58  ASP B CG    1 
ATOM   1197 O OD1   . ASP D 2 51 ? -12.214 -5.865  -6.838  1.00 39.02 ? 58  ASP B OD1   1 
ATOM   1198 O OD2   . ASP D 2 51 ? -12.222 -7.490  -5.360  1.00 38.29 ? 58  ASP B OD2   1 
ATOM   1199 N N     . ARG D 2 52 ? -8.546  -7.837  -9.255  1.00 30.22 ? 59  ARG B N     1 
ATOM   1200 C CA    . ARG D 2 52 ? -7.188  -8.285  -9.528  1.00 31.60 ? 59  ARG B CA    1 
ATOM   1201 C C     . ARG D 2 52 ? -6.219  -7.465  -8.694  1.00 32.44 ? 59  ARG B C     1 
ATOM   1202 O O     . ARG D 2 52 ? -6.424  -6.281  -8.463  1.00 33.21 ? 59  ARG B O     1 
ATOM   1203 C CB    . ARG D 2 52 ? -6.899  -8.119  -10.996 1.00 31.22 ? 59  ARG B CB    1 
ATOM   1204 C CG    . ARG D 2 52 ? -7.665  -9.271  -11.738 1.00 35.07 ? 59  ARG B CG    1 
ATOM   1205 C CD    . ARG D 2 52 ? -7.628  -9.105  -13.160 1.00 39.32 ? 59  ARG B CD    1 
ATOM   1206 N NE    . ARG D 2 52 ? -6.296  -9.447  -13.628 1.00 39.70 ? 59  ARG B NE    1 
ATOM   1207 C CZ    . ARG D 2 52 ? -5.977  -9.362  -14.898 1.00 36.08 ? 59  ARG B CZ    1 
ATOM   1208 N NH1   . ARG D 2 52 ? -6.914  -8.990  -15.746 1.00 34.93 ? 59  ARG B NH1   1 
ATOM   1209 N NH2   . ARG D 2 52 ? -4.774  -9.693  -15.310 1.00 32.98 ? 59  ARG B NH2   1 
ATOM   1210 N N     . ILE D 2 53 ? -5.181  -8.139  -8.228  1.00 31.91 ? 60  ILE B N     1 
ATOM   1211 C CA    . ILE D 2 53 ? -4.261  -7.467  -7.350  1.00 33.29 ? 60  ILE B CA    1 
ATOM   1212 C C     . ILE D 2 53 ? -3.144  -6.926  -8.179  1.00 33.41 ? 60  ILE B C     1 
ATOM   1213 O O     . ILE D 2 53 ? -2.605  -7.623  -9.013  1.00 34.67 ? 60  ILE B O     1 
ATOM   1214 C CB    . ILE D 2 53 ? -3.736  -8.474  -6.304  1.00 33.39 ? 60  ILE B CB    1 
ATOM   1215 C CG1   . ILE D 2 53 ? -4.921  -8.936  -5.448  1.00 35.30 ? 60  ILE B CG1   1 
ATOM   1216 C CG2   . ILE D 2 53 ? -2.571  -7.793  -5.472  1.00 34.33 ? 60  ILE B CG2   1 
ATOM   1217 C CD1   . ILE D 2 53 ? -4.650  -10.131 -4.585  1.00 43.07 ? 60  ILE B CD1   1 
ATOM   1218 N N     . ILE D 2 54 ? -2.764  -5.690  -7.913  1.00 32.69 ? 61  ILE B N     1 
ATOM   1219 C CA    . ILE D 2 54 ? -1.632  -5.094  -8.582  1.00 33.42 ? 61  ILE B CA    1 
ATOM   1220 C C     . ILE D 2 54 ? -0.597  -4.865  -7.518  1.00 33.24 ? 61  ILE B C     1 
ATOM   1221 O O     . ILE D 2 54 ? -0.924  -4.331  -6.471  1.00 33.26 ? 61  ILE B O     1 
ATOM   1222 C CB    . ILE D 2 54 ? -1.988  -3.778  -9.173  1.00 31.59 ? 61  ILE B CB    1 
ATOM   1223 C CG1   . ILE D 2 54 ? -3.166  -4.002  -10.161 1.00 35.02 ? 61  ILE B CG1   1 
ATOM   1224 C CG2   . ILE D 2 54 ? -0.789  -3.218  -9.915  1.00 35.42 ? 61  ILE B CG2   1 
ATOM   1225 C CD1   . ILE D 2 54 ? -3.900  -2.669  -10.443 1.00 37.50 ? 61  ILE B CD1   1 
ATOM   1226 N N     . THR D 2 55 ? 0.621   -5.298  -7.789  1.00 33.22 ? 62  THR B N     1 
ATOM   1227 C CA    . THR D 2 55 ? 1.693   -5.077  -6.835  1.00 34.12 ? 62  THR B CA    1 
ATOM   1228 C C     . THR D 2 55 ? 2.653   -4.123  -7.466  1.00 33.51 ? 62  THR B C     1 
ATOM   1229 O O     . THR D 2 55 ? 3.072   -4.319  -8.591  1.00 35.65 ? 62  THR B O     1 
ATOM   1230 C CB    . THR D 2 55 ? 2.451   -6.402  -6.577  1.00 34.90 ? 62  THR B CB    1 
ATOM   1231 O OG1   . THR D 2 55 ? 1.522   -7.380  -6.157  1.00 34.77 ? 62  THR B OG1   1 
ATOM   1232 C CG2   . THR D 2 55 ? 3.498   -6.223  -5.483  1.00 35.07 ? 62  THR B CG2   1 
ATOM   1233 N N     . ILE D 2 56 ? 3.052   -3.106  -6.720  1.00 32.78 ? 63  ILE B N     1 
ATOM   1234 C CA    . ILE D 2 56 ? 3.857   -2.066  -7.262  1.00 32.94 ? 63  ILE B CA    1 
ATOM   1235 C C     . ILE D 2 56 ? 5.061   -1.936  -6.357  1.00 32.71 ? 63  ILE B C     1 
ATOM   1236 O O     . ILE D 2 56 ? 4.899   -1.720  -5.182  1.00 32.14 ? 63  ILE B O     1 
ATOM   1237 C CB    . ILE D 2 56 ? 3.085   -0.732  -7.196  1.00 32.92 ? 63  ILE B CB    1 
ATOM   1238 C CG1   . ILE D 2 56 ? 1.680   -0.934  -7.810  1.00 33.02 ? 63  ILE B CG1   1 
ATOM   1239 C CG2   . ILE D 2 56 ? 3.903   0.417   -7.917  1.00 31.31 ? 63  ILE B CG2   1 
ATOM   1240 C CD1   . ILE D 2 56 ? 0.764   0.273   -7.595  1.00 32.71 ? 63  ILE B CD1   1 
ATOM   1241 N N     . THR D 2 57 ? 6.233   -1.940  -6.951  1.00 32.87 ? 64  THR B N     1 
ATOM   1242 C CA    . THR D 2 57 ? 7.446   -1.896  -6.174  1.00 33.08 ? 64  THR B CA    1 
ATOM   1243 C C     . THR D 2 57 ? 8.303   -0.765  -6.676  1.00 32.84 ? 64  THR B C     1 
ATOM   1244 O O     . THR D 2 57 ? 8.493   -0.616  -7.888  1.00 33.90 ? 64  THR B O     1 
ATOM   1245 C CB    . THR D 2 57 ? 8.215   -3.221  -6.306  1.00 33.05 ? 64  THR B CB    1 
ATOM   1246 O OG1   . THR D 2 57 ? 7.402   -4.286  -5.790  1.00 36.25 ? 64  THR B OG1   1 
ATOM   1247 C CG2   . THR D 2 57 ? 9.460   -3.208  -5.454  1.00 30.53 ? 64  THR B CG2   1 
ATOM   1248 N N     . GLY D 2 58 ? 8.864   -0.016  -5.743  1.00 31.35 ? 65  GLY B N     1 
ATOM   1249 C CA    . GLY D 2 58 ? 9.676   1.106   -6.049  1.00 31.53 ? 65  GLY B CA    1 
ATOM   1250 C C     . GLY D 2 58 ? 9.795   2.023   -4.853  1.00 32.66 ? 65  GLY B C     1 
ATOM   1251 O O     . GLY D 2 58 ? 9.463   1.663   -3.719  1.00 31.62 ? 65  GLY B O     1 
ATOM   1252 N N     . THR D 2 59 ? 10.290  3.222   -5.103  1.00 33.05 ? 66  THR B N     1 
ATOM   1253 C CA    . THR D 2 59 ? 10.337  4.226   -4.047  1.00 33.59 ? 66  THR B CA    1 
ATOM   1254 C C     . THR D 2 59 ? 8.904   4.677   -3.809  1.00 34.12 ? 66  THR B C     1 
ATOM   1255 O O     . THR D 2 59 ? 8.021   4.357   -4.622  1.00 33.46 ? 66  THR B O     1 
ATOM   1256 C CB    . THR D 2 59 ? 11.205  5.431   -4.430  1.00 33.24 ? 66  THR B CB    1 
ATOM   1257 O OG1   . THR D 2 59 ? 10.617  6.109   -5.545  1.00 33.59 ? 66  THR B OG1   1 
ATOM   1258 C CG2   . THR D 2 59 ? 12.619  4.998   -4.766  1.00 33.95 ? 66  THR B CG2   1 
ATOM   1259 N N     . GLN D 2 60 ? 8.661   5.388   -2.703  1.00 34.32 ? 67  GLN B N     1 
ATOM   1260 C CA    . GLN D 2 60 ? 7.299   5.849   -2.390  1.00 35.73 ? 67  GLN B CA    1 
ATOM   1261 C C     . GLN D 2 60 ? 6.765   6.659   -3.575  1.00 35.05 ? 67  GLN B C     1 
ATOM   1262 O O     . GLN D 2 60 ? 5.609   6.494   -4.004  1.00 34.90 ? 67  GLN B O     1 
ATOM   1263 C CB    . GLN D 2 60 ? 7.308   6.749   -1.130  1.00 35.75 ? 67  GLN B CB    1 
ATOM   1264 C CG    . GLN D 2 60 ? 5.906   7.289   -0.793  1.00 36.17 ? 67  GLN B CG    1 
ATOM   1265 C CD    . GLN D 2 60 ? 5.875   8.250   0.421   1.00 38.16 ? 67  GLN B CD    1 
ATOM   1266 O OE1   . GLN D 2 60 ? 6.896   8.850   0.809   1.00 41.47 ? 67  GLN B OE1   1 
ATOM   1267 N NE2   . GLN D 2 60 ? 4.693   8.400   1.012   1.00 40.49 ? 67  GLN B NE2   1 
ATOM   1268 N N     . ASP D 2 61 ? 7.623   7.531   -4.100  1.00 34.87 ? 68  ASP B N     1 
ATOM   1269 C CA    . ASP D 2 61 ? 7.250   8.392   -5.209  1.00 35.65 ? 68  ASP B CA    1 
ATOM   1270 C C     . ASP D 2 61 ? 6.977   7.589   -6.461  1.00 34.77 ? 68  ASP B C     1 
ATOM   1271 O O     . ASP D 2 61 ? 6.018   7.864   -7.163  1.00 33.62 ? 68  ASP B O     1 
ATOM   1272 C CB    . ASP D 2 61 ? 8.331   9.434   -5.481  1.00 36.24 ? 68  ASP B CB    1 
ATOM   1273 C CG    . ASP D 2 61 ? 8.442   10.478  -4.364  1.00 40.73 ? 68  ASP B CG    1 
ATOM   1274 O OD1   . ASP D 2 61 ? 7.411   10.803  -3.707  1.00 45.69 ? 68  ASP B OD1   1 
ATOM   1275 O OD2   . ASP D 2 61 ? 9.575   10.955  -4.131  1.00 44.06 ? 68  ASP B OD2   1 
ATOM   1276 N N     . GLN D 2 62 ? 7.814   6.601   -6.760  1.00 32.83 ? 69  GLN B N     1 
ATOM   1277 C CA    . GLN D 2 62 ? 7.526   5.747   -7.914  1.00 33.20 ? 69  GLN B CA    1 
ATOM   1278 C C     . GLN D 2 62 ? 6.223   5.001   -7.748  1.00 32.94 ? 69  GLN B C     1 
ATOM   1279 O O     . GLN D 2 62 ? 5.428   4.908   -8.673  1.00 32.68 ? 69  GLN B O     1 
ATOM   1280 C CB    . GLN D 2 62 ? 8.666   4.755   -8.175  1.00 32.57 ? 69  GLN B CB    1 
ATOM   1281 C CG    . GLN D 2 62 ? 9.890   5.388   -8.715  1.00 33.84 ? 69  GLN B CG    1 
ATOM   1282 C CD    . GLN D 2 62 ? 11.010  4.395   -8.788  1.00 37.89 ? 69  GLN B CD    1 
ATOM   1283 O OE1   . GLN D 2 62 ? 11.065  3.458   -7.983  1.00 32.51 ? 69  GLN B OE1   1 
ATOM   1284 N NE2   . GLN D 2 62 ? 11.952  4.613   -9.710  1.00 37.50 ? 69  GLN B NE2   1 
ATOM   1285 N N     . ILE D 2 63 ? 5.970   4.470   -6.564  1.00 32.55 ? 70  ILE B N     1 
ATOM   1286 C CA    . ILE D 2 63 ? 4.732   3.723   -6.344  1.00 32.45 ? 70  ILE B CA    1 
ATOM   1287 C C     . ILE D 2 63 ? 3.519   4.644   -6.449  1.00 31.98 ? 70  ILE B C     1 
ATOM   1288 O O     . ILE D 2 63 ? 2.521   4.289   -7.088  1.00 31.29 ? 70  ILE B O     1 
ATOM   1289 C CB    . ILE D 2 63 ? 4.724   3.085   -4.962  1.00 32.52 ? 70  ILE B CB    1 
ATOM   1290 C CG1   . ILE D 2 63 ? 5.700   1.924   -4.936  1.00 33.38 ? 70  ILE B CG1   1 
ATOM   1291 C CG2   . ILE D 2 63 ? 3.291   2.600   -4.574  1.00 35.50 ? 70  ILE B CG2   1 
ATOM   1292 C CD1   . ILE D 2 63 ? 5.851   1.367   -3.499  1.00 36.02 ? 70  ILE B CD1   1 
ATOM   1293 N N     . GLN D 2 64 ? 3.627   5.840   -5.895  1.00 32.92 ? 71  GLN B N     1 
ATOM   1294 C CA    . GLN D 2 64 ? 2.499   6.764   -5.894  1.00 33.42 ? 71  GLN B CA    1 
ATOM   1295 C C     . GLN D 2 64 ? 2.139   7.164   -7.310  1.00 34.07 ? 71  GLN B C     1 
ATOM   1296 O O     . GLN D 2 64 ? 0.943   7.229   -7.663  1.00 33.68 ? 71  GLN B O     1 
ATOM   1297 C CB    . GLN D 2 64 ? 2.817   7.997   -5.109  1.00 33.97 ? 71  GLN B CB    1 
ATOM   1298 C CG    . GLN D 2 64 ? 2.807   7.795   -3.612  1.00 39.30 ? 71  GLN B CG    1 
ATOM   1299 C CD    . GLN D 2 64 ? 3.256   9.047   -2.873  1.00 43.07 ? 71  GLN B CD    1 
ATOM   1300 O OE1   . GLN D 2 64 ? 3.856   9.958   -3.460  1.00 47.34 ? 71  GLN B OE1   1 
ATOM   1301 N NE2   . GLN D 2 64 ? 2.993   9.091   -1.575  1.00 46.99 ? 71  GLN B NE2   1 
ATOM   1302 N N     . ASN D 2 65 ? 3.172   7.465   -8.087  1.00 33.54 ? 72  ASN B N     1 
ATOM   1303 C CA    . ASN D 2 65 ? 2.996   7.826   -9.499  1.00 33.76 ? 72  ASN B CA    1 
ATOM   1304 C C     . ASN D 2 65 ? 2.352   6.656   -10.234 1.00 34.03 ? 72  ASN B C     1 
ATOM   1305 O O     . ASN D 2 65 ? 1.376   6.847   -10.944 1.00 34.78 ? 72  ASN B O     1 
ATOM   1306 C CB    . ASN D 2 65 ? 4.332   8.197   -10.134 1.00 34.55 ? 72  ASN B CB    1 
ATOM   1307 C CG    . ASN D 2 65 ? 4.201   8.546   -11.647 1.00 37.96 ? 72  ASN B CG    1 
ATOM   1308 O OD1   . ASN D 2 65 ? 5.033   8.120   -12.462 1.00 39.86 ? 72  ASN B OD1   1 
ATOM   1309 N ND2   . ASN D 2 65 ? 3.145   9.292   -12.012 1.00 35.19 ? 72  ASN B ND2   1 
ATOM   1310 N N     . ALA D 2 66 ? 2.891   5.458   -10.070 1.00 34.29 ? 73  ALA B N     1 
ATOM   1311 C CA    . ALA D 2 66 ? 2.297   4.274   -10.665 1.00 34.51 ? 73  ALA B CA    1 
ATOM   1312 C C     . ALA D 2 66 ? 0.876   4.106   -10.255 1.00 34.33 ? 73  ALA B C     1 
ATOM   1313 O O     . ALA D 2 66 ? 0.026   3.805   -11.109 1.00 34.99 ? 73  ALA B O     1 
ATOM   1314 C CB    . ALA D 2 66 ? 3.121   2.982   -10.339 1.00 34.44 ? 73  ALA B CB    1 
ATOM   1315 N N     . GLN D 2 67 ? 0.589   4.306   -8.969  1.00 35.04 ? 74  GLN B N     1 
ATOM   1316 C CA    . GLN D 2 67 ? -0.768  4.058   -8.457  1.00 37.34 ? 74  GLN B CA    1 
ATOM   1317 C C     . GLN D 2 67 ? -1.695  5.087   -9.129  1.00 35.91 ? 74  GLN B C     1 
ATOM   1318 O O     . GLN D 2 67 ? -2.806  4.791   -9.565  1.00 35.07 ? 74  GLN B O     1 
ATOM   1319 C CB    . GLN D 2 67 ? -0.815  4.324   -6.975  1.00 38.87 ? 74  GLN B CB    1 
ATOM   1320 C CG    . GLN D 2 67 ? -0.443  3.198   -6.094  1.00 45.01 ? 74  GLN B CG    1 
ATOM   1321 C CD    . GLN D 2 67 ? -0.735  3.555   -4.672  1.00 49.90 ? 74  GLN B CD    1 
ATOM   1322 O OE1   . GLN D 2 67 ? -1.785  3.186   -4.148  1.00 53.27 ? 74  GLN B OE1   1 
ATOM   1323 N NE2   . GLN D 2 67 ? 0.155   4.360   -4.052  1.00 52.11 ? 74  GLN B NE2   1 
ATOM   1324 N N     . TYR D 2 68 ? -1.171  6.278   -9.306  1.00 35.00 ? 75  TYR B N     1 
ATOM   1325 C CA    . TYR D 2 68 ? -1.988  7.308   -9.943  1.00 33.91 ? 75  TYR B CA    1 
ATOM   1326 C C     . TYR D 2 68 ? -2.283  6.932   -11.389 1.00 33.96 ? 75  TYR B C     1 
ATOM   1327 O O     . TYR D 2 68 ? -3.407  7.065   -11.860 1.00 35.61 ? 75  TYR B O     1 
ATOM   1328 C CB    . TYR D 2 68 ? -1.302  8.701   -9.877  1.00 34.05 ? 75  TYR B CB    1 
ATOM   1329 C CG    . TYR D 2 68 ? -1.976  9.636   -10.856 1.00 34.58 ? 75  TYR B CG    1 
ATOM   1330 C CD1   . TYR D 2 68 ? -3.201  10.203  -10.539 1.00 34.43 ? 75  TYR B CD1   1 
ATOM   1331 C CD2   . TYR D 2 68 ? -1.430  9.858   -12.133 1.00 35.81 ? 75  TYR B CD2   1 
ATOM   1332 C CE1   . TYR D 2 68 ? -3.860  11.016  -11.451 1.00 37.99 ? 75  TYR B CE1   1 
ATOM   1333 C CE2   . TYR D 2 68 ? -2.059  10.658  -13.037 1.00 33.64 ? 75  TYR B CE2   1 
ATOM   1334 C CZ    . TYR D 2 68 ? -3.281  11.229  -12.678 1.00 36.35 ? 75  TYR B CZ    1 
ATOM   1335 O OH    . TYR D 2 68 ? -3.968  12.016  -13.529 1.00 37.65 ? 75  TYR B OH    1 
ATOM   1336 N N     . LEU D 2 69 ? -1.252  6.544   -12.121 1.00 33.15 ? 76  LEU B N     1 
ATOM   1337 C CA    . LEU D 2 69 ? -1.393  6.265   -13.544 1.00 33.59 ? 76  LEU B CA    1 
ATOM   1338 C C     . LEU D 2 69 ? -2.290  5.075   -13.719 1.00 35.35 ? 76  LEU B C     1 
ATOM   1339 O O     . LEU D 2 69 ? -3.059  4.966   -14.661 1.00 34.30 ? 76  LEU B O     1 
ATOM   1340 C CB    . LEU D 2 69 ? -0.027  6.014   -14.161 1.00 32.73 ? 76  LEU B CB    1 
ATOM   1341 C CG    . LEU D 2 69 ? 0.913   7.235   -14.207 1.00 34.42 ? 76  LEU B CG    1 
ATOM   1342 C CD1   . LEU D 2 69 ? 2.345   6.845   -14.556 1.00 37.44 ? 76  LEU B CD1   1 
ATOM   1343 C CD2   . LEU D 2 69 ? 0.360   8.368   -15.153 1.00 34.82 ? 76  LEU B CD2   1 
ATOM   1344 N N     . LEU D 2 70 ? -2.186  4.130   -12.795 1.00 33.96 ? 77  LEU B N     1 
ATOM   1345 C CA    . LEU D 2 70 ? -2.970  2.937   -12.936 1.00 36.30 ? 77  LEU B CA    1 
ATOM   1346 C C     . LEU D 2 70 ? -4.423  3.246   -12.810 1.00 37.04 ? 77  LEU B C     1 
ATOM   1347 O O     . LEU D 2 70 ? -5.237  2.843   -13.659 1.00 39.05 ? 77  LEU B O     1 
ATOM   1348 C CB    . LEU D 2 70 ? -2.513  1.900   -11.884 1.00 35.61 ? 77  LEU B CB    1 
ATOM   1349 C CG    . LEU D 2 70 ? -1.262  1.112   -12.215 1.00 38.79 ? 77  LEU B CG    1 
ATOM   1350 C CD1   . LEU D 2 70 ? -0.741  0.489   -10.888 1.00 36.51 ? 77  LEU B CD1   1 
ATOM   1351 C CD2   . LEU D 2 70 ? -1.406  0.018   -13.320 1.00 38.68 ? 77  LEU B CD2   1 
ATOM   1352 N N     . GLN D 2 71 ? -4.796  4.004   -11.806 1.00 37.38 ? 78  GLN B N     1 
ATOM   1353 C CA    . GLN D 2 71 ? -6.182  4.221   -11.628 1.00 37.30 ? 78  GLN B CA    1 
ATOM   1354 C C     . GLN D 2 71 ? -6.711  5.186   -12.672 1.00 35.89 ? 78  GLN B C     1 
ATOM   1355 O O     . GLN D 2 71 ? -7.837  5.083   -13.077 1.00 36.73 ? 78  GLN B O     1 
ATOM   1356 C CB    . GLN D 2 71 ? -6.486  4.720   -10.247 1.00 38.17 ? 78  GLN B CB    1 
ATOM   1357 C CG    . GLN D 2 71 ? -5.810  5.973   -9.895  1.00 40.32 ? 78  GLN B CG    1 
ATOM   1358 C CD    . GLN D 2 71 ? -6.604  7.139   -10.364 1.00 44.30 ? 78  GLN B CD    1 
ATOM   1359 O OE1   . GLN D 2 71 ? -7.855  7.057   -10.472 1.00 45.65 ? 78  GLN B OE1   1 
ATOM   1360 N NE2   . GLN D 2 71 ? -5.917  8.262   -10.631 1.00 42.65 ? 78  GLN B NE2   1 
ATOM   1361 N N     . ASN D 2 72 ? -5.885  6.122   -13.075 1.00 34.06 ? 79  ASN B N     1 
ATOM   1362 C CA    . ASN D 2 72 ? -6.304  7.077   -14.092 1.00 33.70 ? 79  ASN B CA    1 
ATOM   1363 C C     . ASN D 2 72 ? -6.550  6.377   -15.418 1.00 33.21 ? 79  ASN B C     1 
ATOM   1364 O O     . ASN D 2 72 ? -7.245  6.850   -16.289 1.00 31.88 ? 79  ASN B O     1 
ATOM   1365 C CB    . ASN D 2 72 ? -5.158  8.052   -14.217 1.00 34.22 ? 79  ASN B CB    1 
ATOM   1366 C CG    . ASN D 2 72 ? -5.404  9.095   -15.261 1.00 34.33 ? 79  ASN B CG    1 
ATOM   1367 O OD1   . ASN D 2 72 ? -4.651  9.193   -16.170 1.00 34.10 ? 79  ASN B OD1   1 
ATOM   1368 N ND2   . ASN D 2 72 ? -6.469  9.848   -15.137 1.00 31.77 ? 79  ASN B ND2   1 
ATOM   1369 N N     . SER D 2 73 ? -5.931  5.234   -15.594 1.00 34.34 ? 80  SER B N     1 
ATOM   1370 C CA    . SER D 2 73 ? -6.093  4.452   -16.811 1.00 34.41 ? 80  SER B CA    1 
ATOM   1371 C C     . SER D 2 73 ? -7.530  4.061   -17.046 1.00 35.00 ? 80  SER B C     1 
ATOM   1372 O O     . SER D 2 73 ? -7.985  3.934   -18.190 1.00 34.49 ? 80  SER B O     1 
ATOM   1373 C CB    . SER D 2 73 ? -5.274  3.171   -16.680 1.00 35.83 ? 80  SER B CB    1 
ATOM   1374 O OG    . SER D 2 73 ? -3.957  3.502   -16.783 1.00 38.87 ? 80  SER B OG    1 
ATOM   1375 N N     . VAL D 2 74 ? -8.272  3.913   -15.945 1.00 33.09 ? 81  VAL B N     1 
ATOM   1376 C CA    . VAL D 2 74 ? -9.637  3.462   -15.989 1.00 34.15 ? 81  VAL B CA    1 
ATOM   1377 C C     . VAL D 2 74 ? -10.529 4.490   -16.684 1.00 32.26 ? 81  VAL B C     1 
ATOM   1378 O O     . VAL D 2 74 ? -11.645 4.208   -17.132 1.00 31.95 ? 81  VAL B O     1 
ATOM   1379 C CB    . VAL D 2 74 ? -10.120 3.161   -14.523 1.00 35.11 ? 81  VAL B CB    1 
ATOM   1380 C CG1   . VAL D 2 74 ? -11.570 2.693   -14.535 1.00 40.04 ? 81  VAL B CG1   1 
ATOM   1381 C CG2   . VAL D 2 74 ? -9.224  2.066   -13.940 1.00 37.93 ? 81  VAL B CG2   1 
ATOM   1382 N N     . LYS D 2 75 ? -10.044 5.721   -16.760 1.00 30.39 ? 82  LYS B N     1 
ATOM   1383 C CA    . LYS D 2 75 ? -10.731 6.702   -17.555 1.00 30.09 ? 82  LYS B CA    1 
ATOM   1384 C C     . LYS D 2 75 ? -10.965 6.219   -18.984 1.00 29.29 ? 82  LYS B C     1 
ATOM   1385 O O     . LYS D 2 75 ? -11.869 6.653   -19.645 1.00 30.50 ? 82  LYS B O     1 
ATOM   1386 C CB    . LYS D 2 75 ? -9.878  7.992   -17.553 1.00 29.80 ? 82  LYS B CB    1 
ATOM   1387 C CG    . LYS D 2 75 ? -9.985  8.810   -16.337 1.00 37.36 ? 82  LYS B CG    1 
ATOM   1388 C CD    . LYS D 2 75 ? -10.232 10.239  -16.833 1.00 42.17 ? 82  LYS B CD    1 
ATOM   1389 C CE    . LYS D 2 75 ? -9.340  11.233  -16.148 1.00 46.07 ? 82  LYS B CE    1 
ATOM   1390 N NZ    . LYS D 2 75 ? -9.391  12.541  -16.855 1.00 38.06 ? 82  LYS B NZ    1 
ATOM   1391 N N     . GLN D 2 76 ? -10.109 5.331   -19.461 1.00 29.27 ? 83  GLN B N     1 
ATOM   1392 C CA    . GLN D 2 76 ? -10.149 4.852   -20.819 1.00 31.28 ? 83  GLN B CA    1 
ATOM   1393 C C     . GLN D 2 76 ? -10.887 3.530   -20.917 1.00 31.16 ? 83  GLN B C     1 
ATOM   1394 O O     . GLN D 2 76 ? -10.869 2.858   -21.939 1.00 32.95 ? 83  GLN B O     1 
ATOM   1395 C CB    . GLN D 2 76 ? -8.740  4.714   -21.415 1.00 30.90 ? 83  GLN B CB    1 
ATOM   1396 C CG    . GLN D 2 76 ? -8.522  5.565   -22.592 1.00 34.86 ? 83  GLN B CG    1 
ATOM   1397 C CD    . GLN D 2 76 ? -7.090  5.507   -23.097 1.00 33.63 ? 83  GLN B CD    1 
ATOM   1398 O OE1   . GLN D 2 76 ? -6.200  5.390   -22.326 1.00 36.23 ? 83  GLN B OE1   1 
ATOM   1399 N NE2   . GLN D 2 76 ? -6.903  5.502   -24.377 1.00 39.17 ? 83  GLN B NE2   1 
ATOM   1400 N N     . TYR D 2 77 ? -11.540 3.149   -19.834 1.00 31.91 ? 84  TYR B N     1 
ATOM   1401 C CA    . TYR D 2 77 ? -12.286 1.880   -19.798 1.00 32.01 ? 84  TYR B CA    1 
ATOM   1402 C C     . TYR D 2 77 ? -13.325 1.951   -20.831 1.00 30.47 ? 84  TYR B C     1 
ATOM   1403 O O     . TYR D 2 77 ? -14.014 3.001   -21.024 1.00 29.87 ? 84  TYR B O     1 
ATOM   1404 C CB    . TYR D 2 77 ? -12.910 1.666   -18.397 1.00 32.62 ? 84  TYR B CB    1 
ATOM   1405 C CG    . TYR D 2 77 ? -13.803 0.449   -18.291 1.00 33.32 ? 84  TYR B CG    1 
ATOM   1406 C CD1   . TYR D 2 77 ? -13.341 -0.825  -18.627 1.00 31.76 ? 84  TYR B CD1   1 
ATOM   1407 C CD2   . TYR D 2 77 ? -15.071 0.577   -17.781 1.00 32.42 ? 84  TYR B CD2   1 
ATOM   1408 C CE1   . TYR D 2 77 ? -14.202 -1.955  -18.471 1.00 32.89 ? 84  TYR B CE1   1 
ATOM   1409 C CE2   . TYR D 2 77 ? -15.932 -0.493  -17.631 1.00 29.94 ? 84  TYR B CE2   1 
ATOM   1410 C CZ    . TYR D 2 77 ? -15.480 -1.773  -17.957 1.00 37.20 ? 84  TYR B CZ    1 
ATOM   1411 O OH    . TYR D 2 77 ? -16.356 -2.832  -17.826 1.00 37.78 ? 84  TYR B OH    1 
ATOM   1412 N N     . SER D 2 78 ? -13.474 0.842   -21.531 1.00 30.99 ? 85  SER B N     1 
ATOM   1413 C CA    . SER D 2 78 ? -14.347 0.831   -22.691 1.00 32.86 ? 85  SER B CA    1 
ATOM   1414 C C     . SER D 2 78 ? -15.773 0.519   -22.296 1.00 33.59 ? 85  SER B C     1 
ATOM   1415 O O     . SER D 2 78 ? -16.655 0.589   -23.139 1.00 35.31 ? 85  SER B O     1 
ATOM   1416 C CB    . SER D 2 78 ? -13.857 -0.226  -23.692 1.00 33.45 ? 85  SER B CB    1 
ATOM   1417 O OG    . SER D 2 78 ? -13.839 -1.499  -23.092 1.00 33.31 ? 85  SER B OG    1 
ATOM   1418 N N     . GLY D 2 79 ? -15.978 0.037   -21.073 1.00 33.52 ? 86  GLY B N     1 
ATOM   1419 C CA    . GLY D 2 79 ? -17.325 -0.362  -20.667 1.00 34.77 ? 86  GLY B CA    1 
ATOM   1420 C C     . GLY D 2 79 ? -18.037 0.680   -19.827 1.00 34.64 ? 86  GLY B C     1 
ATOM   1421 O O     . GLY D 2 79 ? -17.631 1.841   -19.766 1.00 35.46 ? 86  GLY B O     1 
ATOM   1422 N N     . LYS D 2 80 ? -19.094 0.242   -19.173 1.00 34.61 ? 87  LYS B N     1 
ATOM   1423 C CA    . LYS D 2 80 ? -19.896 1.125   -18.360 1.00 36.68 ? 87  LYS B CA    1 
ATOM   1424 C C     . LYS D 2 80 ? -19.366 1.083   -16.939 1.00 37.47 ? 87  LYS B C     1 
ATOM   1425 O O     . LYS D 2 80 ? -18.914 0.033   -16.444 1.00 37.34 ? 87  LYS B O     1 
ATOM   1426 C CB    . LYS D 2 80 ? -21.372 0.743   -18.470 1.00 36.47 ? 87  LYS B CB    1 
ATOM   1427 C CG    . LYS D 2 80 ? -21.954 1.143   -19.861 1.00 39.31 ? 87  LYS B CG    1 
ATOM   1428 C CD    . LYS D 2 80 ? -23.414 1.504   -19.771 1.00 41.11 ? 87  LYS B CD    1 
ATOM   1429 C CE    . LYS D 2 80 ? -24.136 1.281   -21.104 1.00 40.93 ? 87  LYS B CE    1 
ATOM   1430 N NZ    . LYS D 2 80 ? -25.637 1.354   -20.881 1.00 43.96 ? 87  LYS B NZ    1 
ATOM   1431 N N     . PHE D 2 81 ? -19.348 2.239   -16.285 1.00 38.63 ? 88  PHE B N     1 
ATOM   1432 C CA    . PHE D 2 81 ? -18.732 2.304   -14.962 1.00 39.90 ? 88  PHE B CA    1 
ATOM   1433 C C     . PHE D 2 81 ? -19.784 1.912   -13.945 1.00 40.33 ? 88  PHE B C     1 
ATOM   1434 O O     . PHE D 2 81 ? -19.471 1.545   -12.831 1.00 41.17 ? 88  PHE B O     1 
ATOM   1435 C CB    . PHE D 2 81 ? -18.193 3.701   -14.672 1.00 40.84 ? 88  PHE B CB    1 
ATOM   1436 C CG    . PHE D 2 81 ? -17.108 4.132   -15.610 1.00 43.05 ? 88  PHE B CG    1 
ATOM   1437 C CD1   . PHE D 2 81 ? -15.798 3.841   -15.334 1.00 46.65 ? 88  PHE B CD1   1 
ATOM   1438 C CD2   . PHE D 2 81 ? -17.412 4.818   -16.782 1.00 46.63 ? 88  PHE B CD2   1 
ATOM   1439 C CE1   . PHE D 2 81 ? -14.774 4.233   -16.215 1.00 46.38 ? 88  PHE B CE1   1 
ATOM   1440 C CE2   . PHE D 2 81 ? -16.388 5.215   -17.670 1.00 48.80 ? 88  PHE B CE2   1 
ATOM   1441 C CZ    . PHE D 2 81 ? -15.089 4.926   -17.379 1.00 43.76 ? 88  PHE B CZ    1 
ATOM   1442 N N     . PHE D 2 82 ? -21.034 1.999   -14.363 1.00 39.52 ? 89  PHE B N     1 
ATOM   1443 C CA    . PHE D 2 82 ? -22.160 1.505   -13.619 1.00 40.09 ? 89  PHE B CA    1 
ATOM   1444 C C     . PHE D 2 82 ? -23.280 1.254   -14.643 1.00 40.41 ? 89  PHE B C     1 
ATOM   1445 O O     . PHE D 2 82 ? -24.390 0.735   -14.344 1.00 42.71 ? 89  PHE B O     1 
ATOM   1446 C CB    . PHE D 2 82 ? -22.557 2.537   -12.551 1.00 39.61 ? 89  PHE B CB    1 
ATOM   1447 C CG    . PHE D 2 82 ? -22.958 3.879   -13.127 1.00 40.11 ? 89  PHE B CG    1 
ATOM   1448 C CD1   . PHE D 2 82 ? -24.290 4.190   -13.309 1.00 39.52 ? 89  PHE B CD1   1 
ATOM   1449 C CD2   . PHE D 2 82 ? -21.989 4.816   -13.505 1.00 38.46 ? 89  PHE B CD2   1 
ATOM   1450 C CE1   . PHE D 2 82 ? -24.677 5.436   -13.852 1.00 40.46 ? 89  PHE B CE1   1 
ATOM   1451 C CE2   . PHE D 2 82 ? -22.373 6.055   -14.059 1.00 41.06 ? 89  PHE B CE2   1 
ATOM   1452 C CZ    . PHE D 2 82 ? -23.700 6.358   -14.223 1.00 37.12 ? 89  PHE B CZ    1 
ATOM   1453 O OXT   . PHE D 2 82 ? -23.134 1.558   -15.844 1.00 40.07 ? 89  PHE B OXT   1 
HETATM 1454 O O     . HOH E 3 .  ? 8.306   -4.267  25.812  1.00 23.26 ? 7   HOH C O     1 
HETATM 1455 O O     . HOH E 3 .  ? 11.271  1.282   27.689  1.00 24.23 ? 8   HOH C O     1 
HETATM 1456 O O     . HOH E 3 .  ? 12.933  -4.668  18.712  1.00 29.65 ? 9   HOH C O     1 
HETATM 1457 O O     . HOH E 3 .  ? 13.277  -2.204  24.760  0.50 28.10 ? 10  HOH C O     1 
HETATM 1458 O O     . HOH E 3 .  ? 11.560  -6.994  19.702  1.00 27.16 ? 11  HOH C O     1 
HETATM 1459 O O     . HOH E 3 .  ? 11.740  -8.921  23.424  1.00 33.17 ? 12  HOH C O     1 
HETATM 1460 O O     . HOH E 3 .  ? 11.911  -6.699  14.786  1.00 38.88 ? 13  HOH C O     1 
HETATM 1461 O O     . HOH E 3 .  ? 13.305  -9.035  19.432  1.00 43.18 ? 14  HOH C O     1 
HETATM 1462 O O     . HOH E 3 .  ? 8.918   -9.445  21.233  1.00 33.04 ? 15  HOH C O     1 
HETATM 1463 O O     . HOH E 3 .  ? 3.327   7.606   22.577  1.00 36.31 ? 16  HOH C O     1 
HETATM 1464 O O     . HOH E 3 .  ? 10.736  7.172   25.181  1.00 38.78 ? 17  HOH C O     1 
HETATM 1465 O O     . HOH E 3 .  ? 11.634  -2.350  26.809  0.50 26.16 ? 18  HOH C O     1 
HETATM 1466 O O     . HOH E 3 .  ? 14.246  6.002   25.320  1.00 34.72 ? 19  HOH C O     1 
HETATM 1467 O O     . HOH E 3 .  ? 15.261  -6.417  17.713  1.00 40.62 ? 20  HOH C O     1 
HETATM 1468 O O     . HOH E 3 .  ? 7.124   -9.658  24.484  1.00 41.05 ? 21  HOH C O     1 
HETATM 1469 O O     . HOH E 3 .  ? 13.657  6.185   19.485  1.00 44.66 ? 22  HOH C O     1 
HETATM 1470 O O     . HOH E 3 .  ? 6.717   -12.143 20.289  1.00 39.52 ? 23  HOH C O     1 
HETATM 1471 O O     . HOH E 3 .  ? 2.142   -9.091  14.159  1.00 49.99 ? 24  HOH C O     1 
HETATM 1472 O O     . HOH E 3 .  ? 3.626   -12.634 23.808  1.00 46.52 ? 25  HOH C O     1 
HETATM 1473 O O     . HOH E 3 .  ? 1.252   -11.142 14.842  1.00 46.08 ? 26  HOH C O     1 
HETATM 1474 O O     . HOH E 3 .  ? 9.467   -10.546 24.836  1.00 49.62 ? 27  HOH C O     1 
HETATM 1475 O O     . HOH F 3 .  ? -8.728  1.274   -22.759 1.00 27.31 ? 7   HOH D O     1 
HETATM 1476 O O     . HOH F 3 .  ? -11.258 -5.997  -18.099 1.00 35.12 ? 28  HOH D O     1 
HETATM 1477 O O     . HOH F 3 .  ? -11.178 -10.622 -19.579 1.00 39.96 ? 55  HOH D O     1 
HETATM 1478 O O     . HOH F 3 .  ? 4.586   -15.501 -20.671 1.00 38.31 ? 69  HOH D O     1 
HETATM 1479 O O     . HOH F 3 .  ? 1.150   -12.743 -25.276 1.00 33.12 ? 83  HOH D O     1 
HETATM 1480 O O     . HOH F 3 .  ? 7.010   -16.307 -18.715 1.00 41.52 ? 85  HOH D O     1 
HETATM 1481 O O     . HOH F 3 .  ? -0.544  -13.344 -19.652 1.00 42.77 ? 87  HOH D O     1 
HETATM 1482 O O     . HOH F 3 .  ? -2.867  -9.414  -28.097 1.00 41.02 ? 90  HOH D O     1 
HETATM 1483 O O     . HOH F 3 .  ? 1.609   -14.912 -14.890 1.00 54.76 ? 103 HOH D O     1 
HETATM 1484 O O     . HOH F 3 .  ? 15.077  -11.380 -18.540 1.00 41.06 ? 125 HOH D O     1 
HETATM 1485 O O     . HOH G 3 .  ? 6.149   -5.396  14.096  1.00 25.90 ? 90  HOH A O     1 
HETATM 1486 O O     . HOH G 3 .  ? 0.154   -7.822  13.098  1.00 25.05 ? 91  HOH A O     1 
HETATM 1487 O O     . HOH G 3 .  ? -9.479  -5.188  -0.138  1.00 21.90 ? 92  HOH A O     1 
HETATM 1488 O O     . HOH G 3 .  ? 7.608   -4.460  7.798   1.00 35.56 ? 93  HOH A O     1 
HETATM 1489 O O     . HOH G 3 .  ? -11.746 -3.059  1.819   1.00 30.07 ? 94  HOH A O     1 
HETATM 1490 O O     . HOH G 3 .  ? -6.818  -1.527  -3.057  1.00 30.00 ? 95  HOH A O     1 
HETATM 1491 O O     . HOH G 3 .  ? 0.238   -8.024  18.275  1.00 32.32 ? 96  HOH A O     1 
HETATM 1492 O O     . HOH G 3 .  ? 1.734   -7.179  7.671   1.00 30.08 ? 97  HOH A O     1 
HETATM 1493 O O     . HOH G 3 .  ? 11.175  5.891   18.636  1.00 34.86 ? 98  HOH A O     1 
HETATM 1494 O O     . HOH G 3 .  ? -0.859  -11.491 11.166  1.00 31.89 ? 99  HOH A O     1 
HETATM 1495 O O     . HOH G 3 .  ? 1.000   -4.497  25.569  1.00 33.29 ? 100 HOH A O     1 
HETATM 1496 O O     . HOH G 3 .  ? -12.692 -9.519  2.586   1.00 30.91 ? 101 HOH A O     1 
HETATM 1497 O O     . HOH G 3 .  ? 14.843  0.810   6.690   1.00 43.47 ? 102 HOH A O     1 
HETATM 1498 O O     . HOH G 3 .  ? -12.734 -4.810  5.951   1.00 42.91 ? 103 HOH A O     1 
HETATM 1499 O O     . HOH G 3 .  ? 15.643  -0.145  15.517  1.00 46.63 ? 104 HOH A O     1 
HETATM 1500 O O     . HOH G 3 .  ? 13.975  9.502   12.716  1.00 40.58 ? 105 HOH A O     1 
HETATM 1501 O O     . HOH G 3 .  ? 9.669   -6.618  13.188  1.00 33.25 ? 106 HOH A O     1 
HETATM 1502 O O     . HOH G 3 .  ? -4.604  -7.533  13.228  1.00 32.39 ? 107 HOH A O     1 
HETATM 1503 O O     . HOH G 3 .  ? 10.490  9.909   24.005  1.00 38.18 ? 108 HOH A O     1 
HETATM 1504 O O     . HOH G 3 .  ? 10.196  7.192   6.503   1.00 44.06 ? 109 HOH A O     1 
HETATM 1505 O O     . HOH G 3 .  ? 13.140  -1.154  7.553   1.00 28.56 ? 110 HOH A O     1 
HETATM 1506 O O     . HOH G 3 .  ? 7.785   7.494   25.581  1.00 45.09 ? 111 HOH A O     1 
HETATM 1507 O O     . HOH G 3 .  ? -2.274  -8.884  14.314  1.00 36.70 ? 112 HOH A O     1 
HETATM 1508 O O     . HOH G 3 .  ? -10.598 -1.274  10.014  1.00 32.48 ? 113 HOH A O     1 
HETATM 1509 O O     . HOH G 3 .  ? 6.581   5.371   2.477   1.00 38.19 ? 114 HOH A O     1 
HETATM 1510 O O     . HOH G 3 .  ? 4.420   -6.387  25.762  1.00 40.42 ? 115 HOH A O     1 
HETATM 1511 O O     . HOH G 3 .  ? 9.128   5.962   1.836   1.00 38.22 ? 116 HOH A O     1 
HETATM 1512 O O     . HOH G 3 .  ? 3.075   3.612   25.648  1.00 39.08 ? 117 HOH A O     1 
HETATM 1513 O O     . HOH G 3 .  ? 3.548   -8.691  24.805  1.00 36.92 ? 118 HOH A O     1 
HETATM 1514 O O     . HOH G 3 .  ? 0.334   5.759   6.249   1.00 59.43 ? 119 HOH A O     1 
HETATM 1515 O O     . HOH G 3 .  ? 12.962  -3.831  6.375   1.00 41.18 ? 120 HOH A O     1 
HETATM 1516 O O     . HOH G 3 .  ? 12.930  8.872   19.471  1.00 46.43 ? 121 HOH A O     1 
HETATM 1517 O O     . HOH G 3 .  ? 13.068  3.346   16.137  1.00 35.22 ? 122 HOH A O     1 
HETATM 1518 O O     . HOH G 3 .  ? 12.034  9.289   21.728  1.00 49.62 ? 123 HOH A O     1 
HETATM 1519 O O     . HOH G 3 .  ? 0.925   4.415   23.864  1.00 44.10 ? 124 HOH A O     1 
HETATM 1520 O O     . HOH G 3 .  ? 14.965  1.138   3.995   1.00 44.57 ? 125 HOH A O     1 
HETATM 1521 O O     . HOH G 3 .  ? 11.449  11.280  25.634  1.00 54.18 ? 126 HOH A O     1 
HETATM 1522 O O     . HOH G 3 .  ? 13.672  12.933  23.749  1.00 39.08 ? 127 HOH A O     1 
HETATM 1523 O O     . HOH G 3 .  ? 12.263  12.328  11.538  1.00 42.95 ? 128 HOH A O     1 
HETATM 1524 O O     . HOH G 3 .  ? -8.663  -9.084  10.732  1.00 44.28 ? 129 HOH A O     1 
HETATM 1525 O O     . HOH G 3 .  ? 6.093   7.027   4.650   1.00 44.16 ? 130 HOH A O     1 
HETATM 1526 O O     . HOH G 3 .  ? 12.331  15.818  12.086  1.00 50.14 ? 131 HOH A O     1 
HETATM 1527 O O     . HOH G 3 .  ? 12.093  -4.151  15.921  1.00 34.09 ? 132 HOH A O     1 
HETATM 1528 O O     . HOH H 3 .  ? 6.867   -3.973  -14.176 1.00 29.72 ? 90  HOH B O     1 
HETATM 1529 O O     . HOH H 3 .  ? 0.330   -8.562  -8.129  1.00 30.28 ? 91  HOH B O     1 
HETATM 1530 O O     . HOH H 3 .  ? 1.689   -7.921  -14.668 1.00 28.21 ? 92  HOH B O     1 
HETATM 1531 O O     . HOH H 3 .  ? 4.944   -3.934  -20.251 1.00 31.24 ? 93  HOH B O     1 
HETATM 1532 O O     . HOH H 3 .  ? -14.652 -16.020 -10.035 1.00 34.32 ? 94  HOH B O     1 
HETATM 1533 O O     . HOH H 3 .  ? -3.521  -12.558 -7.023  1.00 34.31 ? 95  HOH B O     1 
HETATM 1534 O O     . HOH H 3 .  ? -10.872 -3.471  -6.363  1.00 27.77 ? 96  HOH B O     1 
HETATM 1535 O O     . HOH H 3 .  ? -6.309  1.812   -21.483 1.00 27.12 ? 97  HOH B O     1 
HETATM 1536 O O     . HOH H 3 .  ? 3.138   -4.523  -21.968 1.00 44.77 ? 98  HOH B O     1 
HETATM 1537 O O     . HOH H 3 .  ? -3.110  -12.843 -18.889 1.00 45.72 ? 99  HOH B O     1 
HETATM 1538 O O     . HOH H 3 .  ? -5.950  -0.245  -25.682 1.00 34.75 ? 100 HOH B O     1 
HETATM 1539 O O     . HOH H 3 .  ? 10.218  8.554   -2.812  1.00 38.69 ? 101 HOH B O     1 
HETATM 1540 O O     . HOH H 3 .  ? -5.422  -11.113 -8.475  1.00 32.87 ? 102 HOH B O     1 
HETATM 1541 O O     . HOH H 3 .  ? 10.522  5.399   -0.641  1.00 31.30 ? 103 HOH B O     1 
HETATM 1542 O O     . HOH H 3 .  ? 9.279   0.101   -14.662 1.00 38.76 ? 104 HOH B O     1 
HETATM 1543 O O     . HOH H 3 .  ? 5.745   -5.326  -8.248  1.00 31.69 ? 105 HOH B O     1 
HETATM 1544 O O     . HOH H 3 .  ? -9.812  -8.817  -15.880 1.00 36.58 ? 106 HOH B O     1 
HETATM 1545 O O     . HOH H 3 .  ? -14.195 -6.883  -4.061  1.00 37.01 ? 107 HOH B O     1 
HETATM 1546 O O     . HOH H 3 .  ? -12.093 -10.217 -4.338  1.00 34.81 ? 108 HOH B O     1 
HETATM 1547 O O     . HOH H 3 .  ? 7.538   -0.355  -20.085 1.00 38.14 ? 109 HOH B O     1 
HETATM 1548 O O     . HOH H 3 .  ? 2.970   1.784   -24.610 1.00 36.21 ? 110 HOH B O     1 
HETATM 1549 O O     . HOH H 3 .  ? -15.303 -5.118  -18.670 1.00 49.03 ? 111 HOH B O     1 
HETATM 1550 O O     . HOH H 3 .  ? -2.315  8.457   -16.960 1.00 39.35 ? 112 HOH B O     1 
HETATM 1551 O O     . HOH H 3 .  ? -18.539 -5.995  -17.220 1.00 53.45 ? 113 HOH B O     1 
HETATM 1552 O O     . HOH H 3 .  ? -15.807 -3.074  -22.590 1.00 38.86 ? 114 HOH B O     1 
HETATM 1553 O O     . HOH H 3 .  ? -3.701  2.757   -7.765  1.00 67.99 ? 115 HOH B O     1 
HETATM 1554 O O     . HOH H 3 .  ? -9.978  13.340  -14.526 1.00 40.82 ? 116 HOH B O     1 
HETATM 1555 O O     . HOH H 3 .  ? -12.379 -2.909  -24.894 1.00 41.22 ? 117 HOH B O     1 
HETATM 1556 O O     . HOH H 3 .  ? -15.146 -6.679  -11.695 1.00 44.55 ? 118 HOH B O     1 
HETATM 1557 O O     . HOH H 3 .  ? 12.014  7.903   -6.961  1.00 45.20 ? 119 HOH B O     1 
HETATM 1558 O O     . HOH H 3 .  ? -1.205  7.843   -5.947  1.00 34.05 ? 120 HOH B O     1 
HETATM 1559 O O     . HOH H 3 .  ? 4.841   10.413  -7.134  1.00 42.36 ? 121 HOH B O     1 
HETATM 1560 O O     . HOH H 3 .  ? 7.856   7.900   -11.025 1.00 41.18 ? 122 HOH B O     1 
HETATM 1561 O O     . HOH H 3 .  ? -4.874  1.183   -24.030 1.00 43.61 ? 123 HOH B O     1 
HETATM 1562 O O     . HOH H 3 .  ? -11.398 -10.988 -16.207 1.00 47.36 ? 124 HOH B O     1 
HETATM 1563 O O     . HOH H 3 .  ? -9.553  -3.682  -2.291  1.00 39.55 ? 125 HOH B O     1 
HETATM 1564 O O     . HOH H 3 .  ? -14.530 -5.266  -6.753  1.00 37.07 ? 126 HOH B O     1 
HETATM 1565 O O     . HOH H 3 .  ? -0.400  -11.100 -5.315  1.00 45.56 ? 127 HOH B O     1 
HETATM 1566 O O     . HOH H 3 .  ? 11.326  3.862   -16.091 1.00 47.43 ? 128 HOH B O     1 
HETATM 1567 O O     . HOH H 3 .  ? -7.919  9.116   -12.115 1.00 34.71 ? 129 HOH B O     1 
HETATM 1568 O O     . HOH H 3 .  ? -1.349  5.229   -22.351 1.00 39.42 ? 130 HOH B O     1 
HETATM 1569 O O     . HOH H 3 .  ? -19.811 -2.374  -19.571 1.00 43.52 ? 131 HOH B O     1 
HETATM 1570 O O     . HOH H 3 .  ? -8.375  3.279   -25.708 1.00 33.22 ? 132 HOH B O     1 
HETATM 1571 O O     . HOH H 3 .  ? -0.324  3.636   -23.729 1.00 45.00 ? 133 HOH B O     1 
HETATM 1572 O O     . HOH H 3 .  ? -10.141 -12.025 -10.205 1.00 33.63 ? 134 HOH B O     1 
HETATM 1573 O O     . HOH H 3 .  ? -13.364 5.495   -21.612 1.00 44.37 ? 135 HOH B O     1 
HETATM 1574 O O     . HOH H 3 .  ? -7.943  -19.621 -9.196  1.00 51.34 ? 136 HOH B O     1 
HETATM 1575 O O     . HOH H 3 .  ? 0.854   -11.426 -13.471 1.00 38.28 ? 137 HOH B O     1 
HETATM 1576 O O     . HOH H 3 .  ? 11.560  -0.247  -10.297 1.00 53.24 ? 138 HOH B O     1 
HETATM 1577 O O     . HOH H 3 .  ? 8.885   -2.540  -15.059 1.00 41.96 ? 139 HOH B O     1 
HETATM 1578 O O     . HOH H 3 .  ? -1.012  -13.975 -11.421 1.00 43.46 ? 140 HOH B O     1 
HETATM 1579 O O     . HOH H 3 .  ? -18.027 -2.638  -15.612 1.00 49.63 ? 141 HOH B O     1 
HETATM 1580 O O     . HOH H 3 .  ? -8.582  -0.252  -4.910  1.00 40.89 ? 142 HOH B O     1 
HETATM 1581 O O     . HOH H 3 .  ? -12.534 -1.571  -5.887  1.00 42.10 ? 143 HOH B O     1 
HETATM 1582 O O     . HOH H 3 .  ? 3.569   -12.092 -12.226 1.00 50.90 ? 144 HOH B O     1 
HETATM 1583 O O     . HOH H 3 .  ? 7.116   -6.781  -10.576 1.00 46.39 ? 145 HOH B O     1 
HETATM 1584 O O     . HOH H 3 .  ? 9.319   1.214   -22.082 1.00 47.86 ? 146 HOH B O     1 
HETATM 1585 O O     . HOH H 3 .  ? -1.965  -4.037  -29.677 1.00 57.61 ? 147 HOH B O     1 
HETATM 1586 O O     . HOH H 3 .  ? -16.378 -13.626 -7.143  1.00 44.40 ? 148 HOH B O     1 
HETATM 1587 O O     . HOH H 3 .  ? 7.913   2.371   -23.779 1.00 48.27 ? 149 HOH B O     1 
HETATM 1588 O O     . HOH H 3 .  ? 6.875   -7.106  -13.372 1.00 45.17 ? 150 HOH B O     1 
HETATM 1589 O O     . HOH H 3 .  ? -16.419 -4.804  -8.851  1.00 55.03 ? 151 HOH B O     1 
# 
